data_7Y9X
#
_entry.id   7Y9X
#
_cell.length_a   1.00
_cell.length_b   1.00
_cell.length_c   1.00
_cell.angle_alpha   90.00
_cell.angle_beta   90.00
_cell.angle_gamma   90.00
#
_symmetry.space_group_name_H-M   'P 1'
#
loop_
_entity.id
_entity.type
_entity.pdbx_description
1 polymer 'CHAT domain-containing protein'
2 polymer 'CRISPR-associated RAMP family protein'
3 polymer crRNA
4 non-polymer 'ZINC ION'
#
loop_
_entity_poly.entity_id
_entity_poly.type
_entity_poly.pdbx_seq_one_letter_code
_entity_poly.pdbx_strand_id
1 'polypeptide(L)'
;MSNPIRDIQDRLKTAKFDNKDDMMNLASSLYKYEKQLMDSSEATLCQQGLSNRPNSFSQLSQFRDSDIQSKAGGQTGKFW
QNEYEACKNFQTHKERRETLEQIIRFLQNGAEEKDADDLLLKTLARAYFHRGLLYRPKGFSVPARKVEAMKKAIAYCEII
LDKNEEESEALRIWLYAAMELRRCGEEYPENFAEKLFYLANDGFISELYDIRLFLEYTEREEDNNFLDMILQENQDRERL
FELCLYKARACFHLNQLNDVRIYGESAIDNAPGAFADPFWDELVEFIRMLRNKKSELWKEIAIKAWDKCREKEMKVGNNI
YLSWYWARQRELYDLAFMAQDGIEKKTRIADSLKSRTTLRIQELNELRKDAHRKQNRRLEDKLDRIIEQENEARDGAYLR
RNPPCFTGGKREEIPFARLPQNWIAVHFYLNELESHEGGKGGHALIYDPQKAEKDQWQDKSFDYKELHRKFLEWQENYIL
NEEGSADFLVTLCREIEKAMPFLFKSEVIPEDRPVLWIPHGFLHRLPLHAAMKSGNNSNIEIFWERHASRYLPAWHLFDP
APYSREESSTLLKNFEEYDFQNLENGEIEVYAPSSPKKVKEAIRENPAILLLLCHGEADMTNPFRSCLKLKNKDMTIFDL
LTVEDVRLSGSRILLGACESDMVPPLEFSVDEHLSVSGAFLSHKAGEIVAGLWTVDSEKVDECYSYLVEEKDFLRNLQEW
QMAETENFRSENDSSLFYKIAPFRIIGFPAE
;
B
2 'polypeptide(L)'
;MTTTMKISIEFLEPFRMTKWQESTRRNKNNKEFVRGQAFARWHRNKKDNTKGRPYITGTLLRSAVIRSAENLLTLSDGKI
SEKTCCPGKFDTEDKDRLLQLRQRSTLRWTDKNPCPDNAETYCPFCELLGRSGNDGKKAEKKDWRFRIHFGNLSLPGKPD
FDGPKAIGSQRVLNRVDFKSGKAHDFFKAYEVDHTRFPRFEGEITIDNKVSAEARKLLCDSLKFTDRLCGALCVIRFDEY
TPAADSGKQTENVQAEPNANLAEKTAEQIISILDDNKKTEYTRLLADAIRSLRRSSKLVAGLPKDHDGKDDHYLWDIGKK
KKDENSVTIRQILTTSADTKELKNAGKWREFCEKLGEALYLKSKDMSGGLKITRRILGDAEFHGKPDRLEKSRSVSIGSV
LKETVVCGELVAKTPFFFGAIDEDAKQTALQVLLTPDNKYRLPRSAVRGILRRDLQTYFDSPCNAELGGRPCMCKTCRIM
RGITVMDARSEYNAPPEIRHRTRINPFTGTVAEGALFNMEVAPEGIVFPFQLRYRGSEDGLPDALKTVLKWWAEGQAFMS
GAASTGKGRFRMENAKYETLDLSDENQRNDYLKNWGWRDEKGLEELKKRLNSGLPEPGNYRDPKWHEINVSIEMASPFIN
GDPIRAAVDKRGTAVVTFVKYKAEGEEAKPVCAYKAESFRGVIRSAVARIHMEDGVPLTELTHSDCECLLCQIFGSEYEA
GKIRFEDLVFESDPEPVTFDHVAIDRFTGGAAAKKKFDDSPLPGSPARPLMLKGSFWIRRDVLEDEEYCKALGKALADVN
NGLYPLGGKSAIGYGQVKSLGIKGDDKRISRLMNPAFDETDVAVPEKPKTDAEVRIEAEKVYYPHYFVEPHKKVEREEKP
CGHQKFHEGRLTGKIRCKLITKTPLIVPDTSNDDFFRPADKEARKEKDEYHKSYAFFRLHKQIMIPGSELRGMVSSVYET
VTNSCFRIFDETKRLSWRMDADHQNVLQDFLPGRVTADGKHIQKFSETARVPFYDKTQKHFDILDEQEIAGEKPVRMWVK
RFIKRLSLVDPAKHPQKKQDNKWKRRKEGIATFIEQKNGSYYFNVVTNNGCTSFHLWHKPDNFDQEKLEGIQNGEKLDCW
VRDSRYQKAFQEIPENDPDGWECKEGYLHVVGPSKVEFSDKKGDVINNFQGTLPSVPNDWKTIRTNDFKNRKRKNEPVFC
CEDDKGNYYTMAKYCETFFFDLKENEEYEIPEKARIKYKELLRVYNNNPQAVPESVFQSRVARENVEKLKSGDLVYFKHN
EKYVEDIVPVRISRTVDDRMIGKRMSADLRPCHGDWVEDGDLSALNAYPEKRLLLRHPKGLCPACRLFGTGSYKGRVRFG
FASLENDPEWLIPGKNPGDPFHGGPVMLSLLERPRPTWSIPGSDNKFKVPGRKFYVHHHAWKTIKDGNHPTTGKAIEQSP
NNRTVEALAGGNSFSFEIAFENLKEWELGLLIHSLQLEKGLAHKLGMAKSMGFGSVEIDVESVRLRKDWKQWRNGNSEIP
NWLGKGFAKLKEWFRDELDFIENLKKLLWFPEGDQAPRVCYPMLRKKDDPNGNSGYEELKDGEFKKEDRQKKLTTPWTPW
ASSGLVPRGSHHHHHHH
;
A
3 'polyribonucleotide' UUGAUGUCACGGAACCUUUGUUGUCUUCGACAUGGGUA R
#
loop_
_chem_comp.id
_chem_comp.type
_chem_comp.name
_chem_comp.formula
A RNA linking ADENOSINE-5'-MONOPHOSPHATE 'C10 H14 N5 O7 P'
C RNA linking CYTIDINE-5'-MONOPHOSPHATE 'C9 H14 N3 O8 P'
G RNA linking GUANOSINE-5'-MONOPHOSPHATE 'C10 H14 N5 O8 P'
U RNA linking URIDINE-5'-MONOPHOSPHATE 'C9 H13 N2 O9 P'
ZN non-polymer 'ZINC ION' 'Zn 2'
#
# COMPACT_ATOMS: atom_id res chain seq x y z
N ASN A 3 5.91 20.54 20.86
CA ASN A 3 4.60 19.89 20.80
C ASN A 3 3.64 20.66 19.92
N PRO A 4 3.06 19.99 18.93
CA PRO A 4 1.98 20.62 18.16
C PRO A 4 0.78 20.99 19.02
N ILE A 5 0.48 20.18 20.04
CA ILE A 5 -0.63 20.47 20.94
C ILE A 5 -0.33 21.70 21.79
N ARG A 6 0.91 21.82 22.27
CA ARG A 6 1.29 22.99 23.04
C ARG A 6 1.24 24.26 22.19
N ASP A 7 1.57 24.15 20.90
CA ASP A 7 1.44 25.29 20.00
C ASP A 7 -0.01 25.73 19.87
N ILE A 8 -0.93 24.77 19.71
CA ILE A 8 -2.35 25.11 19.62
C ILE A 8 -2.83 25.77 20.91
N GLN A 9 -2.40 25.24 22.06
CA GLN A 9 -2.83 25.79 23.33
C GLN A 9 -2.36 27.23 23.51
N ASP A 10 -1.14 27.53 23.06
CA ASP A 10 -0.64 28.91 23.14
C ASP A 10 -1.40 29.83 22.19
N ARG A 11 -1.76 29.33 21.01
CA ARG A 11 -2.55 30.14 20.09
C ARG A 11 -3.93 30.45 20.66
N LEU A 12 -4.48 29.54 21.47
CA LEU A 12 -5.81 29.73 22.03
C LEU A 12 -5.80 30.77 23.16
N LYS A 13 -4.67 30.92 23.86
CA LYS A 13 -4.62 31.87 24.96
C LYS A 13 -4.80 33.31 24.47
N THR A 14 -4.12 33.67 23.38
CA THR A 14 -4.16 35.01 22.82
C THR A 14 -4.60 34.89 21.36
N ALA A 15 -5.92 34.92 21.14
CA ALA A 15 -6.48 34.82 19.81
C ALA A 15 -7.67 35.76 19.70
N LYS A 16 -7.60 36.70 18.77
CA LYS A 16 -8.71 37.59 18.46
C LYS A 16 -9.28 37.15 17.11
N PHE A 17 -10.56 36.81 17.10
CA PHE A 17 -11.16 36.22 15.90
C PHE A 17 -11.42 37.25 14.82
N ASP A 18 -11.64 38.52 15.20
CA ASP A 18 -11.69 39.58 14.20
C ASP A 18 -10.30 39.82 13.60
N ASN A 19 -9.25 39.67 14.41
CA ASN A 19 -7.90 39.82 13.92
C ASN A 19 -7.58 38.73 12.89
N LYS A 20 -6.76 39.08 11.90
CA LYS A 20 -6.35 38.13 10.89
C LYS A 20 -4.99 37.53 11.16
N ASP A 21 -4.12 38.25 11.87
CA ASP A 21 -2.81 37.71 12.23
C ASP A 21 -2.94 36.55 13.21
N ASP A 22 -3.81 36.69 14.22
CA ASP A 22 -4.01 35.61 15.17
C ASP A 22 -4.68 34.40 14.51
N MET A 23 -5.70 34.64 13.69
CA MET A 23 -6.41 33.52 13.06
C MET A 23 -5.53 32.77 12.06
N MET A 24 -4.49 33.44 11.53
CA MET A 24 -3.57 32.74 10.64
C MET A 24 -2.62 31.85 11.45
N ASN A 25 -2.19 32.33 12.61
CA ASN A 25 -1.33 31.52 13.48
C ASN A 25 -2.10 30.33 14.05
N LEU A 26 -3.35 30.54 14.45
CA LEU A 26 -4.15 29.45 15.00
C LEU A 26 -4.41 28.39 13.94
N ALA A 27 -4.73 28.79 12.71
CA ALA A 27 -4.90 27.83 11.63
C ALA A 27 -3.61 27.08 11.35
N SER A 28 -2.47 27.77 11.44
CA SER A 28 -1.18 27.11 11.23
C SER A 28 -0.94 26.02 12.26
N SER A 29 -1.24 26.31 13.53
CA SER A 29 -1.06 25.30 14.57
C SER A 29 -2.02 24.13 14.37
N LEU A 30 -3.25 24.42 13.94
CA LEU A 30 -4.19 23.34 13.66
C LEU A 30 -3.76 22.54 12.44
N TYR A 31 -3.33 23.20 11.37
CA TYR A 31 -2.90 22.49 10.18
C TYR A 31 -1.66 21.65 10.44
N LYS A 32 -0.71 22.19 11.21
CA LYS A 32 0.52 21.44 11.50
C LYS A 32 0.23 20.21 12.34
N TYR A 33 -0.69 20.32 13.30
CA TYR A 33 -0.99 19.19 14.17
C TYR A 33 -1.65 18.05 13.39
N GLU A 34 -2.56 18.39 12.47
CA GLU A 34 -3.22 17.37 11.67
C GLU A 34 -2.22 16.66 10.74
N LYS A 35 -1.31 17.43 10.14
CA LYS A 35 -0.35 16.84 9.20
C LYS A 35 0.59 15.87 9.90
N GLN A 36 1.05 16.22 11.10
CA GLN A 36 1.94 15.33 11.84
C GLN A 36 1.22 14.07 12.28
N LEU A 37 -0.11 14.11 12.34
CA LEU A 37 -0.87 12.92 12.69
C LEU A 37 -0.93 11.94 11.51
N MET A 38 -1.08 12.47 10.30
CA MET A 38 -1.18 11.59 9.13
C MET A 38 0.12 10.84 8.91
N ASP A 39 1.25 11.52 9.03
CA ASP A 39 2.54 10.87 9.09
C ASP A 39 2.66 10.15 10.42
N SER A 40 3.14 8.91 10.41
CA SER A 40 3.28 8.20 11.67
C SER A 40 4.57 8.64 12.37
N SER A 41 4.69 9.95 12.61
CA SER A 41 5.90 10.51 13.19
C SER A 41 5.89 10.35 14.71
N GLU A 42 7.03 10.65 15.33
CA GLU A 42 7.16 10.48 16.77
C GLU A 42 6.35 11.50 17.55
N ALA A 43 5.85 12.55 16.88
CA ALA A 43 4.96 13.49 17.54
C ALA A 43 3.60 12.88 17.86
N THR A 44 3.22 11.80 17.18
CA THR A 44 1.99 11.11 17.49
C THR A 44 2.03 10.43 18.86
N LEU A 45 3.20 10.33 19.48
CA LEU A 45 3.31 9.80 20.84
C LEU A 45 2.85 10.80 21.89
N CYS A 46 2.56 12.04 21.52
CA CYS A 46 1.99 12.99 22.48
C CYS A 46 0.52 12.63 22.71
N GLN A 47 0.21 12.20 23.93
CA GLN A 47 -1.12 11.71 24.28
C GLN A 47 -1.89 12.69 25.16
N GLN A 48 -1.35 13.89 25.40
CA GLN A 48 -2.01 14.86 26.25
C GLN A 48 -3.08 15.62 25.48
N GLY A 49 -3.91 16.38 26.20
CA GLY A 49 -4.94 17.17 25.58
C GLY A 49 -4.86 18.65 25.89
N LEU A 50 -5.89 19.39 25.51
CA LEU A 50 -5.95 20.83 25.73
C LEU A 50 -6.48 21.14 27.13
N SER A 51 -5.84 22.10 27.79
CA SER A 51 -6.31 22.56 29.09
C SER A 51 -7.43 23.57 28.92
N ASN A 52 -8.18 23.79 30.01
CA ASN A 52 -9.32 24.71 30.05
C ASN A 52 -10.34 24.34 28.98
N ARG A 53 -10.94 23.17 29.18
CA ARG A 53 -11.81 22.57 28.16
C ARG A 53 -13.00 23.43 27.79
N PRO A 54 -13.76 24.02 28.73
CA PRO A 54 -14.90 24.85 28.29
C PRO A 54 -14.49 26.04 27.43
N ASN A 55 -13.37 26.69 27.77
CA ASN A 55 -12.91 27.82 26.97
C ASN A 55 -12.24 27.36 25.68
N SER A 56 -11.48 26.27 25.74
CA SER A 56 -10.87 25.73 24.52
C SER A 56 -11.92 25.27 23.53
N PHE A 57 -13.01 24.67 24.03
CA PHE A 57 -14.08 24.22 23.14
C PHE A 57 -14.77 25.39 22.46
N SER A 58 -15.01 26.48 23.20
CA SER A 58 -15.70 27.63 22.62
C SER A 58 -14.85 28.30 21.55
N GLN A 59 -13.56 28.50 21.84
CA GLN A 59 -12.67 29.11 20.87
C GLN A 59 -12.55 28.26 19.62
N LEU A 60 -12.42 26.95 19.78
CA LEU A 60 -12.32 26.06 18.63
C LEU A 60 -13.63 26.03 17.83
N SER A 61 -14.76 26.12 18.53
CA SER A 61 -16.04 26.14 17.84
C SER A 61 -16.26 27.41 17.06
N GLN A 62 -15.83 28.57 17.59
CA GLN A 62 -15.94 29.81 16.86
C GLN A 62 -15.03 29.82 15.63
N PHE A 63 -13.83 29.26 15.75
CA PHE A 63 -12.91 29.22 14.62
C PHE A 63 -13.49 28.43 13.46
N ARG A 64 -14.14 27.30 13.76
CA ARG A 64 -14.68 26.47 12.70
C ARG A 64 -15.86 27.14 12.01
N ASP A 65 -16.64 27.93 12.75
CA ASP A 65 -17.70 28.72 12.11
C ASP A 65 -17.12 29.91 11.36
N SER A 66 -16.11 30.58 11.94
CA SER A 66 -15.49 31.70 11.26
C SER A 66 -14.81 31.28 9.96
N ASP A 67 -14.17 30.11 9.98
CA ASP A 67 -13.48 29.60 8.80
C ASP A 67 -14.47 29.25 7.69
N GLN A 75 -6.10 30.42 6.19
CA GLN A 75 -5.83 30.12 4.79
C GLN A 75 -4.95 28.90 4.61
N THR A 76 -5.33 28.07 3.63
CA THR A 76 -4.54 26.89 3.30
C THR A 76 -3.28 27.26 2.53
N GLY A 77 -3.36 28.31 1.71
CA GLY A 77 -2.22 28.67 0.88
C GLY A 77 -1.02 29.12 1.67
N LYS A 78 -1.22 29.93 2.71
CA LYS A 78 -0.10 30.51 3.44
C LYS A 78 0.63 29.47 4.27
N PHE A 79 -0.10 28.52 4.86
CA PHE A 79 0.56 27.46 5.62
C PHE A 79 1.44 26.60 4.72
N TRP A 80 0.92 26.23 3.55
CA TRP A 80 1.67 25.35 2.65
C TRP A 80 2.79 26.10 1.93
N GLN A 81 2.63 27.41 1.74
CA GLN A 81 3.71 28.20 1.16
C GLN A 81 4.96 28.16 2.03
N ASN A 82 4.78 28.22 3.34
CA ASN A 82 5.93 28.14 4.24
C ASN A 82 6.51 26.73 4.27
N GLU A 83 5.68 25.72 4.02
CA GLU A 83 6.19 24.36 3.92
C GLU A 83 7.05 24.18 2.67
N TYR A 84 6.72 24.86 1.58
CA TYR A 84 7.56 24.80 0.39
C TYR A 84 8.87 25.53 0.59
N GLU A 85 8.83 26.69 1.26
CA GLU A 85 10.08 27.43 1.48
C GLU A 85 11.03 26.65 2.37
N ALA A 86 10.52 25.69 3.14
CA ALA A 86 11.39 24.80 3.89
C ALA A 86 12.06 23.79 2.97
N CYS A 87 11.40 23.40 1.87
CA CYS A 87 11.99 22.46 0.93
C CYS A 87 13.22 23.05 0.26
N LYS A 88 13.14 24.31 -0.16
CA LYS A 88 14.23 24.92 -0.94
C LYS A 88 15.52 25.00 -0.14
N ASN A 89 15.46 24.84 1.18
CA ASN A 89 16.64 24.93 2.03
C ASN A 89 17.24 23.58 2.38
N PHE A 90 16.58 22.47 2.07
CA PHE A 90 17.16 21.17 2.33
C PHE A 90 18.35 20.94 1.40
N GLN A 91 19.46 20.48 1.97
CA GLN A 91 20.68 20.31 1.18
C GLN A 91 20.54 19.20 0.15
N THR A 92 20.09 18.03 0.59
CA THR A 92 20.07 16.84 -0.27
C THR A 92 18.85 16.85 -1.18
N HIS A 93 19.03 16.27 -2.37
CA HIS A 93 17.91 16.10 -3.29
C HIS A 93 16.91 15.08 -2.77
N LYS A 94 17.38 14.10 -1.99
CA LYS A 94 16.46 13.14 -1.37
C LYS A 94 15.53 13.83 -0.39
N GLU A 95 16.05 14.76 0.40
CA GLU A 95 15.21 15.51 1.33
C GLU A 95 14.18 16.35 0.59
N ARG A 96 14.60 17.04 -0.47
CA ARG A 96 13.69 17.88 -1.23
C ARG A 96 12.65 17.06 -1.98
N ARG A 97 13.06 15.92 -2.54
CA ARG A 97 12.14 15.11 -3.32
C ARG A 97 11.03 14.53 -2.45
N GLU A 98 11.36 14.13 -1.23
CA GLU A 98 10.34 13.59 -0.33
C GLU A 98 9.34 14.66 0.09
N THR A 99 9.82 15.85 0.46
CA THR A 99 8.93 16.88 0.95
C THR A 99 8.04 17.43 -0.16
N LEU A 100 8.57 17.49 -1.38
CA LEU A 100 7.73 17.85 -2.53
C LEU A 100 6.64 16.82 -2.76
N GLU A 101 6.90 15.56 -2.40
CA GLU A 101 5.89 14.52 -2.50
C GLU A 101 4.71 14.81 -1.57
N GLN A 102 4.99 15.26 -0.35
CA GLN A 102 3.93 15.51 0.62
C GLN A 102 3.13 16.75 0.26
N ILE A 103 3.80 17.79 -0.23
CA ILE A 103 3.09 19.01 -0.60
C ILE A 103 2.12 18.76 -1.74
N ILE A 104 2.54 17.99 -2.75
CA ILE A 104 1.69 17.76 -3.90
C ILE A 104 0.41 17.03 -3.50
N ARG A 105 0.53 16.02 -2.64
CA ARG A 105 -0.62 15.19 -2.31
C ARG A 105 -1.59 15.93 -1.39
N PHE A 106 -1.10 16.83 -0.55
CA PHE A 106 -1.97 17.58 0.34
C PHE A 106 -2.72 18.69 -0.38
N LEU A 107 -2.08 19.34 -1.36
CA LEU A 107 -2.70 20.45 -2.07
C LEU A 107 -3.53 20.02 -3.28
N GLN A 108 -3.61 18.73 -3.56
CA GLN A 108 -4.40 18.29 -4.71
C GLN A 108 -5.88 18.55 -4.49
N ASN A 109 -6.35 18.44 -3.24
CA ASN A 109 -7.77 18.65 -2.96
C ASN A 109 -8.17 20.09 -3.23
N GLY A 110 -7.36 21.05 -2.79
CA GLY A 110 -7.70 22.45 -2.99
C GLY A 110 -7.73 22.86 -4.45
N ALA A 111 -6.87 22.23 -5.25
CA ALA A 111 -6.84 22.56 -6.68
C ALA A 111 -8.14 22.18 -7.38
N GLU A 112 -8.78 21.09 -6.95
CA GLU A 112 -10.03 20.67 -7.55
C GLU A 112 -11.16 21.66 -7.27
N GLU A 113 -11.13 22.31 -6.11
CA GLU A 113 -12.20 23.21 -5.72
C GLU A 113 -12.32 24.37 -6.70
N LYS A 114 -13.56 24.79 -6.96
CA LYS A 114 -13.78 25.94 -7.83
C LYS A 114 -13.25 27.23 -7.21
N ASP A 115 -13.51 27.44 -5.93
CA ASP A 115 -13.05 28.64 -5.23
C ASP A 115 -11.67 28.37 -4.62
N ALA A 116 -10.69 28.27 -5.50
CA ALA A 116 -9.33 27.92 -5.12
C ALA A 116 -8.47 29.18 -5.09
N ASP A 117 -7.80 29.41 -3.96
CA ASP A 117 -6.93 30.56 -3.81
C ASP A 117 -5.76 30.47 -4.77
N ASP A 118 -5.34 31.62 -5.31
CA ASP A 118 -4.20 31.63 -6.22
C ASP A 118 -2.90 31.27 -5.49
N LEU A 119 -2.82 31.57 -4.19
CA LEU A 119 -1.64 31.17 -3.43
C LEU A 119 -1.56 29.66 -3.31
N LEU A 120 -2.70 29.00 -3.18
CA LEU A 120 -2.72 27.53 -3.18
C LEU A 120 -2.30 26.99 -4.54
N LEU A 121 -2.75 27.63 -5.62
CA LEU A 121 -2.43 27.16 -6.96
C LEU A 121 -0.98 27.47 -7.33
N LYS A 122 -0.47 28.63 -6.90
CA LYS A 122 0.94 28.94 -7.15
C LYS A 122 1.87 27.97 -6.44
N THR A 123 1.53 27.60 -5.20
CA THR A 123 2.37 26.69 -4.43
C THR A 123 2.37 25.29 -5.05
N LEU A 124 1.22 24.84 -5.54
CA LEU A 124 1.13 23.49 -6.10
C LEU A 124 1.82 23.42 -7.46
N ALA A 125 1.64 24.44 -8.30
CA ALA A 125 2.33 24.47 -9.58
C ALA A 125 3.84 24.54 -9.41
N ARG A 126 4.30 25.31 -8.43
CA ARG A 126 5.72 25.41 -8.16
C ARG A 126 6.26 24.10 -7.59
N ALA A 127 5.43 23.37 -6.83
CA ALA A 127 5.86 22.08 -6.30
C ALA A 127 5.93 21.02 -7.39
N TYR A 128 5.03 21.10 -8.38
CA TYR A 128 5.11 20.19 -9.53
C TYR A 128 6.34 20.48 -10.37
N PHE A 129 6.65 21.76 -10.59
CA PHE A 129 7.83 22.11 -11.38
C PHE A 129 9.11 21.62 -10.70
N HIS A 130 9.21 21.80 -9.38
CA HIS A 130 10.42 21.41 -8.67
C HIS A 130 10.56 19.90 -8.60
N ARG A 131 9.44 19.18 -8.44
CA ARG A 131 9.46 17.73 -8.48
C ARG A 131 9.82 17.22 -9.87
N GLY A 132 9.37 17.92 -10.91
CA GLY A 132 9.76 17.56 -12.26
C GLY A 132 11.25 17.66 -12.52
N LEU A 133 11.92 18.64 -11.88
CA LEU A 133 13.37 18.76 -12.02
C LEU A 133 14.11 17.63 -11.34
N LEU A 134 13.50 16.96 -10.38
CA LEU A 134 14.16 15.95 -9.57
C LEU A 134 13.93 14.53 -10.05
N TYR A 135 13.22 14.35 -11.16
CA TYR A 135 12.97 13.01 -11.68
C TYR A 135 14.25 12.44 -12.27
N ARG A 136 14.71 11.33 -11.71
CA ARG A 136 15.95 10.69 -12.14
C ARG A 136 15.67 9.75 -13.31
N PRO A 137 16.40 9.87 -14.41
CA PRO A 137 16.16 8.99 -15.57
C PRO A 137 16.51 7.54 -15.25
N LYS A 138 15.78 6.63 -15.90
CA LYS A 138 16.04 5.20 -15.80
C LYS A 138 15.96 4.55 -17.18
N GLY A 139 16.64 5.13 -18.15
CA GLY A 139 16.65 4.60 -19.50
C GLY A 139 17.20 5.62 -20.46
N PHE A 140 17.05 5.31 -21.75
CA PHE A 140 17.45 6.26 -22.78
C PHE A 140 16.45 7.39 -22.92
N SER A 141 15.18 7.10 -22.69
CA SER A 141 14.14 8.10 -22.88
C SER A 141 14.16 9.14 -21.76
N VAL A 142 13.65 10.33 -22.08
CA VAL A 142 13.33 11.31 -21.04
C VAL A 142 12.26 10.72 -20.14
N PRO A 143 12.31 10.92 -18.82
CA PRO A 143 11.25 10.37 -17.96
C PRO A 143 9.88 10.88 -18.39
N ALA A 144 8.93 9.96 -18.51
CA ALA A 144 7.58 10.37 -18.83
C ALA A 144 6.93 11.11 -17.68
N ARG A 145 7.40 10.86 -16.45
CA ARG A 145 6.88 11.59 -15.30
C ARG A 145 7.34 13.04 -15.28
N LYS A 146 8.58 13.29 -15.72
CA LYS A 146 9.06 14.67 -15.76
C LYS A 146 8.23 15.51 -16.73
N VAL A 147 7.88 14.94 -17.88
CA VAL A 147 7.06 15.67 -18.83
C VAL A 147 5.67 15.93 -18.25
N GLU A 148 5.11 14.94 -17.56
CA GLU A 148 3.79 15.11 -16.95
C GLU A 148 3.82 16.16 -15.84
N ALA A 149 4.90 16.17 -15.04
CA ALA A 149 5.00 17.16 -13.97
C ALA A 149 5.09 18.58 -14.54
N MET A 150 5.84 18.78 -15.61
CA MET A 150 5.96 20.11 -16.21
C MET A 150 4.65 20.52 -16.88
N LYS A 151 3.88 19.55 -17.37
CA LYS A 151 2.58 19.89 -17.97
C LYS A 151 1.54 20.20 -16.91
N LYS A 152 1.58 19.49 -15.77
CA LYS A 152 0.66 19.81 -14.68
C LYS A 152 0.92 21.20 -14.12
N ALA A 153 2.19 21.57 -13.97
CA ALA A 153 2.51 22.91 -13.49
C ALA A 153 1.97 23.98 -14.45
N ILE A 154 2.04 23.71 -15.75
CA ILE A 154 1.47 24.63 -16.73
C ILE A 154 -0.03 24.75 -16.56
N ALA A 155 -0.71 23.62 -16.35
CA ALA A 155 -2.16 23.63 -16.23
C ALA A 155 -2.62 24.44 -15.01
N TYR A 156 -1.94 24.28 -13.88
CA TYR A 156 -2.30 25.05 -12.69
C TYR A 156 -2.06 26.55 -12.91
N CYS A 157 -0.93 26.91 -13.52
CA CYS A 157 -0.65 28.32 -13.78
C CYS A 157 -1.67 28.91 -14.76
N GLU A 158 -2.13 28.10 -15.73
CA GLU A 158 -3.11 28.59 -16.69
C GLU A 158 -4.45 28.88 -16.03
N ILE A 159 -4.76 28.19 -14.91
CA ILE A 159 -5.95 28.55 -14.14
C ILE A 159 -5.81 29.97 -13.61
N ILE A 160 -4.64 30.31 -13.08
CA ILE A 160 -4.41 31.66 -12.59
C ILE A 160 -4.32 32.65 -13.74
N LEU A 161 -3.65 32.26 -14.84
CA LEU A 161 -3.42 33.20 -15.93
C LEU A 161 -4.71 33.55 -16.67
N ASP A 162 -5.70 32.66 -16.68
CA ASP A 162 -6.97 33.00 -17.30
C ASP A 162 -7.66 34.13 -16.56
N LYS A 163 -7.61 34.12 -15.23
CA LYS A 163 -8.20 35.22 -14.46
C LYS A 163 -7.40 36.50 -14.63
N ASN A 164 -6.07 36.41 -14.51
CA ASN A 164 -5.18 37.56 -14.68
C ASN A 164 -4.10 37.16 -15.67
N GLU A 165 -4.13 37.74 -16.87
CA GLU A 165 -3.21 37.37 -17.93
C GLU A 165 -1.79 37.85 -17.67
N GLU A 166 -1.57 38.68 -16.66
CA GLU A 166 -0.25 39.23 -16.36
C GLU A 166 0.08 39.07 -14.89
N GLU A 167 -0.14 37.87 -14.36
CA GLU A 167 0.28 37.55 -13.00
C GLU A 167 1.78 37.26 -13.00
N SER A 168 2.52 38.00 -12.17
CA SER A 168 3.98 37.99 -12.25
C SER A 168 4.55 36.62 -11.95
N GLU A 169 4.18 36.03 -10.82
CA GLU A 169 4.74 34.74 -10.44
C GLU A 169 4.20 33.61 -11.30
N ALA A 170 2.91 33.66 -11.63
CA ALA A 170 2.32 32.59 -12.43
C ALA A 170 2.95 32.52 -13.82
N LEU A 171 3.27 33.69 -14.39
CA LEU A 171 3.97 33.70 -15.68
C LEU A 171 5.34 33.05 -15.56
N ARG A 172 6.07 33.35 -14.49
CA ARG A 172 7.42 32.82 -14.34
C ARG A 172 7.40 31.29 -14.20
N ILE A 173 6.46 30.76 -13.41
CA ILE A 173 6.35 29.31 -13.27
C ILE A 173 5.91 28.67 -14.59
N TRP A 174 5.03 29.34 -15.33
CA TRP A 174 4.63 28.84 -16.64
C TRP A 174 5.82 28.82 -17.59
N LEU A 175 6.66 29.85 -17.55
CA LEU A 175 7.81 29.92 -18.45
C LEU A 175 8.93 28.99 -18.00
N TYR A 176 9.08 28.77 -16.70
CA TYR A 176 10.07 27.81 -16.22
C TYR A 176 9.79 26.42 -16.73
N ALA A 177 8.52 26.00 -16.65
CA ALA A 177 8.15 24.65 -17.08
C ALA A 177 8.20 24.51 -18.59
N ALA A 178 7.88 25.59 -19.32
CA ALA A 178 7.95 25.54 -20.78
C ALA A 178 9.37 25.36 -21.26
N MET A 179 10.33 26.02 -20.61
CA MET A 179 11.73 25.86 -20.99
C MET A 179 12.21 24.44 -20.73
N GLU A 180 11.80 23.84 -19.62
CA GLU A 180 12.23 22.47 -19.31
C GLU A 180 11.57 21.45 -20.23
N LEU A 181 10.39 21.75 -20.77
CA LEU A 181 9.81 20.89 -21.81
C LEU A 181 10.68 20.90 -23.06
N ARG A 182 11.20 22.07 -23.43
CA ARG A 182 12.14 22.15 -24.55
C ARG A 182 13.42 21.36 -24.25
N ARG A 183 13.93 21.47 -23.04
CA ARG A 183 15.14 20.72 -22.67
C ARG A 183 14.91 19.22 -22.71
N CYS A 184 13.67 18.76 -22.59
CA CYS A 184 13.33 17.34 -22.62
C CYS A 184 12.98 16.86 -24.02
N GLY A 185 13.20 17.66 -25.05
CA GLY A 185 12.90 17.28 -26.41
C GLY A 185 11.48 17.55 -26.86
N GLU A 186 10.61 18.01 -25.96
CA GLU A 186 9.26 18.41 -26.32
C GLU A 186 9.29 19.79 -26.93
N GLU A 187 8.29 20.08 -27.76
CA GLU A 187 8.18 21.43 -28.30
C GLU A 187 7.65 22.39 -27.25
N TYR A 188 7.73 23.68 -27.57
CA TYR A 188 7.16 24.70 -26.71
C TYR A 188 5.63 24.61 -26.75
N PRO A 189 4.95 24.99 -25.67
CA PRO A 189 3.48 25.03 -25.70
C PRO A 189 2.97 26.07 -26.69
N GLU A 190 1.64 26.11 -26.83
CA GLU A 190 1.03 26.94 -27.87
C GLU A 190 1.28 28.43 -27.63
N ASN A 191 1.10 28.89 -26.39
CA ASN A 191 1.11 30.30 -26.07
C ASN A 191 2.46 30.76 -25.52
N PHE A 192 3.54 30.05 -25.85
CA PHE A 192 4.85 30.41 -25.32
C PHE A 192 5.27 31.80 -25.76
N ALA A 193 4.95 32.16 -27.02
CA ALA A 193 5.26 33.50 -27.50
C ALA A 193 4.47 34.57 -26.75
N GLU A 194 3.19 34.28 -26.45
CA GLU A 194 2.36 35.27 -25.78
C GLU A 194 2.72 35.41 -24.30
N LYS A 195 2.93 34.28 -23.61
CA LYS A 195 3.30 34.35 -22.20
C LYS A 195 4.64 35.04 -22.01
N LEU A 196 5.55 34.87 -22.97
CA LEU A 196 6.87 35.48 -22.88
C LEU A 196 6.79 36.99 -23.07
N PHE A 197 5.88 37.44 -23.92
CA PHE A 197 5.72 38.88 -24.14
C PHE A 197 5.23 39.58 -22.88
N TYR A 198 4.32 38.94 -22.15
CA TYR A 198 3.74 39.58 -20.97
C TYR A 198 4.77 39.81 -19.87
N LEU A 199 5.69 38.84 -19.67
CA LEU A 199 6.72 39.01 -18.65
C LEU A 199 7.65 40.17 -19.00
N ALA A 200 7.87 40.40 -20.29
CA ALA A 200 8.64 41.57 -20.71
C ALA A 200 7.94 42.86 -20.32
N ASN A 201 6.61 42.90 -20.46
CA ASN A 201 5.84 44.06 -20.04
C ASN A 201 5.92 44.27 -18.53
N ASP A 202 6.07 43.18 -17.76
CA ASP A 202 6.11 43.29 -16.31
C ASP A 202 7.33 44.06 -15.84
N GLY A 203 8.44 43.96 -16.58
CA GLY A 203 9.66 44.64 -16.19
C GLY A 203 10.87 43.74 -16.32
N PHE A 204 11.91 44.01 -15.54
CA PHE A 204 13.14 43.22 -15.56
C PHE A 204 13.45 42.73 -14.15
N ILE A 205 13.78 41.44 -14.05
CA ILE A 205 14.09 40.80 -12.77
C ILE A 205 15.57 40.48 -12.76
N SER A 206 16.26 40.91 -11.70
CA SER A 206 17.71 40.77 -11.61
C SER A 206 18.07 39.43 -10.96
N GLU A 207 17.59 38.35 -11.58
CA GLU A 207 17.82 37.00 -11.10
C GLU A 207 18.28 36.14 -12.27
N LEU A 208 19.28 35.29 -12.03
CA LEU A 208 19.87 34.49 -13.11
C LEU A 208 18.84 33.59 -13.75
N TYR A 209 17.99 32.96 -12.94
CA TYR A 209 16.99 32.04 -13.47
C TYR A 209 15.92 32.75 -14.28
N ASP A 210 15.85 34.08 -14.22
CA ASP A 210 14.92 34.85 -15.03
C ASP A 210 15.56 35.56 -16.21
N ILE A 211 16.86 35.86 -16.14
CA ILE A 211 17.53 36.54 -17.23
C ILE A 211 17.42 35.75 -18.52
N ARG A 212 17.53 34.42 -18.42
CA ARG A 212 17.43 33.58 -19.60
C ARG A 212 16.07 33.69 -20.27
N LEU A 213 15.03 34.01 -19.50
CA LEU A 213 13.71 34.24 -20.09
C LEU A 213 13.69 35.49 -20.96
N PHE A 214 14.38 36.54 -20.51
CA PHE A 214 14.43 37.78 -21.29
C PHE A 214 15.27 37.61 -22.55
N LEU A 215 16.33 36.79 -22.49
CA LEU A 215 17.11 36.50 -23.68
C LEU A 215 16.27 35.78 -24.73
N GLU A 216 15.39 34.88 -24.29
CA GLU A 216 14.47 34.24 -25.23
C GLU A 216 13.52 35.24 -25.85
N TYR A 217 13.10 36.25 -25.07
CA TYR A 217 12.27 37.32 -25.62
C TYR A 217 13.02 38.12 -26.67
N THR A 218 14.29 38.42 -26.42
CA THR A 218 15.06 39.19 -27.38
C THR A 218 15.23 38.44 -28.70
N GLU A 219 15.56 37.15 -28.62
CA GLU A 219 15.79 36.34 -29.81
C GLU A 219 14.53 36.20 -30.66
N ARG A 220 13.36 36.47 -30.08
CA ARG A 220 12.10 36.38 -30.80
C ARG A 220 11.52 37.73 -31.19
N GLU A 221 11.88 38.81 -30.48
CA GLU A 221 11.33 40.12 -30.73
C GLU A 221 12.38 41.17 -31.09
N GLU A 222 13.67 40.86 -30.94
CA GLU A 222 14.76 41.76 -31.31
C GLU A 222 14.63 43.11 -30.60
N ASP A 223 14.28 43.06 -29.31
CA ASP A 223 14.13 44.24 -28.48
C ASP A 223 15.37 44.41 -27.61
N ASN A 224 16.01 45.56 -27.71
CA ASN A 224 17.32 45.81 -27.13
C ASN A 224 17.25 46.43 -25.73
N ASN A 225 16.04 46.66 -25.20
CA ASN A 225 15.92 47.39 -23.94
C ASN A 225 16.44 46.57 -22.76
N PHE A 226 16.26 45.24 -22.80
CA PHE A 226 16.68 44.40 -21.70
C PHE A 226 18.15 44.02 -21.73
N LEU A 227 18.85 44.27 -22.85
CA LEU A 227 20.22 43.77 -23.00
C LEU A 227 21.20 44.53 -22.14
N ASP A 228 21.10 45.87 -22.11
CA ASP A 228 22.03 46.65 -21.31
C ASP A 228 21.85 46.38 -19.82
N MET A 229 20.63 46.07 -19.39
CA MET A 229 20.40 45.70 -17.99
C MET A 229 21.12 44.41 -17.65
N ILE A 230 21.17 43.46 -18.58
CA ILE A 230 21.86 42.20 -18.35
C ILE A 230 23.37 42.43 -18.17
N LEU A 231 23.96 43.29 -19.00
CA LEU A 231 25.39 43.52 -18.96
C LEU A 231 25.85 44.28 -17.72
N GLN A 232 24.93 44.85 -16.94
CA GLN A 232 25.28 45.59 -15.74
C GLN A 232 25.17 44.77 -14.46
N GLU A 233 24.90 43.47 -14.58
CA GLU A 233 24.71 42.63 -13.40
C GLU A 233 25.99 42.54 -12.57
N ASN A 234 25.83 42.43 -11.26
CA ASN A 234 26.97 42.24 -10.38
C ASN A 234 27.52 40.84 -10.52
N GLN A 235 28.85 40.72 -10.45
CA GLN A 235 29.53 39.45 -10.65
C GLN A 235 30.04 38.84 -9.34
N ASP A 236 29.26 38.97 -8.27
CA ASP A 236 29.59 38.37 -6.98
C ASP A 236 28.70 37.18 -6.65
N ARG A 237 27.93 36.69 -7.62
CA ARG A 237 26.94 35.65 -7.37
C ARG A 237 27.61 34.27 -7.32
N GLU A 238 26.84 33.28 -6.85
CA GLU A 238 27.37 31.94 -6.69
C GLU A 238 27.57 31.24 -8.03
N ARG A 239 26.60 31.34 -8.93
CA ARG A 239 26.66 30.66 -10.22
C ARG A 239 27.18 31.65 -11.26
N LEU A 240 28.48 31.96 -11.14
CA LEU A 240 29.09 32.97 -11.99
C LEU A 240 29.17 32.50 -13.45
N PHE A 241 29.28 31.20 -13.67
CA PHE A 241 29.36 30.68 -15.04
C PHE A 241 28.10 30.98 -15.82
N GLU A 242 26.94 30.91 -15.16
CA GLU A 242 25.68 31.25 -15.83
C GLU A 242 25.67 32.70 -16.27
N LEU A 243 26.13 33.61 -15.41
CA LEU A 243 26.10 35.03 -15.73
C LEU A 243 27.06 35.36 -16.87
N CYS A 244 28.24 34.74 -16.88
CA CYS A 244 29.18 34.96 -17.97
C CYS A 244 28.60 34.49 -19.31
N LEU A 245 27.90 33.35 -19.30
CA LEU A 245 27.23 32.89 -20.52
C LEU A 245 26.12 33.84 -20.93
N TYR A 246 25.35 34.35 -19.97
CA TYR A 246 24.25 35.27 -20.29
C TYR A 246 24.77 36.56 -20.89
N LYS A 247 25.88 37.09 -20.36
CA LYS A 247 26.43 38.32 -20.91
C LYS A 247 27.03 38.10 -22.29
N ALA A 248 27.63 36.92 -22.52
CA ALA A 248 28.12 36.59 -23.86
C ALA A 248 26.98 36.52 -24.85
N ARG A 249 25.84 35.97 -24.45
CA ARG A 249 24.65 35.98 -25.31
C ARG A 249 24.17 37.40 -25.54
N ALA A 250 24.22 38.24 -24.50
CA ALA A 250 23.80 39.63 -24.65
C ALA A 250 24.77 40.43 -25.50
N CYS A 251 26.08 40.21 -25.29
CA CYS A 251 27.07 40.93 -26.08
C CYS A 251 27.01 40.56 -27.55
N PHE A 252 26.61 39.33 -27.87
CA PHE A 252 26.55 38.92 -29.28
C PHE A 252 25.47 39.67 -30.03
N HIS A 253 24.31 39.89 -29.39
CA HIS A 253 23.27 40.69 -30.03
C HIS A 253 23.67 42.14 -30.18
N LEU A 254 24.61 42.62 -29.38
CA LEU A 254 25.11 43.99 -29.47
C LEU A 254 26.36 44.10 -30.32
N ASN A 255 26.79 43.00 -30.95
CA ASN A 255 27.95 42.96 -31.83
C ASN A 255 29.24 43.35 -31.10
N GLN A 256 29.29 43.14 -29.79
CA GLN A 256 30.53 43.29 -29.02
C GLN A 256 31.28 41.96 -29.02
N LEU A 257 31.81 41.63 -30.20
CA LEU A 257 32.35 40.29 -30.41
C LEU A 257 33.57 40.00 -29.55
N ASN A 258 34.34 41.03 -29.19
CA ASN A 258 35.48 40.82 -28.30
C ASN A 258 35.01 40.40 -26.92
N ASP A 259 33.90 40.99 -26.43
CA ASP A 259 33.39 40.61 -25.13
C ASP A 259 32.68 39.26 -25.15
N VAL A 260 32.15 38.87 -26.31
CA VAL A 260 31.61 37.51 -26.44
C VAL A 260 32.71 36.49 -26.19
N ARG A 261 33.89 36.73 -26.77
CA ARG A 261 35.03 35.85 -26.53
C ARG A 261 35.47 35.89 -25.07
N ILE A 262 35.49 37.08 -24.47
CA ILE A 262 35.99 37.20 -23.11
C ILE A 262 35.02 36.55 -22.12
N TYR A 263 33.73 36.84 -22.24
CA TYR A 263 32.77 36.25 -21.33
C TYR A 263 32.53 34.78 -21.62
N GLY A 264 32.52 34.41 -22.90
CA GLY A 264 32.35 33.01 -23.26
C GLY A 264 33.46 32.13 -22.72
N GLU A 265 34.71 32.60 -22.83
CA GLU A 265 35.84 31.86 -22.28
C GLU A 265 35.74 31.78 -20.76
N SER A 266 35.34 32.88 -20.11
CA SER A 266 35.24 32.89 -18.65
C SER A 266 34.19 31.92 -18.15
N ALA A 267 33.07 31.80 -18.89
CA ALA A 267 32.02 30.87 -18.50
C ALA A 267 32.52 29.43 -18.54
N ILE A 268 33.25 29.07 -19.59
CA ILE A 268 33.74 27.69 -19.71
C ILE A 268 34.79 27.40 -18.64
N ASP A 269 35.66 28.37 -18.35
CA ASP A 269 36.70 28.17 -17.36
C ASP A 269 36.13 27.93 -15.96
N ASN A 270 34.91 28.37 -15.69
CA ASN A 270 34.25 28.18 -14.40
C ASN A 270 33.05 27.27 -14.50
N ALA A 271 33.02 26.39 -15.51
CA ALA A 271 31.86 25.56 -15.77
C ALA A 271 31.62 24.58 -14.63
N PRO A 272 30.36 24.23 -14.39
CA PRO A 272 30.06 23.27 -13.32
C PRO A 272 30.57 21.88 -13.62
N GLY A 273 30.88 21.14 -12.55
CA GLY A 273 31.42 19.80 -12.70
C GLY A 273 30.43 18.80 -13.26
N ALA A 274 29.16 18.94 -12.90
CA ALA A 274 28.16 17.96 -13.30
C ALA A 274 27.53 18.33 -14.62
N PHE A 275 27.33 17.32 -15.49
CA PHE A 275 26.66 17.51 -16.76
C PHE A 275 25.16 17.66 -16.62
N ALA A 276 24.58 17.24 -15.49
CA ALA A 276 23.17 17.46 -15.24
C ALA A 276 22.83 18.93 -15.02
N ASP A 277 23.83 19.75 -14.77
CA ASP A 277 23.61 21.19 -14.64
C ASP A 277 23.10 21.74 -15.97
N PRO A 278 22.06 22.57 -15.95
CA PRO A 278 21.50 23.08 -17.23
C PRO A 278 22.47 23.96 -18.00
N PHE A 279 23.61 24.33 -17.42
CA PHE A 279 24.58 25.17 -18.11
C PHE A 279 25.08 24.50 -19.39
N TRP A 280 25.32 23.19 -19.34
CA TRP A 280 25.94 22.50 -20.47
C TRP A 280 25.05 22.49 -21.70
N ASP A 281 23.75 22.21 -21.53
CA ASP A 281 22.84 22.32 -22.65
C ASP A 281 22.72 23.75 -23.15
N GLU A 282 22.75 24.72 -22.24
CA GLU A 282 22.76 26.12 -22.64
C GLU A 282 24.05 26.47 -23.40
N LEU A 283 25.19 25.93 -22.94
CA LEU A 283 26.45 26.18 -23.63
C LEU A 283 26.44 25.61 -25.05
N VAL A 284 25.94 24.39 -25.21
CA VAL A 284 25.88 23.79 -26.55
C VAL A 284 24.92 24.57 -27.43
N GLU A 285 23.80 25.04 -26.87
CA GLU A 285 22.87 25.85 -27.66
C GLU A 285 23.50 27.18 -28.08
N PHE A 286 24.37 27.73 -27.22
CA PHE A 286 25.11 28.93 -27.62
C PHE A 286 25.98 28.66 -28.84
N ILE A 287 26.71 27.54 -28.84
CA ILE A 287 27.56 27.21 -29.97
C ILE A 287 26.73 26.96 -31.22
N ARG A 288 25.61 26.26 -31.08
CA ARG A 288 24.77 25.96 -32.24
C ARG A 288 24.16 27.23 -32.82
N MET A 289 23.87 28.23 -31.98
CA MET A 289 23.34 29.48 -32.49
C MET A 289 24.43 30.31 -33.16
N LEU A 290 25.62 30.38 -32.54
CA LEU A 290 26.73 31.08 -33.17
C LEU A 290 27.10 30.44 -34.50
N ARG A 291 27.11 29.11 -34.55
CA ARG A 291 27.38 28.40 -35.79
C ARG A 291 26.26 28.62 -36.80
N ASN A 292 25.01 28.71 -36.33
CA ASN A 292 23.90 28.92 -37.24
C ASN A 292 23.92 30.31 -37.86
N LYS A 293 24.41 31.31 -37.12
CA LYS A 293 24.49 32.67 -37.63
C LYS A 293 25.82 32.94 -38.33
N LYS A 294 26.56 31.89 -38.69
CA LYS A 294 27.79 31.99 -39.46
C LYS A 294 28.79 32.93 -38.79
N SER A 295 28.85 32.88 -37.46
CA SER A 295 29.79 33.67 -36.69
C SER A 295 31.05 32.84 -36.46
N GLU A 296 32.20 33.36 -36.90
CA GLU A 296 33.44 32.60 -36.76
C GLU A 296 33.98 32.71 -35.35
N LEU A 297 33.12 32.45 -34.37
CA LEU A 297 33.49 32.51 -32.96
C LEU A 297 33.05 31.28 -32.19
N TRP A 298 32.11 30.48 -32.72
CA TRP A 298 31.77 29.21 -32.11
C TRP A 298 32.95 28.25 -32.11
N LYS A 299 33.86 28.37 -33.08
CA LYS A 299 34.99 27.47 -33.17
C LYS A 299 35.90 27.58 -31.95
N GLU A 300 36.18 28.80 -31.48
CA GLU A 300 36.95 28.95 -30.26
C GLU A 300 36.17 28.46 -29.04
N ILE A 301 34.86 28.69 -29.04
CA ILE A 301 34.03 28.26 -27.92
C ILE A 301 33.91 26.75 -27.89
N ALA A 302 33.65 26.13 -29.05
CA ALA A 302 33.48 24.67 -29.09
C ALA A 302 34.76 23.95 -28.71
N ILE A 303 35.91 24.42 -29.22
CA ILE A 303 37.17 23.77 -28.91
C ILE A 303 37.49 23.90 -27.42
N LYS A 304 37.26 25.08 -26.84
CA LYS A 304 37.47 25.26 -25.41
C LYS A 304 36.47 24.47 -24.58
N ALA A 305 35.22 24.41 -25.04
CA ALA A 305 34.21 23.62 -24.33
C ALA A 305 34.58 22.14 -24.32
N TRP A 306 35.03 21.62 -25.46
CA TRP A 306 35.48 20.23 -25.52
C TRP A 306 36.69 20.00 -24.63
N ASP A 307 37.62 20.96 -24.62
CA ASP A 307 38.88 20.76 -23.91
C ASP A 307 38.64 20.59 -22.40
N LYS A 308 37.60 21.23 -21.86
CA LYS A 308 37.27 21.01 -20.46
C LYS A 308 36.29 19.87 -20.27
N CYS A 309 35.43 19.62 -21.26
CA CYS A 309 34.47 18.53 -21.17
C CYS A 309 35.16 17.17 -21.14
N ARG A 310 36.35 17.06 -21.74
CA ARG A 310 36.99 15.76 -21.89
C ARG A 310 37.66 15.26 -20.61
N GLU A 311 37.73 16.09 -19.57
CA GLU A 311 38.31 15.65 -18.30
C GLU A 311 37.27 15.07 -17.36
N LYS A 312 36.01 14.99 -17.79
CA LYS A 312 34.93 14.45 -16.98
C LYS A 312 34.85 12.95 -17.20
N GLU A 313 35.77 12.23 -16.54
CA GLU A 313 35.83 10.79 -16.69
C GLU A 313 36.47 10.20 -15.44
N MET A 314 36.30 8.90 -15.27
CA MET A 314 36.88 8.17 -14.15
C MET A 314 37.63 6.96 -14.70
N LYS A 315 38.62 6.50 -13.95
CA LYS A 315 39.47 5.39 -14.35
C LYS A 315 39.05 4.13 -13.60
N VAL A 316 38.80 3.07 -14.36
CA VAL A 316 38.52 1.75 -13.79
C VAL A 316 39.70 0.85 -14.12
N GLY A 317 40.73 0.89 -13.29
CA GLY A 317 41.94 0.18 -13.62
C GLY A 317 42.67 0.75 -14.83
N ASN A 318 43.76 0.12 -15.25
CA ASN A 318 44.56 0.64 -16.34
C ASN A 318 43.79 0.64 -17.65
N ASN A 319 43.97 1.71 -18.42
CA ASN A 319 43.48 1.85 -19.80
C ASN A 319 41.97 1.75 -19.93
N ILE A 320 41.24 1.62 -18.84
CA ILE A 320 39.78 1.47 -18.88
C ILE A 320 39.19 2.71 -18.24
N TYR A 321 38.50 3.52 -19.03
CA TYR A 321 37.96 4.80 -18.58
C TYR A 321 36.44 4.77 -18.63
N LEU A 322 35.83 5.41 -17.63
CA LEU A 322 34.39 5.46 -17.47
C LEU A 322 33.91 6.90 -17.49
N SER A 323 32.80 7.14 -18.18
CA SER A 323 32.16 8.45 -18.21
C SER A 323 30.66 8.28 -18.01
N TRP A 324 30.02 9.34 -17.57
CA TRP A 324 28.59 9.35 -17.34
C TRP A 324 27.86 9.98 -18.53
N TYR A 325 26.61 9.59 -18.71
CA TYR A 325 25.88 9.92 -19.91
C TYR A 325 25.37 11.35 -19.87
N TRP A 326 25.86 12.18 -20.77
CA TRP A 326 25.28 13.46 -21.11
C TRP A 326 24.77 13.37 -22.54
N ALA A 327 23.48 13.70 -22.72
CA ALA A 327 22.83 13.44 -24.01
C ALA A 327 23.42 14.26 -25.13
N ARG A 328 23.97 15.44 -24.83
CA ARG A 328 24.51 16.33 -25.86
C ARG A 328 26.03 16.34 -25.88
N GLN A 329 26.68 15.37 -25.23
CA GLN A 329 28.14 15.31 -25.26
C GLN A 329 28.66 14.95 -26.65
N ARG A 330 27.96 14.05 -27.35
CA ARG A 330 28.40 13.65 -28.69
C ARG A 330 28.35 14.82 -29.65
N GLU A 331 27.31 15.65 -29.57
CA GLU A 331 27.20 16.82 -30.43
C GLU A 331 28.34 17.81 -30.17
N LEU A 332 28.71 18.01 -28.92
CA LEU A 332 29.81 18.90 -28.60
C LEU A 332 31.11 18.43 -29.22
N TYR A 333 31.37 17.13 -29.19
CA TYR A 333 32.58 16.59 -29.82
C TYR A 333 32.53 16.72 -31.34
N ASP A 334 31.35 16.54 -31.93
CA ASP A 334 31.20 16.78 -33.36
C ASP A 334 31.47 18.25 -33.69
N LEU A 335 30.99 19.16 -32.85
CA LEU A 335 31.23 20.59 -33.07
C LEU A 335 32.72 20.91 -32.95
N ALA A 336 33.39 20.38 -31.92
CA ALA A 336 34.82 20.63 -31.77
C ALA A 336 35.61 20.04 -32.92
N PHE A 337 35.22 18.85 -33.38
CA PHE A 337 35.90 18.22 -34.52
C PHE A 337 35.78 19.07 -35.77
N MET A 338 34.57 19.58 -36.05
CA MET A 338 34.37 20.39 -37.25
C MET A 338 35.01 21.76 -37.11
N ALA A 339 35.15 22.25 -35.88
CA ALA A 339 35.75 23.56 -35.65
C ALA A 339 37.27 23.51 -35.85
N GLN A 340 37.90 22.44 -35.38
CA GLN A 340 39.35 22.31 -35.47
C GLN A 340 39.79 22.15 -36.92
N ASP A 341 40.91 22.77 -37.27
CA ASP A 341 41.46 22.68 -38.62
C ASP A 341 42.68 21.80 -38.73
N GLY A 342 43.51 21.74 -37.70
CA GLY A 342 44.68 20.87 -37.73
C GLY A 342 44.27 19.42 -37.71
N ILE A 343 44.77 18.64 -38.67
CA ILE A 343 44.42 17.23 -38.77
C ILE A 343 44.91 16.47 -37.55
N GLU A 344 46.12 16.79 -37.07
CA GLU A 344 46.63 16.15 -35.86
C GLU A 344 45.76 16.48 -34.66
N LYS A 345 45.27 17.72 -34.57
CA LYS A 345 44.41 18.10 -33.46
C LYS A 345 43.00 17.53 -33.61
N LYS A 346 42.56 17.29 -34.85
CA LYS A 346 41.30 16.59 -35.05
C LYS A 346 41.38 15.13 -34.60
N THR A 347 42.57 14.53 -34.71
CA THR A 347 42.77 13.18 -34.20
C THR A 347 42.70 13.14 -32.67
N ARG A 348 43.21 14.17 -32.01
CA ARG A 348 43.16 14.23 -30.56
C ARG A 348 41.72 14.31 -30.06
N ILE A 349 40.85 15.01 -30.79
CA ILE A 349 39.44 15.07 -30.42
C ILE A 349 38.80 13.69 -30.58
N ALA A 350 39.03 13.04 -31.73
CA ALA A 350 38.44 11.74 -31.99
C ALA A 350 38.93 10.70 -31.00
N ASP A 351 40.23 10.70 -30.69
CA ASP A 351 40.79 9.70 -29.80
C ASP A 351 40.31 9.87 -28.36
N SER A 352 39.77 11.04 -28.01
CA SER A 352 39.27 11.27 -26.66
C SER A 352 37.97 10.53 -26.38
N LEU A 353 37.23 10.14 -27.41
CA LEU A 353 36.02 9.34 -27.25
C LEU A 353 36.28 7.85 -27.11
N LYS A 354 37.40 7.37 -27.63
CA LYS A 354 37.62 5.95 -27.85
C LYS A 354 38.11 5.24 -26.60
N SER A 355 37.77 3.96 -26.50
CA SER A 355 38.11 3.13 -25.35
C SER A 355 37.58 3.72 -24.04
N ARG A 356 36.36 4.25 -24.09
CA ARG A 356 35.71 4.82 -22.92
C ARG A 356 34.29 4.31 -22.83
N THR A 357 33.88 3.89 -21.63
CA THR A 357 32.56 3.36 -21.39
C THR A 357 31.66 4.44 -20.79
N THR A 358 30.50 4.64 -21.39
CA THR A 358 29.53 5.64 -20.95
C THR A 358 28.35 4.94 -20.32
N LEU A 359 28.12 5.19 -19.03
CA LEU A 359 27.04 4.56 -18.30
C LEU A 359 26.04 5.59 -17.80
N ARG A 360 24.77 5.21 -17.80
CA ARG A 360 23.72 6.02 -17.24
C ARG A 360 23.80 5.99 -15.71
N ILE A 361 23.00 6.83 -15.07
CA ILE A 361 23.04 6.94 -13.61
C ILE A 361 22.60 5.63 -12.97
N GLN A 362 21.65 4.92 -13.59
CA GLN A 362 21.21 3.64 -13.06
C GLN A 362 22.30 2.58 -13.13
N GLU A 363 23.03 2.53 -14.26
CA GLU A 363 24.09 1.54 -14.39
C GLU A 363 25.29 1.87 -13.52
N LEU A 364 25.50 3.15 -13.22
CA LEU A 364 26.56 3.53 -12.29
C LEU A 364 26.27 3.01 -10.88
N ASN A 365 24.99 2.90 -10.52
CA ASN A 365 24.63 2.23 -9.28
C ASN A 365 24.99 0.76 -9.31
N GLU A 366 24.77 0.10 -10.45
CA GLU A 366 25.12 -1.31 -10.57
C GLU A 366 26.63 -1.53 -10.42
N LEU A 367 27.43 -0.67 -11.05
CA LEU A 367 28.86 -0.77 -10.89
C LEU A 367 29.31 -0.38 -9.49
N ARG A 368 28.56 0.52 -8.84
CA ARG A 368 28.87 0.88 -7.46
C ARG A 368 28.64 -0.30 -6.53
N LYS A 369 27.58 -1.08 -6.77
CA LYS A 369 27.33 -2.27 -5.98
C LYS A 369 28.39 -3.35 -6.23
N ASP A 370 28.81 -3.51 -7.49
CA ASP A 370 29.86 -4.48 -7.80
C ASP A 370 31.15 -4.14 -7.08
N ALA A 371 31.51 -2.86 -7.02
CA ALA A 371 32.71 -2.45 -6.31
C ALA A 371 32.58 -2.68 -4.81
N HIS A 372 31.37 -2.52 -4.27
CA HIS A 372 31.15 -2.78 -2.85
C HIS A 372 31.30 -4.26 -2.54
N ARG A 373 30.82 -5.13 -3.43
CA ARG A 373 30.92 -6.57 -3.20
C ARG A 373 32.37 -7.04 -3.18
N LYS A 374 33.20 -6.46 -4.04
CA LYS A 374 34.60 -6.83 -4.13
C LYS A 374 35.50 -5.96 -3.25
N GLN A 375 34.91 -5.20 -2.34
CA GLN A 375 35.65 -4.38 -1.38
C GLN A 375 36.60 -3.41 -2.09
N ASN A 376 36.17 -2.89 -3.23
CA ASN A 376 36.93 -1.88 -3.97
C ASN A 376 36.39 -0.52 -3.54
N ARG A 377 36.80 -0.10 -2.34
CA ARG A 377 36.25 1.11 -1.75
C ARG A 377 36.73 2.37 -2.46
N ARG A 378 37.94 2.36 -3.00
CA ARG A 378 38.42 3.52 -3.74
C ARG A 378 37.56 3.80 -4.96
N LEU A 379 37.19 2.76 -5.69
CA LEU A 379 36.33 2.93 -6.85
C LEU A 379 34.88 3.20 -6.46
N GLU A 380 34.44 2.66 -5.31
CA GLU A 380 33.08 2.90 -4.87
C GLU A 380 32.89 4.35 -4.42
N ASP A 381 33.86 4.91 -3.71
CA ASP A 381 33.76 6.31 -3.29
C ASP A 381 33.75 7.24 -4.49
N LYS A 382 34.56 6.96 -5.51
CA LYS A 382 34.57 7.80 -6.70
C LYS A 382 33.25 7.73 -7.45
N LEU A 383 32.62 6.55 -7.48
CA LEU A 383 31.31 6.44 -8.10
C LEU A 383 30.23 7.13 -7.27
N ASP A 384 30.37 7.13 -5.94
CA ASP A 384 29.40 7.83 -5.09
C ASP A 384 29.40 9.33 -5.36
N ARG A 385 30.59 9.93 -5.51
CA ARG A 385 30.65 11.36 -5.77
C ARG A 385 30.00 11.70 -7.11
N ILE A 386 30.24 10.88 -8.13
CA ILE A 386 29.64 11.11 -9.44
C ILE A 386 28.11 11.01 -9.36
N ILE A 387 27.62 10.00 -8.64
CA ILE A 387 26.17 9.82 -8.53
C ILE A 387 25.54 10.99 -7.80
N GLU A 388 26.15 11.42 -6.70
CA GLU A 388 25.58 12.53 -5.94
C GLU A 388 25.70 13.85 -6.69
N GLN A 389 26.85 14.10 -7.32
CA GLN A 389 27.06 15.37 -8.01
C GLN A 389 26.08 15.54 -9.16
N GLU A 390 25.78 14.44 -9.88
CA GLU A 390 24.82 14.55 -10.98
C GLU A 390 23.39 14.67 -10.47
N ASN A 391 23.05 13.94 -9.41
CA ASN A 391 21.70 14.05 -8.85
C ASN A 391 21.47 15.39 -8.16
N GLU A 392 22.51 15.98 -7.59
CA GLU A 392 22.37 17.21 -6.84
C GLU A 392 22.39 18.45 -7.72
N ALA A 393 22.68 18.32 -9.00
CA ALA A 393 22.72 19.45 -9.92
C ALA A 393 21.47 19.58 -10.77
N ARG A 394 20.45 18.76 -10.52
CA ARG A 394 19.25 18.80 -11.37
C ARG A 394 18.38 20.01 -11.08
N ASP A 395 18.34 20.47 -9.83
CA ASP A 395 17.61 21.68 -9.47
C ASP A 395 18.55 22.77 -8.94
N GLY A 396 19.84 22.65 -9.23
CA GLY A 396 20.79 23.63 -8.72
C GLY A 396 20.60 25.02 -9.30
N ALA A 397 20.26 25.09 -10.59
CA ALA A 397 20.01 26.39 -11.20
C ALA A 397 18.78 27.07 -10.60
N TYR A 398 17.71 26.30 -10.39
CA TYR A 398 16.51 26.81 -9.77
C TYR A 398 16.74 27.23 -8.32
N LEU A 399 17.57 26.49 -7.59
CA LEU A 399 17.91 26.81 -6.21
C LEU A 399 19.09 27.78 -6.12
N ARG A 400 19.70 28.13 -7.25
CA ARG A 400 20.86 29.01 -7.30
C ARG A 400 21.98 28.50 -6.38
N ARG A 401 22.42 27.28 -6.63
CA ARG A 401 23.58 26.71 -5.94
C ARG A 401 24.60 26.22 -6.95
N ASN A 402 25.84 26.14 -6.50
CA ASN A 402 26.95 25.61 -7.28
C ASN A 402 27.82 24.75 -6.38
N PRO A 403 27.55 23.46 -6.23
CA PRO A 403 28.42 22.62 -5.41
C PRO A 403 29.79 22.46 -6.05
N PRO A 404 30.86 22.41 -5.24
CA PRO A 404 32.23 22.34 -5.74
C PRO A 404 32.50 21.09 -6.58
N GLY A 409 40.14 14.94 -13.19
CA GLY A 409 41.49 14.49 -13.48
C GLY A 409 41.89 14.67 -14.94
N LYS A 410 43.20 14.67 -15.19
CA LYS A 410 43.75 14.83 -16.52
C LYS A 410 44.63 13.63 -16.85
N ARG A 411 44.79 13.38 -18.15
CA ARG A 411 45.65 12.29 -18.62
C ARG A 411 46.57 12.80 -19.70
N GLU A 412 47.77 12.21 -19.75
CA GLU A 412 48.79 12.63 -20.70
C GLU A 412 48.39 12.23 -22.12
N GLU A 413 48.97 12.95 -23.09
CA GLU A 413 48.80 12.64 -24.50
C GLU A 413 50.00 11.85 -25.01
N ILE A 414 49.73 10.73 -25.67
CA ILE A 414 50.77 9.91 -26.28
C ILE A 414 51.12 10.53 -27.62
N PRO A 415 52.38 10.92 -27.83
CA PRO A 415 52.76 11.57 -29.09
C PRO A 415 52.60 10.63 -30.28
N PHE A 416 52.27 11.20 -31.43
CA PHE A 416 52.11 10.44 -32.66
C PHE A 416 53.44 10.04 -33.29
N ALA A 417 54.55 10.64 -32.87
CA ALA A 417 55.85 10.29 -33.41
C ALA A 417 56.39 8.98 -32.83
N ARG A 418 55.78 8.44 -31.78
CA ARG A 418 56.22 7.17 -31.22
C ARG A 418 55.92 6.00 -32.15
N LEU A 419 55.11 6.20 -33.17
CA LEU A 419 54.87 5.13 -34.14
C LEU A 419 56.14 4.86 -34.94
N PRO A 420 56.52 3.60 -35.12
CA PRO A 420 57.71 3.29 -35.92
C PRO A 420 57.56 3.78 -37.34
N GLN A 421 58.71 4.07 -37.97
CA GLN A 421 58.71 4.79 -39.24
C GLN A 421 58.02 4.00 -40.34
N ASN A 422 58.24 2.69 -40.39
CA ASN A 422 57.70 1.90 -41.49
C ASN A 422 56.18 1.75 -41.44
N TRP A 423 55.56 2.03 -40.30
CA TRP A 423 54.14 1.79 -40.13
C TRP A 423 53.29 2.91 -40.72
N ILE A 424 52.00 2.63 -40.87
CA ILE A 424 51.00 3.62 -41.24
C ILE A 424 49.84 3.51 -40.26
N ALA A 425 49.46 4.63 -39.66
CA ALA A 425 48.35 4.68 -38.72
C ALA A 425 47.14 5.30 -39.40
N VAL A 426 45.99 4.65 -39.26
CA VAL A 426 44.73 5.14 -39.83
C VAL A 426 43.76 5.29 -38.67
N HIS A 427 43.56 6.52 -38.21
CA HIS A 427 42.55 6.83 -37.22
C HIS A 427 41.22 7.10 -37.92
N PHE A 428 40.13 6.70 -37.27
CA PHE A 428 38.80 6.90 -37.81
C PHE A 428 37.97 7.74 -36.86
N TYR A 429 37.06 8.51 -37.43
CA TYR A 429 36.05 9.21 -36.65
C TYR A 429 34.79 9.33 -37.48
N LEU A 430 33.65 9.04 -36.85
CA LEU A 430 32.35 9.15 -37.49
C LEU A 430 31.63 10.35 -36.90
N ASN A 431 31.28 11.31 -37.76
CA ASN A 431 30.67 12.57 -37.32
C ASN A 431 29.17 12.49 -37.57
N GLU A 432 28.41 12.19 -36.51
CA GLU A 432 26.96 12.07 -36.66
C GLU A 432 26.34 13.40 -37.04
N LEU A 433 26.81 14.50 -36.44
CA LEU A 433 26.26 15.81 -36.77
C LEU A 433 26.51 16.16 -38.23
N GLU A 434 27.73 15.93 -38.72
CA GLU A 434 28.04 16.24 -40.11
C GLU A 434 27.26 15.34 -41.07
N SER A 435 27.06 14.08 -40.70
CA SER A 435 26.33 13.17 -41.58
C SER A 435 24.85 13.53 -41.67
N HIS A 436 24.25 13.96 -40.55
CA HIS A 436 22.86 14.39 -40.57
C HIS A 436 22.68 15.62 -41.47
N GLU A 437 23.68 16.49 -41.53
CA GLU A 437 23.65 17.70 -42.36
C GLU A 437 23.91 17.40 -43.82
N GLY A 438 24.01 16.13 -44.22
CA GLY A 438 24.21 15.76 -45.60
C GLY A 438 25.65 15.66 -46.04
N GLY A 439 26.61 15.93 -45.16
CA GLY A 439 28.02 15.84 -45.49
C GLY A 439 28.55 14.43 -45.32
N LYS A 440 29.87 14.30 -45.51
CA LYS A 440 30.56 13.03 -45.33
C LYS A 440 31.04 12.96 -43.89
N GLY A 441 30.24 12.32 -43.03
CA GLY A 441 30.56 12.25 -41.62
C GLY A 441 31.75 11.38 -41.29
N GLY A 442 32.12 10.46 -42.17
CA GLY A 442 33.24 9.57 -41.90
C GLY A 442 34.55 10.22 -42.30
N HIS A 443 35.55 10.10 -41.43
CA HIS A 443 36.85 10.71 -41.65
C HIS A 443 37.94 9.69 -41.35
N ALA A 444 38.88 9.54 -42.28
CA ALA A 444 40.07 8.73 -42.07
C ALA A 444 41.26 9.65 -41.88
N LEU A 445 41.91 9.55 -40.73
CA LEU A 445 43.02 10.42 -40.35
C LEU A 445 44.30 9.61 -40.46
N ILE A 446 44.92 9.65 -41.64
CA ILE A 446 46.04 8.78 -41.98
C ILE A 446 47.35 9.50 -41.68
N TYR A 447 48.25 8.81 -40.99
CA TYR A 447 49.51 9.39 -40.56
C TYR A 447 50.67 8.59 -41.13
N ASP A 448 51.59 9.28 -41.80
CA ASP A 448 52.76 8.66 -42.43
C ASP A 448 54.02 9.26 -41.82
N PRO A 449 54.69 8.54 -40.92
CA PRO A 449 55.88 9.13 -40.26
C PRO A 449 57.03 9.43 -41.21
N GLN A 450 57.08 8.82 -42.39
CA GLN A 450 58.20 8.96 -43.29
C GLN A 450 58.03 10.08 -44.31
N LYS A 451 56.94 10.84 -44.24
CA LYS A 451 56.76 11.99 -45.12
C LYS A 451 57.19 13.27 -44.42
N ALA A 452 57.19 14.35 -45.19
CA ALA A 452 57.50 15.66 -44.64
C ALA A 452 56.42 16.07 -43.64
N GLU A 453 56.84 16.84 -42.62
CA GLU A 453 55.94 17.19 -41.53
C GLU A 453 54.72 17.96 -42.03
N LYS A 454 54.87 18.69 -43.14
CA LYS A 454 53.73 19.38 -43.73
C LYS A 454 52.80 18.43 -44.47
N ASP A 455 53.27 17.22 -44.78
CA ASP A 455 52.46 16.24 -45.51
C ASP A 455 52.27 14.93 -44.75
N GLN A 456 52.68 14.87 -43.48
CA GLN A 456 52.57 13.61 -42.73
C GLN A 456 51.12 13.19 -42.55
N TRP A 457 50.24 14.14 -42.24
CA TRP A 457 48.85 13.85 -41.93
C TRP A 457 47.97 14.07 -43.15
N GLN A 458 47.04 13.15 -43.36
CA GLN A 458 46.01 13.29 -44.38
C GLN A 458 44.65 13.07 -43.73
N ASP A 459 43.64 13.76 -44.25
CA ASP A 459 42.26 13.62 -43.78
C ASP A 459 41.40 13.19 -44.96
N LYS A 460 41.00 11.93 -44.97
CA LYS A 460 40.16 11.38 -46.02
C LYS A 460 38.72 11.31 -45.52
N SER A 461 37.80 11.91 -46.27
CA SER A 461 36.40 11.97 -45.89
C SER A 461 35.60 10.99 -46.72
N PHE A 462 34.72 10.24 -46.06
CA PHE A 462 33.90 9.25 -46.74
C PHE A 462 32.51 9.26 -46.13
N ASP A 463 31.53 8.84 -46.92
CA ASP A 463 30.16 8.68 -46.47
C ASP A 463 29.97 7.26 -45.96
N TYR A 464 29.50 7.14 -44.72
CA TYR A 464 29.32 5.84 -44.08
C TYR A 464 27.86 5.43 -43.96
N LYS A 465 26.95 6.12 -44.64
CA LYS A 465 25.54 5.79 -44.53
C LYS A 465 25.24 4.42 -45.13
N GLU A 466 25.68 4.18 -46.37
CA GLU A 466 25.44 2.89 -47.00
C GLU A 466 26.29 1.79 -46.37
N LEU A 467 27.50 2.13 -45.91
CA LEU A 467 28.33 1.16 -45.22
C LEU A 467 27.67 0.69 -43.92
N HIS A 468 27.08 1.61 -43.17
CA HIS A 468 26.43 1.25 -41.91
C HIS A 468 25.19 0.40 -42.17
N ARG A 469 24.46 0.68 -43.24
CA ARG A 469 23.30 -0.14 -43.59
C ARG A 469 23.73 -1.54 -44.01
N LYS A 470 24.84 -1.65 -44.75
CA LYS A 470 25.35 -2.97 -45.12
C LYS A 470 25.76 -3.75 -43.88
N PHE A 471 26.30 -3.07 -42.88
CA PHE A 471 26.67 -3.76 -41.64
C PHE A 471 25.44 -4.30 -40.92
N LEU A 472 24.35 -3.52 -40.93
CA LEU A 472 23.16 -3.94 -40.20
C LEU A 472 22.46 -5.11 -40.88
N GLU A 473 22.46 -5.15 -42.21
CA GLU A 473 21.89 -6.29 -42.91
C GLU A 473 22.69 -7.56 -42.65
N TRP A 474 24.02 -7.48 -42.70
CA TRP A 474 24.81 -8.66 -42.36
C TRP A 474 24.60 -9.06 -40.90
N GLN A 475 24.53 -8.08 -40.01
CA GLN A 475 24.40 -8.40 -38.59
C GLN A 475 23.09 -9.11 -38.31
N GLU A 476 22.00 -8.68 -38.95
CA GLU A 476 20.71 -9.34 -38.73
C GLU A 476 20.68 -10.71 -39.39
N ASN A 477 21.18 -10.82 -40.62
CA ASN A 477 21.28 -12.14 -41.26
C ASN A 477 22.22 -13.05 -40.47
N TYR A 478 23.24 -12.49 -39.83
CA TYR A 478 24.19 -13.29 -39.07
C TYR A 478 23.58 -13.79 -37.76
N ILE A 479 22.76 -12.96 -37.10
CA ILE A 479 22.16 -13.37 -35.85
C ILE A 479 21.09 -14.43 -36.08
N LEU A 480 20.27 -14.26 -37.11
CA LEU A 480 19.21 -15.24 -37.39
C LEU A 480 19.80 -16.54 -37.91
N ASN A 481 20.69 -16.48 -38.89
CA ASN A 481 21.25 -17.67 -39.52
C ASN A 481 22.74 -17.43 -39.75
N GLU A 482 23.55 -17.74 -38.74
CA GLU A 482 24.98 -17.60 -38.87
C GLU A 482 25.52 -18.59 -39.90
N GLU A 483 26.59 -18.17 -40.59
CA GLU A 483 27.27 -18.91 -41.64
C GLU A 483 26.44 -18.94 -42.92
N GLY A 484 25.18 -18.54 -42.84
CA GLY A 484 24.34 -18.40 -44.01
C GLY A 484 24.35 -16.95 -44.43
N SER A 485 24.90 -16.11 -43.56
CA SER A 485 25.15 -14.71 -43.84
C SER A 485 26.47 -14.49 -44.55
N ALA A 486 27.07 -15.55 -45.11
CA ALA A 486 28.37 -15.42 -45.74
C ALA A 486 28.31 -14.53 -46.97
N ASP A 487 27.24 -14.62 -47.75
CA ASP A 487 27.11 -13.76 -48.93
C ASP A 487 26.99 -12.30 -48.53
N PHE A 488 26.23 -12.00 -47.47
CA PHE A 488 26.11 -10.63 -47.01
C PHE A 488 27.43 -10.11 -46.44
N LEU A 489 28.29 -11.01 -45.97
CA LEU A 489 29.61 -10.59 -45.50
C LEU A 489 30.49 -10.13 -46.65
N VAL A 490 30.52 -10.90 -47.74
CA VAL A 490 31.32 -10.51 -48.90
C VAL A 490 30.80 -9.20 -49.49
N THR A 491 29.47 -9.02 -49.51
CA THR A 491 28.91 -7.75 -49.93
C THR A 491 29.32 -6.63 -48.99
N LEU A 492 29.42 -6.92 -47.69
CA LEU A 492 29.87 -5.92 -46.73
C LEU A 492 31.34 -5.59 -46.93
N CYS A 493 32.18 -6.60 -47.18
CA CYS A 493 33.60 -6.35 -47.34
C CYS A 493 33.91 -5.60 -48.62
N ARG A 494 33.08 -5.79 -49.66
CA ARG A 494 33.21 -4.96 -50.85
C ARG A 494 32.69 -3.55 -50.60
N GLU A 495 31.80 -3.38 -49.63
CA GLU A 495 31.30 -2.05 -49.31
C GLU A 495 32.33 -1.22 -48.57
N ILE A 496 33.25 -1.87 -47.85
CA ILE A 496 34.32 -1.14 -47.17
C ILE A 496 35.21 -0.44 -48.18
N GLU A 497 35.55 -1.13 -49.28
CA GLU A 497 36.42 -0.53 -50.28
C GLU A 497 35.69 0.56 -51.07
N LYS A 498 34.41 0.35 -51.37
CA LYS A 498 33.65 1.37 -52.09
C LYS A 498 33.51 2.63 -51.25
N ALA A 499 33.36 2.48 -49.94
CA ALA A 499 33.28 3.65 -49.07
C ALA A 499 34.65 4.31 -48.91
N MET A 500 35.71 3.52 -48.84
CA MET A 500 37.05 4.01 -48.53
C MET A 500 38.03 3.55 -49.60
N PRO A 501 37.90 4.05 -50.83
CA PRO A 501 38.76 3.58 -51.92
C PRO A 501 40.22 3.98 -51.76
N PHE A 502 40.54 4.88 -50.82
CA PHE A 502 41.92 5.29 -50.61
C PHE A 502 42.78 4.20 -49.98
N LEU A 503 42.17 3.12 -49.48
CA LEU A 503 42.96 2.05 -48.86
C LEU A 503 43.77 1.27 -49.89
N PHE A 504 43.30 1.26 -51.14
CA PHE A 504 43.98 0.55 -52.22
C PHE A 504 44.79 1.47 -53.13
N LYS A 505 45.02 2.72 -52.71
CA LYS A 505 45.80 3.68 -53.48
C LYS A 505 47.17 3.84 -52.82
N SER A 506 48.23 3.62 -53.60
CA SER A 506 49.58 3.66 -53.07
C SER A 506 49.96 5.05 -52.58
N GLU A 507 49.42 6.10 -53.21
CA GLU A 507 49.70 7.45 -52.76
C GLU A 507 49.20 7.67 -51.33
N VAL A 508 47.98 7.24 -51.05
CA VAL A 508 47.40 7.44 -49.73
C VAL A 508 48.07 6.53 -48.71
N ILE A 509 48.25 5.25 -49.04
CA ILE A 509 48.88 4.28 -48.17
C ILE A 509 50.03 3.63 -48.93
N PRO A 510 51.29 3.81 -48.53
CA PRO A 510 52.40 3.22 -49.27
C PRO A 510 52.34 1.70 -49.25
N GLU A 511 52.78 1.10 -50.36
CA GLU A 511 52.71 -0.35 -50.52
C GLU A 511 53.72 -1.05 -49.59
N ASP A 512 53.39 -2.29 -49.24
CA ASP A 512 54.18 -3.18 -48.39
C ASP A 512 54.31 -2.68 -46.96
N ARG A 513 53.71 -1.55 -46.61
CA ARG A 513 53.93 -1.13 -45.24
C ARG A 513 52.78 -1.56 -44.34
N PRO A 514 53.08 -1.97 -43.11
CA PRO A 514 52.01 -2.40 -42.21
C PRO A 514 51.10 -1.24 -41.86
N VAL A 515 49.83 -1.55 -41.63
CA VAL A 515 48.81 -0.54 -41.36
C VAL A 515 48.23 -0.80 -39.98
N LEU A 516 48.24 0.23 -39.13
CA LEU A 516 47.61 0.18 -37.82
C LEU A 516 46.22 0.80 -37.92
N TRP A 517 45.23 0.09 -37.40
CA TRP A 517 43.84 0.54 -37.44
C TRP A 517 43.43 1.02 -36.06
N ILE A 518 42.88 2.23 -36.00
CA ILE A 518 42.20 2.72 -34.81
C ILE A 518 40.78 3.11 -35.22
N PRO A 519 39.83 2.17 -35.22
CA PRO A 519 38.49 2.49 -35.73
C PRO A 519 37.67 3.31 -34.74
N HIS A 520 36.46 3.68 -35.15
CA HIS A 520 35.53 4.41 -34.29
C HIS A 520 34.13 3.91 -34.56
N GLY A 521 33.35 3.74 -33.51
CA GLY A 521 31.95 3.39 -33.67
C GLY A 521 31.78 1.96 -34.14
N PHE A 522 30.90 1.76 -35.12
CA PHE A 522 30.66 0.42 -35.64
C PHE A 522 31.80 -0.08 -36.51
N LEU A 523 32.81 0.74 -36.77
CA LEU A 523 33.95 0.30 -37.57
C LEU A 523 34.87 -0.63 -36.79
N HIS A 524 34.70 -0.74 -35.46
CA HIS A 524 35.45 -1.72 -34.69
C HIS A 524 35.02 -3.14 -35.01
N ARG A 525 33.80 -3.31 -35.52
CA ARG A 525 33.24 -4.62 -35.77
C ARG A 525 33.27 -5.00 -37.25
N LEU A 526 33.98 -4.24 -38.07
CA LEU A 526 34.17 -4.46 -39.49
C LEU A 526 35.53 -5.08 -39.76
N PRO A 527 35.60 -6.00 -40.73
CA PRO A 527 36.90 -6.58 -41.15
C PRO A 527 37.63 -5.67 -42.14
N LEU A 528 38.28 -4.64 -41.58
CA LEU A 528 38.96 -3.65 -42.42
C LEU A 528 40.09 -4.29 -43.22
N HIS A 529 40.78 -5.26 -42.61
CA HIS A 529 41.83 -6.00 -43.29
C HIS A 529 41.30 -6.88 -44.41
N ALA A 530 40.00 -7.10 -44.49
CA ALA A 530 39.40 -7.98 -45.48
C ALA A 530 38.57 -7.21 -46.51
N ALA A 531 38.87 -5.94 -46.70
CA ALA A 531 38.18 -5.17 -47.73
C ALA A 531 38.51 -5.71 -49.11
N MET A 532 37.48 -5.82 -49.95
CA MET A 532 37.59 -6.50 -51.24
C MET A 532 37.38 -5.51 -52.37
N LYS A 533 38.34 -5.46 -53.29
CA LYS A 533 38.25 -4.61 -54.47
C LYS A 533 38.11 -5.50 -55.70
N SER A 534 37.14 -5.17 -56.55
CA SER A 534 36.88 -5.96 -57.75
C SER A 534 38.03 -5.86 -58.74
N SER A 538 37.44 -9.51 -63.42
CA SER A 538 36.61 -10.30 -62.52
C SER A 538 37.42 -10.82 -61.33
N ASN A 539 38.72 -10.51 -61.33
CA ASN A 539 39.57 -10.87 -60.21
C ASN A 539 39.25 -10.03 -58.99
N ILE A 540 39.56 -10.57 -57.81
CA ILE A 540 39.26 -9.93 -56.54
C ILE A 540 40.55 -9.79 -55.76
N GLU A 541 40.78 -8.62 -55.18
CA GLU A 541 41.94 -8.34 -54.37
C GLU A 541 41.52 -8.02 -52.94
N ILE A 542 42.06 -8.78 -51.99
CA ILE A 542 41.79 -8.57 -50.58
C ILE A 542 42.89 -7.68 -50.00
N PHE A 543 42.53 -6.92 -48.96
CA PHE A 543 43.47 -5.95 -48.41
C PHE A 543 44.70 -6.63 -47.81
N TRP A 544 44.52 -7.78 -47.15
CA TRP A 544 45.66 -8.42 -46.50
C TRP A 544 46.70 -8.94 -47.49
N GLU A 545 46.36 -9.02 -48.78
CA GLU A 545 47.32 -9.39 -49.81
C GLU A 545 48.39 -8.33 -50.01
N ARG A 546 48.19 -7.12 -49.50
CA ARG A 546 49.13 -6.01 -49.67
C ARG A 546 49.73 -5.51 -48.37
N HIS A 547 48.99 -5.54 -47.26
CA HIS A 547 49.48 -5.02 -46.00
C HIS A 547 49.14 -5.99 -44.88
N ALA A 548 49.91 -5.92 -43.80
CA ALA A 548 49.63 -6.64 -42.58
C ALA A 548 49.07 -5.68 -41.55
N SER A 549 47.94 -6.04 -40.96
CA SER A 549 47.15 -5.12 -40.16
C SER A 549 47.23 -5.45 -38.68
N ARG A 550 47.20 -4.40 -37.85
CA ARG A 550 46.96 -4.52 -36.42
C ARG A 550 45.78 -3.63 -36.06
N TYR A 551 45.30 -3.78 -34.83
CA TYR A 551 44.16 -3.01 -34.35
C TYR A 551 44.43 -2.50 -32.95
N LEU A 552 43.99 -1.27 -32.69
CA LEU A 552 44.00 -0.69 -31.35
C LEU A 552 42.62 -0.09 -31.09
N PRO A 553 42.05 -0.29 -29.90
CA PRO A 553 40.79 0.39 -29.58
C PRO A 553 40.89 1.90 -29.59
N ALA A 554 42.06 2.44 -29.21
CA ALA A 554 42.31 3.87 -29.20
C ALA A 554 43.81 4.08 -29.29
N TRP A 555 44.20 5.29 -29.69
CA TRP A 555 45.63 5.59 -29.75
C TRP A 555 46.23 5.76 -28.36
N HIS A 556 45.44 6.17 -27.38
CA HIS A 556 45.99 6.38 -26.05
C HIS A 556 46.25 5.07 -25.31
N LEU A 557 45.99 3.92 -25.93
CA LEU A 557 46.40 2.62 -25.41
C LEU A 557 47.76 2.19 -25.96
N PHE A 558 48.40 3.02 -26.76
CA PHE A 558 49.66 2.68 -27.41
C PHE A 558 50.80 2.65 -26.41
N ASP A 559 51.12 1.46 -25.90
CA ASP A 559 52.22 1.28 -24.93
C ASP A 559 52.98 0.01 -25.30
N PRO A 560 53.83 0.08 -26.33
CA PRO A 560 54.57 -1.12 -26.76
C PRO A 560 55.48 -1.64 -25.65
N ALA A 561 55.58 -2.95 -25.57
CA ALA A 561 56.43 -3.62 -24.61
C ALA A 561 57.06 -4.85 -25.25
N PRO A 562 58.25 -5.25 -24.80
CA PRO A 562 58.82 -6.51 -25.30
C PRO A 562 57.98 -7.71 -24.87
N TYR A 563 58.04 -8.76 -25.67
CA TYR A 563 57.29 -9.97 -25.37
C TYR A 563 57.79 -10.60 -24.07
N SER A 564 57.05 -11.59 -23.59
CA SER A 564 57.42 -12.30 -22.38
C SER A 564 58.53 -13.30 -22.69
N ARG A 565 59.67 -13.15 -21.99
CA ARG A 565 60.80 -14.06 -22.21
C ARG A 565 60.48 -15.47 -21.75
N GLU A 566 59.69 -15.62 -20.70
CA GLU A 566 59.25 -16.93 -20.25
C GLU A 566 58.54 -17.66 -21.36
N GLU A 567 58.87 -18.93 -21.55
CA GLU A 567 58.28 -19.77 -22.59
C GLU A 567 57.33 -20.77 -21.92
N SER A 568 56.03 -20.58 -22.15
CA SER A 568 55.01 -21.46 -21.61
C SER A 568 53.69 -21.15 -22.31
N SER A 569 52.95 -22.20 -22.65
CA SER A 569 51.69 -22.08 -23.37
C SER A 569 50.58 -22.71 -22.53
N THR A 570 49.41 -22.07 -22.55
CA THR A 570 48.25 -22.53 -21.81
C THR A 570 47.05 -22.58 -22.74
N LEU A 571 46.16 -23.55 -22.52
CA LEU A 571 44.93 -23.69 -23.30
C LEU A 571 43.79 -23.88 -22.33
N LEU A 572 43.16 -22.78 -21.92
CA LEU A 572 42.01 -22.81 -21.03
C LEU A 572 40.76 -23.05 -21.86
N LYS A 573 40.27 -24.28 -21.85
CA LYS A 573 39.20 -24.71 -22.74
C LYS A 573 37.94 -25.01 -21.93
N ASN A 574 36.83 -24.40 -22.31
CA ASN A 574 35.51 -24.73 -21.78
C ASN A 574 34.52 -24.82 -22.94
N PHE A 575 34.89 -25.59 -23.95
CA PHE A 575 34.17 -25.65 -25.21
C PHE A 575 33.92 -27.12 -25.55
N GLU A 576 32.77 -27.65 -25.11
CA GLU A 576 32.48 -29.07 -25.28
C GLU A 576 31.96 -29.43 -26.66
N GLU A 577 31.55 -28.46 -27.47
CA GLU A 577 31.02 -28.78 -28.80
C GLU A 577 32.08 -29.43 -29.68
N TYR A 578 33.33 -28.95 -29.59
CA TYR A 578 34.38 -29.37 -30.50
C TYR A 578 35.63 -29.72 -29.71
N ASP A 579 36.42 -30.63 -30.24
CA ASP A 579 37.71 -31.02 -29.67
C ASP A 579 38.82 -30.62 -30.64
N PHE A 580 39.70 -29.72 -30.20
CA PHE A 580 40.73 -29.15 -31.06
C PHE A 580 41.90 -30.11 -31.12
N GLN A 581 42.02 -30.82 -32.24
CA GLN A 581 43.03 -31.86 -32.35
C GLN A 581 44.44 -31.30 -32.36
N ASN A 582 44.70 -30.30 -33.21
CA ASN A 582 46.06 -29.79 -33.36
C ASN A 582 46.51 -28.96 -32.17
N LEU A 583 45.58 -28.48 -31.35
CA LEU A 583 45.90 -27.61 -30.22
C LEU A 583 46.00 -28.38 -28.90
N GLU A 584 45.04 -29.26 -28.62
CA GLU A 584 45.05 -29.98 -27.35
C GLU A 584 46.22 -30.96 -27.26
N ASN A 585 46.49 -31.69 -28.34
CA ASN A 585 47.63 -32.62 -28.36
C ASN A 585 48.85 -31.88 -28.84
N GLY A 586 49.76 -31.58 -27.91
CA GLY A 586 50.98 -30.86 -28.26
C GLY A 586 51.69 -30.39 -27.01
N GLU A 587 52.56 -29.40 -27.19
CA GLU A 587 53.33 -28.83 -26.09
C GLU A 587 52.52 -27.85 -25.25
N ILE A 588 51.28 -27.57 -25.64
CA ILE A 588 50.43 -26.61 -24.93
C ILE A 588 49.69 -27.35 -23.82
N GLU A 589 49.77 -26.81 -22.60
CA GLU A 589 48.97 -27.33 -21.50
C GLU A 589 47.49 -27.10 -21.74
N VAL A 590 46.68 -28.09 -21.40
CA VAL A 590 45.24 -28.07 -21.67
C VAL A 590 44.52 -28.20 -20.33
N TYR A 591 44.03 -27.08 -19.80
CA TYR A 591 43.34 -27.08 -18.51
C TYR A 591 41.83 -27.08 -18.71
N ALA A 592 41.33 -28.15 -19.34
CA ALA A 592 39.92 -28.26 -19.69
C ALA A 592 39.24 -29.29 -18.81
N PRO A 593 38.01 -29.04 -18.36
CA PRO A 593 37.22 -27.81 -18.55
C PRO A 593 37.71 -26.68 -17.64
N SER A 594 37.46 -25.43 -18.00
CA SER A 594 38.04 -24.28 -17.33
C SER A 594 37.02 -23.60 -16.43
N SER A 595 37.44 -23.27 -15.22
CA SER A 595 36.65 -22.55 -14.23
C SER A 595 37.30 -21.21 -13.92
N PRO A 596 36.55 -20.27 -13.34
CA PRO A 596 37.16 -18.97 -13.00
C PRO A 596 38.41 -19.06 -12.16
N LYS A 597 38.47 -20.00 -11.21
CA LYS A 597 39.69 -20.17 -10.43
C LYS A 597 40.86 -20.58 -11.31
N LYS A 598 40.62 -21.47 -12.27
CA LYS A 598 41.68 -21.90 -13.17
C LYS A 598 42.16 -20.74 -14.05
N VAL A 599 41.23 -19.91 -14.54
CA VAL A 599 41.61 -18.79 -15.38
C VAL A 599 42.47 -17.80 -14.58
N LYS A 600 42.06 -17.51 -13.34
CA LYS A 600 42.80 -16.54 -12.53
C LYS A 600 44.22 -17.04 -12.25
N GLU A 601 44.37 -18.34 -11.98
CA GLU A 601 45.71 -18.89 -11.74
C GLU A 601 46.60 -18.76 -12.97
N ALA A 602 46.05 -19.05 -14.16
CA ALA A 602 46.84 -19.00 -15.37
C ALA A 602 47.26 -17.57 -15.70
N ILE A 603 46.44 -16.58 -15.34
CA ILE A 603 46.76 -15.19 -15.63
C ILE A 603 47.95 -14.72 -14.81
N ARG A 604 48.06 -15.20 -13.57
CA ARG A 604 49.10 -14.74 -12.65
C ARG A 604 50.48 -15.29 -12.96
N GLU A 605 50.60 -16.31 -13.82
CA GLU A 605 51.89 -16.93 -14.09
C GLU A 605 52.57 -16.38 -15.34
N ASN A 606 51.94 -15.44 -16.04
CA ASN A 606 52.50 -14.75 -17.21
C ASN A 606 52.93 -15.72 -18.30
N PRO A 607 51.99 -16.41 -18.95
CA PRO A 607 52.38 -17.33 -20.02
C PRO A 607 52.77 -16.60 -21.28
N ALA A 608 53.69 -17.20 -22.04
CA ALA A 608 54.06 -16.64 -23.34
C ALA A 608 52.88 -16.66 -24.30
N ILE A 609 52.13 -17.77 -24.32
CA ILE A 609 50.96 -17.94 -25.15
C ILE A 609 49.82 -18.42 -24.27
N LEU A 610 48.67 -17.77 -24.38
CA LEU A 610 47.48 -18.16 -23.63
C LEU A 610 46.31 -18.29 -24.59
N LEU A 611 45.65 -19.43 -24.57
CA LEU A 611 44.44 -19.67 -25.35
C LEU A 611 43.26 -19.84 -24.41
N LEU A 612 42.19 -19.09 -24.68
CA LEU A 612 40.98 -19.12 -23.86
C LEU A 612 39.82 -19.42 -24.79
N LEU A 613 39.46 -20.71 -24.89
CA LEU A 613 38.38 -21.16 -25.75
C LEU A 613 37.17 -21.45 -24.87
N CYS A 614 36.11 -20.69 -25.06
CA CYS A 614 34.90 -20.81 -24.27
C CYS A 614 33.80 -19.99 -24.92
N HIS A 615 32.65 -19.91 -24.26
CA HIS A 615 31.54 -19.07 -24.65
C HIS A 615 31.49 -17.85 -23.72
N GLY A 616 30.57 -16.94 -24.02
CA GLY A 616 30.40 -15.76 -23.20
C GLY A 616 29.00 -15.22 -23.34
N GLU A 617 28.63 -14.35 -22.40
CA GLU A 617 27.32 -13.73 -22.38
C GLU A 617 27.47 -12.22 -22.39
N ALA A 618 26.64 -11.57 -23.21
CA ALA A 618 26.69 -10.13 -23.40
C ALA A 618 25.61 -9.44 -22.58
N ASP A 619 25.98 -8.31 -21.98
CA ASP A 619 25.04 -7.44 -21.28
C ASP A 619 24.89 -6.17 -22.11
N MET A 620 23.71 -5.98 -22.72
CA MET A 620 23.48 -4.77 -23.50
C MET A 620 23.56 -3.52 -22.63
N THR A 621 23.03 -3.59 -21.42
CA THR A 621 22.88 -2.39 -20.61
C THR A 621 24.20 -1.96 -19.99
N ASN A 622 25.01 -2.92 -19.54
CA ASN A 622 26.22 -2.63 -18.78
C ASN A 622 27.32 -3.58 -19.22
N PRO A 623 28.28 -3.12 -20.02
CA PRO A 623 29.35 -4.01 -20.50
C PRO A 623 30.22 -4.59 -19.39
N PHE A 624 30.23 -4.01 -18.19
CA PHE A 624 31.07 -4.55 -17.13
C PHE A 624 30.51 -5.82 -16.52
N ARG A 625 29.25 -6.14 -16.77
CA ARG A 625 28.65 -7.36 -16.27
C ARG A 625 28.57 -8.48 -17.31
N SER A 626 29.03 -8.23 -18.53
CA SER A 626 29.17 -9.31 -19.50
C SER A 626 30.18 -10.33 -19.00
N CYS A 627 29.86 -11.60 -19.15
CA CYS A 627 30.59 -12.67 -18.47
C CYS A 627 31.07 -13.74 -19.43
N LEU A 628 32.19 -14.36 -19.05
CA LEU A 628 32.68 -15.56 -19.72
C LEU A 628 31.98 -16.78 -19.13
N LYS A 629 31.37 -17.58 -20.00
CA LYS A 629 30.67 -18.79 -19.55
C LYS A 629 31.71 -19.88 -19.32
N LEU A 630 31.99 -20.16 -18.06
CA LEU A 630 32.99 -21.13 -17.65
C LEU A 630 32.31 -22.29 -16.93
N LYS A 631 33.13 -23.15 -16.33
CA LYS A 631 32.64 -24.35 -15.66
C LYS A 631 32.11 -23.99 -14.27
N ASN A 632 30.81 -24.17 -14.06
CA ASN A 632 30.09 -24.00 -12.81
C ASN A 632 30.00 -22.54 -12.35
N LYS A 633 30.63 -21.61 -13.06
CA LYS A 633 30.56 -20.20 -12.69
C LYS A 633 30.81 -19.35 -13.94
N ASP A 634 30.45 -18.08 -13.83
CA ASP A 634 30.68 -17.09 -14.88
C ASP A 634 31.67 -16.05 -14.37
N MET A 635 32.46 -15.50 -15.28
CA MET A 635 33.46 -14.48 -14.95
C MET A 635 33.13 -13.23 -15.75
N THR A 636 32.66 -12.20 -15.07
CA THR A 636 32.29 -10.95 -15.72
C THR A 636 33.53 -10.18 -16.18
N ILE A 637 33.31 -9.19 -17.04
CA ILE A 637 34.41 -8.32 -17.45
C ILE A 637 34.98 -7.57 -16.25
N PHE A 638 34.11 -7.09 -15.36
CA PHE A 638 34.58 -6.44 -14.16
C PHE A 638 35.38 -7.40 -13.28
N ASP A 639 35.08 -8.70 -13.34
CA ASP A 639 35.92 -9.68 -12.66
C ASP A 639 37.32 -9.72 -13.24
N LEU A 640 37.44 -9.74 -14.57
CA LEU A 640 38.76 -9.78 -15.20
C LEU A 640 39.58 -8.54 -14.86
N LEU A 641 38.96 -7.37 -14.88
CA LEU A 641 39.67 -6.13 -14.61
C LEU A 641 40.16 -6.03 -13.17
N THR A 642 39.54 -6.76 -12.25
CA THR A 642 39.80 -6.59 -10.82
C THR A 642 40.63 -7.73 -10.22
N VAL A 643 41.22 -8.58 -11.06
CA VAL A 643 42.07 -9.64 -10.54
C VAL A 643 43.39 -9.05 -10.06
N GLU A 644 43.81 -9.42 -8.85
CA GLU A 644 45.04 -8.91 -8.27
C GLU A 644 46.22 -9.79 -8.64
N ASP A 645 47.41 -9.19 -8.62
CA ASP A 645 48.66 -9.87 -8.95
C ASP A 645 48.61 -10.47 -10.35
N VAL A 646 48.28 -9.63 -11.33
CA VAL A 646 48.20 -10.04 -12.73
C VAL A 646 49.45 -9.56 -13.44
N ARG A 647 50.15 -10.48 -14.09
CA ARG A 647 51.29 -10.17 -14.95
C ARG A 647 51.01 -10.76 -16.32
N LEU A 648 50.77 -9.91 -17.31
CA LEU A 648 50.55 -10.35 -18.68
C LEU A 648 51.29 -9.47 -19.67
N SER A 649 52.36 -8.82 -19.23
CA SER A 649 53.17 -8.01 -20.13
C SER A 649 53.77 -8.90 -21.22
N GLY A 650 53.61 -8.48 -22.47
CA GLY A 650 54.16 -9.24 -23.58
C GLY A 650 53.62 -10.64 -23.71
N SER A 651 52.41 -10.90 -23.21
CA SER A 651 51.78 -12.21 -23.32
C SER A 651 50.80 -12.18 -24.48
N ARG A 652 50.98 -13.10 -25.42
CA ARG A 652 50.11 -13.20 -26.59
C ARG A 652 48.92 -14.10 -26.25
N ILE A 653 47.72 -13.54 -26.36
CA ILE A 653 46.50 -14.19 -25.93
C ILE A 653 45.64 -14.46 -27.16
N LEU A 654 45.12 -15.69 -27.26
CA LEU A 654 44.26 -16.08 -28.36
C LEU A 654 42.89 -16.44 -27.80
N LEU A 655 41.85 -15.82 -28.32
CA LEU A 655 40.51 -15.95 -27.80
C LEU A 655 39.60 -16.66 -28.78
N GLY A 656 38.69 -17.47 -28.24
CA GLY A 656 37.78 -18.24 -29.06
C GLY A 656 36.52 -17.50 -29.43
N ALA A 657 35.36 -18.11 -29.16
CA ALA A 657 34.08 -17.52 -29.50
C ALA A 657 33.56 -16.56 -28.44
N CYS A 658 34.23 -16.47 -27.29
CA CYS A 658 33.77 -15.56 -26.24
C CYS A 658 33.84 -14.11 -26.66
N GLU A 659 34.80 -13.75 -27.53
CA GLU A 659 34.96 -12.35 -27.93
C GLU A 659 33.72 -11.84 -28.65
N SER A 660 33.20 -12.62 -29.60
CA SER A 660 31.99 -12.21 -30.31
C SER A 660 30.72 -12.45 -29.50
N ASP A 661 30.77 -13.33 -28.50
CA ASP A 661 29.58 -13.60 -27.70
C ASP A 661 29.26 -12.48 -26.73
N MET A 662 30.28 -11.73 -26.30
CA MET A 662 30.12 -10.74 -25.25
C MET A 662 29.99 -9.32 -25.77
N VAL A 663 29.77 -9.15 -27.07
CA VAL A 663 29.50 -7.84 -27.66
C VAL A 663 28.04 -7.81 -28.09
N PRO A 664 27.25 -6.86 -27.63
CA PRO A 664 25.84 -6.81 -27.99
C PRO A 664 25.67 -6.49 -29.46
N PRO A 665 24.48 -6.73 -30.03
CA PRO A 665 24.19 -6.23 -31.36
C PRO A 665 24.24 -4.71 -31.39
N LEU A 666 24.63 -4.17 -32.54
CA LEU A 666 24.77 -2.73 -32.70
C LEU A 666 23.41 -2.05 -32.73
N GLU A 667 23.35 -0.86 -32.14
CA GLU A 667 22.16 -0.03 -32.20
C GLU A 667 22.42 1.36 -32.77
N PHE A 668 23.58 1.95 -32.50
CA PHE A 668 23.96 3.23 -33.07
C PHE A 668 25.33 3.10 -33.72
N SER A 669 25.57 3.91 -34.76
CA SER A 669 26.80 3.81 -35.52
C SER A 669 28.02 4.29 -34.76
N VAL A 670 27.85 5.01 -33.66
CA VAL A 670 28.97 5.55 -32.90
C VAL A 670 29.08 4.90 -31.52
N ASP A 671 28.45 3.75 -31.33
CA ASP A 671 28.50 3.05 -30.05
C ASP A 671 29.70 2.11 -30.01
N GLU A 672 30.34 2.03 -28.84
CA GLU A 672 31.46 1.14 -28.62
C GLU A 672 31.20 0.34 -27.35
N HIS A 673 31.54 -0.94 -27.39
CA HIS A 673 31.30 -1.83 -26.26
C HIS A 673 32.61 -2.48 -25.84
N LEU A 674 32.80 -2.59 -24.52
CA LEU A 674 33.98 -3.23 -23.97
C LEU A 674 33.81 -4.75 -23.97
N SER A 675 34.85 -5.45 -24.39
CA SER A 675 34.83 -6.91 -24.42
C SER A 675 36.10 -7.48 -23.79
N VAL A 676 36.33 -8.78 -23.99
CA VAL A 676 37.44 -9.46 -23.34
C VAL A 676 38.78 -8.90 -23.82
N SER A 677 38.86 -8.52 -25.10
CA SER A 677 40.10 -7.98 -25.63
C SER A 677 40.49 -6.69 -24.92
N GLY A 678 39.52 -5.83 -24.62
CA GLY A 678 39.81 -4.66 -23.82
C GLY A 678 40.19 -5.00 -22.39
N ALA A 679 39.58 -6.05 -21.84
CA ALA A 679 39.93 -6.49 -20.49
C ALA A 679 41.36 -7.01 -20.43
N PHE A 680 41.82 -7.66 -21.50
CA PHE A 680 43.19 -8.17 -21.53
C PHE A 680 44.21 -7.10 -21.88
N LEU A 681 43.84 -6.13 -22.73
CA LEU A 681 44.75 -5.01 -22.99
C LEU A 681 44.98 -4.17 -21.74
N SER A 682 44.00 -4.14 -20.83
CA SER A 682 44.17 -3.42 -19.58
C SER A 682 45.26 -4.04 -18.73
N HIS A 683 45.54 -5.34 -18.90
CA HIS A 683 46.63 -6.00 -18.22
C HIS A 683 47.92 -6.02 -19.03
N LYS A 684 48.08 -5.07 -19.96
CA LYS A 684 49.32 -4.89 -20.72
C LYS A 684 49.69 -6.13 -21.54
N ALA A 685 48.68 -6.83 -22.02
CA ALA A 685 48.91 -7.95 -22.92
C ALA A 685 49.49 -7.47 -24.25
N GLY A 686 50.48 -8.19 -24.76
CA GLY A 686 51.16 -7.79 -25.98
C GLY A 686 50.28 -7.83 -27.21
N GLU A 687 49.84 -9.03 -27.59
CA GLU A 687 48.97 -9.22 -28.73
C GLU A 687 47.74 -10.01 -28.30
N ILE A 688 46.62 -9.75 -28.96
CA ILE A 688 45.38 -10.48 -28.75
C ILE A 688 44.82 -10.84 -30.11
N VAL A 689 44.55 -12.12 -30.33
CA VAL A 689 43.96 -12.59 -31.58
C VAL A 689 42.53 -13.02 -31.27
N ALA A 690 41.58 -12.44 -31.98
CA ALA A 690 40.17 -12.74 -31.78
C ALA A 690 39.42 -12.50 -33.08
N GLY A 691 38.27 -13.14 -33.20
CA GLY A 691 37.43 -13.02 -34.38
C GLY A 691 36.33 -11.99 -34.17
N LEU A 692 35.98 -11.30 -35.26
CA LEU A 692 34.92 -10.32 -35.20
C LEU A 692 33.56 -11.00 -35.01
N TRP A 693 33.27 -12.03 -35.81
CA TRP A 693 32.08 -12.84 -35.62
C TRP A 693 32.50 -14.22 -35.11
N THR A 694 31.51 -15.08 -34.90
CA THR A 694 31.78 -16.41 -34.37
C THR A 694 32.67 -17.19 -35.33
N VAL A 695 33.69 -17.84 -34.79
CA VAL A 695 34.75 -18.46 -35.56
C VAL A 695 34.53 -19.97 -35.58
N ASP A 696 34.63 -20.56 -36.77
CA ASP A 696 34.51 -22.01 -36.91
C ASP A 696 35.57 -22.71 -36.08
N SER A 697 35.15 -23.73 -35.33
CA SER A 697 36.05 -24.40 -34.40
C SER A 697 37.22 -25.07 -35.11
N GLU A 698 36.95 -25.70 -36.26
CA GLU A 698 38.03 -26.36 -37.00
C GLU A 698 39.06 -25.34 -37.49
N LYS A 699 38.61 -24.20 -38.01
CA LYS A 699 39.53 -23.16 -38.44
C LYS A 699 40.29 -22.55 -37.26
N VAL A 700 39.65 -22.43 -36.10
CA VAL A 700 40.35 -21.97 -34.91
C VAL A 700 41.48 -22.93 -34.57
N ASP A 701 41.23 -24.23 -34.71
CA ASP A 701 42.29 -25.21 -34.47
C ASP A 701 43.44 -25.02 -35.44
N GLU A 702 43.14 -24.87 -36.73
CA GLU A 702 44.17 -24.72 -37.74
C GLU A 702 44.93 -23.40 -37.59
N CYS A 703 44.18 -22.30 -37.47
CA CYS A 703 44.80 -20.98 -37.44
C CYS A 703 45.64 -20.79 -36.17
N TYR A 704 45.07 -21.12 -35.02
CA TYR A 704 45.79 -20.87 -33.76
C TYR A 704 46.99 -21.79 -33.62
N SER A 705 46.93 -22.99 -34.22
CA SER A 705 48.09 -23.87 -34.19
C SER A 705 49.28 -23.27 -34.90
N TYR A 706 49.05 -22.70 -36.09
CA TYR A 706 50.15 -22.13 -36.86
C TYR A 706 50.76 -20.93 -36.15
N LEU A 707 49.94 -20.11 -35.51
CA LEU A 707 50.44 -18.92 -34.82
C LEU A 707 51.32 -19.31 -33.64
N VAL A 708 50.90 -20.31 -32.86
CA VAL A 708 51.67 -20.72 -31.69
C VAL A 708 52.99 -21.37 -32.11
N GLU A 709 52.97 -22.13 -33.21
CA GLU A 709 54.18 -22.79 -33.67
C GLU A 709 55.23 -21.78 -34.12
N GLU A 710 54.83 -20.77 -34.87
CA GLU A 710 55.77 -19.85 -35.49
C GLU A 710 56.03 -18.59 -34.67
N LYS A 711 55.11 -18.23 -33.76
CA LYS A 711 55.32 -17.18 -32.76
C LYS A 711 55.48 -15.79 -33.39
N ASP A 712 55.01 -15.58 -34.62
CA ASP A 712 55.08 -14.28 -35.29
C ASP A 712 53.69 -13.95 -35.82
N PHE A 713 52.84 -13.41 -34.94
CA PHE A 713 51.42 -13.32 -35.27
C PHE A 713 51.16 -12.38 -36.44
N LEU A 714 51.87 -11.24 -36.48
CA LEU A 714 51.65 -10.29 -37.56
C LEU A 714 51.96 -10.90 -38.92
N ARG A 715 53.10 -11.57 -39.04
CA ARG A 715 53.46 -12.20 -40.31
C ARG A 715 52.65 -13.45 -40.58
N ASN A 716 52.49 -14.31 -39.56
CA ASN A 716 51.86 -15.61 -39.78
C ASN A 716 50.40 -15.46 -40.18
N LEU A 717 49.67 -14.54 -39.56
CA LEU A 717 48.26 -14.39 -39.89
C LEU A 717 48.08 -13.94 -41.33
N GLN A 718 48.92 -13.02 -41.81
CA GLN A 718 48.85 -12.64 -43.21
C GLN A 718 49.17 -13.81 -44.12
N GLU A 719 50.17 -14.62 -43.76
CA GLU A 719 50.50 -15.80 -44.55
C GLU A 719 49.36 -16.81 -44.53
N TRP A 720 48.79 -17.07 -43.36
CA TRP A 720 47.69 -18.02 -43.26
C TRP A 720 46.47 -17.55 -44.03
N GLN A 721 46.16 -16.26 -43.94
CA GLN A 721 45.01 -15.72 -44.66
C GLN A 721 45.21 -15.82 -46.17
N MET A 722 46.45 -15.60 -46.64
CA MET A 722 46.72 -15.71 -48.07
C MET A 722 46.74 -17.17 -48.52
N ALA A 723 47.24 -18.06 -47.66
CA ALA A 723 47.22 -19.49 -47.98
C ALA A 723 45.80 -20.00 -48.12
N GLU A 724 44.90 -19.57 -47.24
CA GLU A 724 43.49 -19.87 -47.38
C GLU A 724 42.82 -19.07 -48.48
N THR A 725 43.37 -17.90 -48.83
CA THR A 725 42.81 -17.12 -49.93
C THR A 725 42.93 -17.85 -51.26
N GLU A 726 44.02 -18.61 -51.44
CA GLU A 726 44.19 -19.36 -52.68
C GLU A 726 43.06 -20.37 -52.87
N ASN A 727 42.66 -21.05 -51.79
CA ASN A 727 41.50 -21.93 -51.88
C ASN A 727 40.24 -21.15 -52.24
N PHE A 728 40.05 -19.99 -51.61
CA PHE A 728 38.89 -19.16 -51.93
C PHE A 728 38.94 -18.64 -53.36
N ARG A 729 40.15 -18.34 -53.85
CA ARG A 729 40.28 -17.81 -55.20
C ARG A 729 39.79 -18.80 -56.25
N SER A 730 40.02 -20.09 -56.03
CA SER A 730 39.66 -21.09 -57.04
C SER A 730 38.15 -21.20 -57.20
N GLU A 731 37.40 -21.08 -56.11
CA GLU A 731 35.96 -21.29 -56.13
C GLU A 731 35.13 -20.04 -55.89
N ASN A 732 35.70 -18.99 -55.30
CA ASN A 732 34.97 -17.75 -54.99
C ASN A 732 33.73 -18.03 -54.15
N ASP A 733 33.86 -18.94 -53.19
CA ASP A 733 32.75 -19.31 -52.33
C ASP A 733 32.80 -18.47 -51.04
N SER A 734 31.66 -17.86 -50.71
CA SER A 734 31.57 -17.03 -49.52
C SER A 734 31.75 -17.83 -48.23
N SER A 735 31.53 -19.14 -48.28
CA SER A 735 31.57 -19.94 -47.05
C SER A 735 32.98 -20.02 -46.49
N LEU A 736 33.98 -20.15 -47.36
CA LEU A 736 35.36 -20.21 -46.88
C LEU A 736 35.83 -18.85 -46.39
N PHE A 737 35.49 -17.78 -47.11
CA PHE A 737 35.89 -16.44 -46.71
C PHE A 737 35.28 -16.07 -45.36
N TYR A 738 34.07 -16.54 -45.09
CA TYR A 738 33.44 -16.31 -43.79
C TYR A 738 34.27 -16.85 -42.64
N LYS A 739 35.12 -17.85 -42.89
CA LYS A 739 35.86 -18.52 -41.82
C LYS A 739 37.26 -17.96 -41.59
N ILE A 740 37.83 -17.23 -42.55
CA ILE A 740 39.21 -16.78 -42.44
C ILE A 740 39.24 -15.27 -42.17
N ALA A 741 38.26 -14.56 -42.72
CA ALA A 741 38.15 -13.13 -42.47
C ALA A 741 38.07 -12.73 -41.00
N PRO A 742 37.35 -13.43 -40.10
CA PRO A 742 37.12 -12.86 -38.76
C PRO A 742 38.37 -12.60 -37.96
N PHE A 743 39.44 -13.36 -38.18
CA PHE A 743 40.60 -13.30 -37.28
C PHE A 743 41.36 -11.99 -37.49
N ARG A 744 41.69 -11.33 -36.37
CA ARG A 744 42.45 -10.09 -36.40
C ARG A 744 43.29 -9.99 -35.15
N ILE A 745 44.34 -9.18 -35.23
CA ILE A 745 45.29 -8.99 -34.13
C ILE A 745 45.01 -7.65 -33.48
N ILE A 746 44.92 -7.64 -32.16
CA ILE A 746 44.63 -6.45 -31.38
C ILE A 746 45.82 -6.21 -30.45
N GLY A 747 46.34 -4.99 -30.49
CA GLY A 747 47.51 -4.65 -29.69
C GLY A 747 48.71 -4.39 -30.56
N PHE A 748 49.62 -3.55 -30.05
CA PHE A 748 50.82 -3.14 -30.77
C PHE A 748 52.04 -3.43 -29.91
N PRO A 749 52.64 -4.62 -30.04
CA PRO A 749 53.84 -4.93 -29.27
C PRO A 749 55.06 -4.23 -29.85
N ALA A 750 56.07 -4.07 -29.00
CA ALA A 750 57.32 -3.42 -29.40
C ALA A 750 58.06 -4.24 -30.44
N MET B 1 -13.55 -3.78 -64.73
CA MET B 1 -13.87 -5.15 -64.35
C MET B 1 -13.20 -5.52 -63.02
N THR B 2 -14.02 -5.79 -62.02
CA THR B 2 -13.51 -6.16 -60.71
C THR B 2 -14.37 -7.28 -60.13
N THR B 3 -13.78 -8.02 -59.20
CA THR B 3 -14.47 -9.05 -58.44
C THR B 3 -14.40 -8.67 -56.97
N THR B 4 -15.55 -8.63 -56.31
CA THR B 4 -15.61 -8.30 -54.90
C THR B 4 -15.52 -9.58 -54.08
N MET B 5 -14.69 -9.55 -53.04
CA MET B 5 -14.48 -10.69 -52.16
C MET B 5 -14.98 -10.30 -50.77
N LYS B 6 -16.12 -10.86 -50.37
CA LYS B 6 -16.68 -10.56 -49.05
C LYS B 6 -15.76 -11.10 -47.97
N ILE B 7 -15.36 -10.21 -47.06
CA ILE B 7 -14.41 -10.53 -46.01
C ILE B 7 -15.10 -10.35 -44.67
N SER B 8 -14.97 -11.35 -43.80
CA SER B 8 -15.40 -11.23 -42.43
C SER B 8 -14.25 -11.65 -41.54
N ILE B 9 -14.07 -10.95 -40.43
CA ILE B 9 -13.04 -11.30 -39.45
C ILE B 9 -13.74 -11.57 -38.13
N GLU B 10 -13.49 -12.74 -37.57
CA GLU B 10 -14.07 -13.17 -36.31
C GLU B 10 -13.00 -13.08 -35.24
N PHE B 11 -13.20 -12.19 -34.28
CA PHE B 11 -12.23 -12.02 -33.22
C PHE B 11 -12.43 -13.09 -32.15
N LEU B 12 -11.34 -13.75 -31.76
CA LEU B 12 -11.34 -14.74 -30.70
C LEU B 12 -10.94 -14.14 -29.37
N GLU B 13 -10.63 -12.85 -29.33
CA GLU B 13 -10.16 -12.15 -28.15
C GLU B 13 -10.74 -10.74 -28.16
N PRO B 14 -10.74 -10.08 -27.00
CA PRO B 14 -11.04 -8.63 -27.00
C PRO B 14 -10.01 -7.88 -27.83
N PHE B 15 -10.50 -7.10 -28.79
CA PHE B 15 -9.60 -6.33 -29.64
C PHE B 15 -9.47 -4.90 -29.12
N ARG B 16 -8.38 -4.24 -29.55
CA ARG B 16 -8.04 -2.91 -29.09
C ARG B 16 -8.50 -1.85 -30.08
N MET B 17 -9.01 -0.75 -29.56
CA MET B 17 -9.53 0.35 -30.35
C MET B 17 -8.85 1.64 -29.93
N THR B 18 -8.62 2.53 -30.88
CA THR B 18 -7.91 3.76 -30.58
C THR B 18 -8.88 4.89 -30.29
N LYS B 19 -8.43 5.81 -29.44
CA LYS B 19 -9.25 6.95 -29.03
C LYS B 19 -9.46 7.91 -30.19
N TRP B 20 -10.69 8.43 -30.30
CA TRP B 20 -11.03 9.34 -31.38
C TRP B 20 -10.28 10.66 -31.24
N GLN B 21 -9.89 11.25 -32.38
CA GLN B 21 -9.18 12.50 -32.38
C GLN B 21 -9.63 13.36 -33.56
N GLU B 22 -9.39 14.65 -33.44
CA GLU B 22 -9.76 15.61 -34.47
C GLU B 22 -8.93 15.41 -35.73
N SER B 23 -9.54 15.70 -36.87
CA SER B 23 -8.85 15.54 -38.15
C SER B 23 -7.66 16.47 -38.27
N THR B 24 -7.56 17.48 -37.41
CA THR B 24 -6.36 18.31 -37.35
C THR B 24 -5.19 17.55 -36.74
N ARG B 25 -5.47 16.51 -35.94
CA ARG B 25 -4.44 15.80 -35.20
C ARG B 25 -4.17 14.41 -35.77
N ARG B 26 -4.66 14.11 -36.97
CA ARG B 26 -4.47 12.79 -37.57
C ARG B 26 -3.28 12.81 -38.54
N ASN B 27 -2.11 13.10 -37.98
CA ASN B 27 -0.89 13.22 -38.75
C ASN B 27 0.26 12.59 -37.98
N LYS B 28 1.41 12.48 -38.64
CA LYS B 28 2.58 11.82 -38.07
C LYS B 28 3.19 12.60 -36.92
N ASN B 29 2.81 13.86 -36.72
CA ASN B 29 3.34 14.65 -35.62
C ASN B 29 2.62 14.37 -34.30
N ASN B 30 1.47 13.74 -34.34
CA ASN B 30 0.70 13.38 -33.15
C ASN B 30 1.10 11.98 -32.73
N LYS B 31 1.69 11.86 -31.53
CA LYS B 31 2.15 10.56 -31.07
C LYS B 31 1.00 9.59 -30.86
N GLU B 32 -0.10 10.06 -30.30
CA GLU B 32 -1.21 9.17 -29.95
C GLU B 32 -1.84 8.56 -31.21
N PHE B 33 -1.99 9.36 -32.26
CA PHE B 33 -2.58 8.85 -33.49
C PHE B 33 -1.68 7.82 -34.14
N VAL B 34 -0.37 8.06 -34.13
CA VAL B 34 0.58 7.10 -34.70
C VAL B 34 0.65 5.83 -33.86
N ARG B 35 0.59 5.97 -32.53
CA ARG B 35 0.68 4.81 -31.66
C ARG B 35 -0.52 3.88 -31.82
N GLY B 36 -1.68 4.43 -32.20
CA GLY B 36 -2.87 3.61 -32.30
C GLY B 36 -3.19 3.12 -33.70
N GLN B 37 -2.18 3.14 -34.58
CA GLN B 37 -2.42 2.83 -35.99
C GLN B 37 -2.71 1.35 -36.24
N ALA B 38 -2.31 0.48 -35.32
CA ALA B 38 -2.58 -0.95 -35.44
C ALA B 38 -3.86 -1.37 -34.74
N PHE B 39 -4.58 -0.45 -34.11
CA PHE B 39 -5.81 -0.75 -33.41
C PHE B 39 -7.01 -0.50 -34.31
N ALA B 40 -8.19 -0.76 -33.76
CA ALA B 40 -9.43 -0.33 -34.40
C ALA B 40 -9.68 1.15 -34.13
N ARG B 41 -10.52 1.75 -34.95
CA ARG B 41 -10.81 3.17 -34.88
C ARG B 41 -12.26 3.41 -34.53
N TRP B 42 -12.50 4.40 -33.66
CA TRP B 42 -13.86 4.83 -33.39
C TRP B 42 -14.24 5.91 -34.39
N HIS B 43 -15.46 5.81 -34.90
CA HIS B 43 -16.03 6.80 -35.80
C HIS B 43 -17.09 7.60 -35.07
N ARG B 44 -17.07 8.92 -35.25
CA ARG B 44 -18.11 9.80 -34.73
C ARG B 44 -19.02 10.22 -35.88
N ASN B 45 -20.33 10.06 -35.70
CA ASN B 45 -21.26 10.57 -36.69
C ASN B 45 -21.15 12.09 -36.82
N LYS B 46 -21.02 12.79 -35.70
CA LYS B 46 -20.79 14.22 -35.68
C LYS B 46 -19.63 14.50 -34.75
N LYS B 47 -18.81 15.48 -35.14
CA LYS B 47 -17.61 15.81 -34.38
C LYS B 47 -17.93 16.23 -32.96
N ASP B 48 -19.10 16.84 -32.73
CA ASP B 48 -19.41 17.42 -31.43
C ASP B 48 -19.58 16.34 -30.36
N ASN B 49 -20.41 15.34 -30.63
CA ASN B 49 -20.69 14.31 -29.64
C ASN B 49 -20.02 12.99 -30.02
N THR B 50 -19.98 12.08 -29.05
CA THR B 50 -19.21 10.85 -29.13
C THR B 50 -19.95 9.71 -29.83
N LYS B 51 -21.17 9.94 -30.31
CA LYS B 51 -21.96 8.88 -30.91
C LYS B 51 -21.31 8.40 -32.22
N GLY B 52 -21.42 7.11 -32.47
CA GLY B 52 -20.88 6.51 -33.69
C GLY B 52 -20.75 5.01 -33.55
N ARG B 53 -19.70 4.47 -34.17
CA ARG B 53 -19.46 3.03 -34.21
C ARG B 53 -18.00 2.76 -34.53
N PRO B 54 -17.46 1.61 -34.13
CA PRO B 54 -16.09 1.26 -34.49
C PRO B 54 -16.00 0.66 -35.89
N TYR B 55 -14.79 0.74 -36.45
CA TYR B 55 -14.49 0.16 -37.75
C TYR B 55 -13.01 -0.15 -37.82
N ILE B 56 -12.63 -0.92 -38.83
CA ILE B 56 -11.25 -1.33 -39.06
C ILE B 56 -10.86 -0.90 -40.46
N THR B 57 -9.71 -0.24 -40.60
CA THR B 57 -9.27 0.24 -41.90
C THR B 57 -8.76 -0.91 -42.77
N GLY B 58 -9.04 -0.81 -44.07
CA GLY B 58 -8.49 -1.77 -45.02
C GLY B 58 -7.01 -1.65 -45.20
N THR B 59 -6.42 -0.51 -44.84
CA THR B 59 -4.97 -0.36 -44.85
C THR B 59 -4.33 -1.24 -43.78
N LEU B 60 -4.93 -1.29 -42.59
CA LEU B 60 -4.40 -2.15 -41.53
C LEU B 60 -4.49 -3.62 -41.93
N LEU B 61 -5.60 -4.02 -42.55
CA LEU B 61 -5.72 -5.40 -43.03
C LEU B 61 -4.69 -5.68 -44.14
N ARG B 62 -4.53 -4.75 -45.08
CA ARG B 62 -3.58 -4.93 -46.16
C ARG B 62 -2.16 -5.08 -45.63
N SER B 63 -1.83 -4.36 -44.58
CA SER B 63 -0.49 -4.46 -43.99
C SER B 63 -0.24 -5.86 -43.46
N ALA B 64 -1.24 -6.46 -42.80
CA ALA B 64 -1.07 -7.79 -42.23
C ALA B 64 -1.03 -8.87 -43.31
N VAL B 65 -1.78 -8.67 -44.39
CA VAL B 65 -1.76 -9.62 -45.51
C VAL B 65 -0.39 -9.62 -46.17
N ILE B 66 0.21 -8.43 -46.35
CA ILE B 66 1.53 -8.34 -46.97
C ILE B 66 2.57 -9.03 -46.12
N ARG B 67 2.48 -8.90 -44.80
CA ARG B 67 3.42 -9.56 -43.91
C ARG B 67 3.27 -11.07 -43.98
N SER B 68 2.03 -11.56 -44.10
CA SER B 68 1.82 -13.00 -44.23
C SER B 68 2.29 -13.53 -45.58
N ALA B 69 2.16 -12.73 -46.64
CA ALA B 69 2.63 -13.16 -47.95
C ALA B 69 4.14 -13.39 -47.96
N GLU B 70 4.88 -12.52 -47.29
CA GLU B 70 6.33 -12.66 -47.24
C GLU B 70 6.73 -13.95 -46.53
N ASN B 71 6.03 -14.31 -45.46
CA ASN B 71 6.30 -15.57 -44.77
C ASN B 71 5.96 -16.78 -45.65
N LEU B 72 4.85 -16.71 -46.38
CA LEU B 72 4.50 -17.81 -47.27
C LEU B 72 5.48 -17.93 -48.42
N LEU B 73 5.95 -16.80 -48.96
CA LEU B 73 6.92 -16.85 -50.07
C LEU B 73 8.27 -17.36 -49.61
N THR B 74 8.61 -17.19 -48.34
CA THR B 74 9.83 -17.79 -47.82
C THR B 74 9.72 -19.31 -47.76
N LEU B 75 8.56 -19.82 -47.34
CA LEU B 75 8.36 -21.26 -47.23
C LEU B 75 8.36 -21.93 -48.60
N SER B 76 7.80 -21.26 -49.60
CA SER B 76 7.75 -21.80 -50.96
C SER B 76 8.96 -21.40 -51.78
N ASP B 77 9.95 -20.76 -51.17
CA ASP B 77 11.14 -20.26 -51.86
C ASP B 77 10.77 -19.28 -52.96
N GLY B 78 9.77 -18.44 -52.69
CA GLY B 78 9.37 -17.41 -53.63
C GLY B 78 8.56 -17.87 -54.81
N LYS B 79 8.04 -19.10 -54.79
CA LYS B 79 7.31 -19.66 -55.91
C LYS B 79 5.83 -19.82 -55.53
N ILE B 80 4.96 -19.27 -56.35
CA ILE B 80 3.52 -19.53 -56.29
C ILE B 80 3.14 -20.20 -57.60
N SER B 81 2.80 -21.48 -57.53
CA SER B 81 2.56 -22.31 -58.72
C SER B 81 3.83 -22.30 -59.56
N GLU B 82 3.78 -21.93 -60.83
CA GLU B 82 4.96 -21.93 -61.69
C GLU B 82 5.62 -20.56 -61.79
N LYS B 83 5.10 -19.55 -61.11
CA LYS B 83 5.67 -18.21 -61.15
C LYS B 83 6.59 -17.98 -59.95
N THR B 84 7.64 -17.21 -60.19
CA THR B 84 8.57 -16.80 -59.15
C THR B 84 8.35 -15.33 -58.83
N CYS B 85 8.61 -14.95 -57.59
CA CYS B 85 8.28 -13.62 -57.11
C CYS B 85 9.54 -12.78 -56.86
N CYS B 86 9.36 -11.47 -57.00
CA CYS B 86 10.39 -10.50 -56.64
C CYS B 86 10.54 -10.43 -55.13
N PRO B 87 11.61 -9.80 -54.64
CA PRO B 87 11.61 -9.36 -53.24
C PRO B 87 10.58 -8.28 -52.96
N GLY B 88 10.09 -7.59 -53.98
CA GLY B 88 9.22 -6.43 -53.83
C GLY B 88 10.01 -5.15 -53.64
N LYS B 89 9.35 -4.03 -53.90
CA LYS B 89 9.95 -2.72 -53.69
C LYS B 89 9.31 -2.10 -52.45
N PHE B 90 10.16 -1.63 -51.54
CA PHE B 90 9.71 -1.00 -50.30
C PHE B 90 10.55 0.24 -50.02
N ASP B 91 10.74 1.07 -51.04
CA ASP B 91 11.57 2.27 -50.96
C ASP B 91 10.89 3.36 -51.78
N THR B 92 10.59 4.49 -51.13
CA THR B 92 10.01 5.65 -51.81
C THR B 92 10.82 6.87 -51.45
N GLU B 93 11.03 7.76 -52.43
CA GLU B 93 11.89 8.92 -52.21
C GLU B 93 11.19 9.98 -51.37
N ASP B 94 9.89 10.16 -51.54
CA ASP B 94 9.12 11.12 -50.76
C ASP B 94 8.60 10.42 -49.51
N LYS B 95 9.50 10.25 -48.53
CA LYS B 95 9.15 9.57 -47.29
C LYS B 95 8.30 10.41 -46.36
N ASP B 96 8.10 11.69 -46.68
CA ASP B 96 7.29 12.55 -45.83
C ASP B 96 5.79 12.29 -45.99
N ARG B 97 5.36 11.91 -47.20
CA ARG B 97 3.94 11.69 -47.44
C ARG B 97 3.40 10.47 -46.70
N LEU B 98 4.26 9.54 -46.31
CA LEU B 98 3.80 8.31 -45.69
C LEU B 98 3.61 8.49 -44.19
N LEU B 99 2.43 8.09 -43.70
CA LEU B 99 2.15 8.17 -42.27
C LEU B 99 3.15 7.35 -41.46
N GLN B 100 3.45 6.13 -41.92
CA GLN B 100 4.36 5.24 -41.23
C GLN B 100 5.32 4.62 -42.23
N LEU B 101 6.55 4.39 -41.77
CA LEU B 101 7.58 3.71 -42.54
C LEU B 101 7.89 2.38 -41.89
N ARG B 102 8.18 1.37 -42.71
CA ARG B 102 8.51 0.06 -42.19
C ARG B 102 9.79 0.11 -41.38
N GLN B 103 9.72 -0.37 -40.13
CA GLN B 103 10.89 -0.48 -39.28
C GLN B 103 11.46 -1.88 -39.22
N ARG B 104 10.64 -2.90 -39.41
CA ARG B 104 11.14 -4.27 -39.46
C ARG B 104 11.89 -4.49 -40.77
N SER B 105 12.61 -5.61 -40.82
CA SER B 105 13.33 -6.00 -42.01
C SER B 105 12.43 -6.85 -42.91
N THR B 106 12.49 -6.60 -44.21
CA THR B 106 11.73 -7.39 -45.16
C THR B 106 12.33 -8.78 -45.30
N LEU B 107 11.45 -9.78 -45.43
CA LEU B 107 11.92 -11.15 -45.60
C LEU B 107 12.52 -11.34 -46.99
N ARG B 108 13.52 -12.21 -47.08
CA ARG B 108 14.29 -12.41 -48.30
C ARG B 108 14.15 -13.85 -48.76
N TRP B 109 13.76 -14.04 -50.01
CA TRP B 109 13.71 -15.37 -50.62
C TRP B 109 14.44 -15.45 -51.95
N THR B 110 14.98 -14.35 -52.45
CA THR B 110 15.77 -14.35 -53.67
C THR B 110 16.74 -13.18 -53.62
N ASP B 111 17.78 -13.25 -54.45
CA ASP B 111 18.75 -12.17 -54.58
C ASP B 111 18.48 -11.26 -55.77
N LYS B 112 17.45 -11.55 -56.56
CA LYS B 112 17.19 -10.79 -57.77
C LYS B 112 16.61 -9.42 -57.44
N ASN B 113 16.75 -8.51 -58.40
CA ASN B 113 16.23 -7.16 -58.25
C ASN B 113 14.71 -7.16 -58.41
N PRO B 114 14.02 -6.20 -57.80
CA PRO B 114 12.56 -6.15 -57.93
C PRO B 114 12.10 -5.89 -59.36
N CYS B 115 10.79 -5.94 -59.59
CA CYS B 115 10.27 -5.63 -60.90
C CYS B 115 10.57 -4.17 -61.25
N PRO B 116 10.85 -3.86 -62.50
CA PRO B 116 11.04 -2.46 -62.88
C PRO B 116 9.78 -1.64 -62.66
N ASP B 117 9.96 -0.34 -62.42
CA ASP B 117 8.81 0.53 -62.21
C ASP B 117 7.91 0.55 -63.44
N ASN B 118 8.49 0.63 -64.63
CA ASN B 118 7.73 0.59 -65.88
C ASN B 118 7.98 -0.78 -66.50
N ALA B 119 7.14 -1.74 -66.13
CA ALA B 119 7.29 -3.12 -66.56
C ALA B 119 5.99 -3.59 -67.22
N GLU B 120 6.13 -4.43 -68.24
CA GLU B 120 4.96 -5.00 -68.89
C GLU B 120 4.21 -5.94 -67.95
N THR B 121 4.95 -6.74 -67.19
CA THR B 121 4.37 -7.71 -66.28
C THR B 121 5.04 -7.61 -64.91
N TYR B 122 4.26 -7.87 -63.87
CA TYR B 122 4.73 -7.89 -62.49
C TYR B 122 4.51 -9.27 -61.90
N CYS B 123 5.39 -9.68 -60.99
CA CYS B 123 5.26 -10.97 -60.35
C CYS B 123 4.07 -10.96 -59.39
N PRO B 124 3.58 -12.14 -58.99
CA PRO B 124 2.40 -12.16 -58.10
C PRO B 124 2.57 -11.42 -56.79
N PHE B 125 3.80 -11.32 -56.26
CA PHE B 125 3.99 -10.59 -55.02
C PHE B 125 3.95 -9.08 -55.24
N CYS B 126 4.45 -8.62 -56.39
CA CYS B 126 4.31 -7.19 -56.72
C CYS B 126 2.87 -6.85 -57.04
N GLU B 127 2.09 -7.79 -57.57
CA GLU B 127 0.67 -7.54 -57.81
C GLU B 127 -0.09 -7.35 -56.51
N LEU B 128 0.28 -8.10 -55.47
CA LEU B 128 -0.37 -7.93 -54.18
C LEU B 128 -0.09 -6.55 -53.59
N LEU B 129 1.17 -6.08 -53.71
CA LEU B 129 1.56 -4.80 -53.13
C LEU B 129 0.86 -3.62 -53.78
N GLY B 130 0.35 -3.78 -54.99
CA GLY B 130 -0.24 -2.69 -55.72
C GLY B 130 0.67 -2.06 -56.76
N ARG B 131 1.86 -2.62 -56.99
CA ARG B 131 2.78 -2.11 -57.99
C ARG B 131 2.38 -2.63 -59.38
N SER B 132 1.13 -2.42 -59.73
CA SER B 132 0.61 -2.93 -60.99
C SER B 132 -0.67 -2.22 -61.41
N PHE B 146 -6.93 0.93 -58.58
CA PHE B 146 -6.56 -0.15 -57.68
C PHE B 146 -6.61 -1.51 -58.37
N ARG B 147 -5.61 -2.35 -58.10
CA ARG B 147 -5.63 -3.74 -58.54
C ARG B 147 -6.25 -4.64 -57.49
N ILE B 148 -5.70 -4.62 -56.27
CA ILE B 148 -6.27 -5.33 -55.13
C ILE B 148 -6.61 -4.25 -54.10
N HIS B 149 -7.88 -3.85 -54.05
CA HIS B 149 -8.33 -2.79 -53.16
C HIS B 149 -8.94 -3.39 -51.90
N PHE B 150 -8.54 -2.86 -50.76
CA PHE B 150 -9.04 -3.29 -49.46
C PHE B 150 -10.02 -2.25 -48.93
N GLY B 151 -11.20 -2.70 -48.52
CA GLY B 151 -12.16 -1.81 -47.91
C GLY B 151 -12.11 -1.84 -46.39
N ASN B 152 -12.84 -0.91 -45.78
CA ASN B 152 -12.95 -0.89 -44.33
C ASN B 152 -13.78 -2.07 -43.83
N LEU B 153 -13.53 -2.47 -42.59
CA LEU B 153 -14.24 -3.56 -41.94
C LEU B 153 -15.14 -2.98 -40.86
N SER B 154 -16.44 -3.23 -40.99
CA SER B 154 -17.45 -2.60 -40.15
C SER B 154 -18.35 -3.66 -39.52
N LEU B 155 -18.92 -3.31 -38.38
CA LEU B 155 -19.90 -4.17 -37.75
C LEU B 155 -21.11 -4.34 -38.68
N PRO B 156 -21.67 -5.55 -38.78
CA PRO B 156 -22.80 -5.75 -39.68
C PRO B 156 -24.03 -4.98 -39.22
N GLY B 157 -24.67 -4.30 -40.16
CA GLY B 157 -25.85 -3.51 -39.89
C GLY B 157 -25.61 -2.05 -39.59
N LYS B 158 -24.36 -1.64 -39.41
CA LYS B 158 -24.00 -0.26 -39.11
C LYS B 158 -24.76 0.32 -37.92
N PRO B 159 -24.66 -0.29 -36.74
CA PRO B 159 -25.38 0.22 -35.58
C PRO B 159 -24.72 1.48 -35.03
N ASP B 160 -25.41 2.11 -34.09
CA ASP B 160 -24.91 3.30 -33.42
C ASP B 160 -24.86 3.10 -31.92
N PHE B 161 -23.92 3.79 -31.28
CA PHE B 161 -23.71 3.68 -29.84
C PHE B 161 -23.44 5.09 -29.30
N ASP B 162 -23.75 5.27 -28.02
CA ASP B 162 -23.63 6.61 -27.42
C ASP B 162 -22.20 7.13 -27.50
N GLY B 163 -21.22 6.27 -27.26
CA GLY B 163 -19.83 6.66 -27.35
C GLY B 163 -18.94 5.45 -27.30
N PRO B 164 -17.64 5.68 -27.18
CA PRO B 164 -16.70 4.56 -27.04
C PRO B 164 -16.97 3.67 -25.83
N LYS B 165 -17.53 4.24 -24.75
CA LYS B 165 -17.76 3.45 -23.54
C LYS B 165 -19.01 2.58 -23.62
N ALA B 166 -19.81 2.72 -24.67
CA ALA B 166 -20.96 1.86 -24.86
C ALA B 166 -20.59 0.50 -25.43
N ILE B 167 -19.40 0.35 -26.00
CA ILE B 167 -18.95 -0.93 -26.53
C ILE B 167 -17.74 -1.48 -25.81
N GLY B 168 -16.99 -0.67 -25.06
CA GLY B 168 -15.78 -1.17 -24.45
C GLY B 168 -15.27 -0.19 -23.43
N SER B 169 -14.21 -0.61 -22.74
CA SER B 169 -13.64 0.14 -21.63
C SER B 169 -12.17 0.40 -21.87
N GLN B 170 -11.71 1.60 -21.56
CA GLN B 170 -10.28 1.87 -21.55
C GLN B 170 -9.61 1.14 -20.40
N ARG B 171 -8.41 0.64 -20.66
CA ARG B 171 -7.59 0.02 -19.64
C ARG B 171 -6.16 0.51 -19.80
N VAL B 172 -5.49 0.74 -18.67
CA VAL B 172 -4.09 1.13 -18.70
C VAL B 172 -3.24 -0.11 -18.94
N LEU B 173 -2.37 -0.04 -19.95
CA LEU B 173 -1.37 -1.05 -20.22
C LEU B 173 -0.01 -0.43 -19.93
N ASN B 174 0.66 -0.92 -18.90
CA ASN B 174 1.91 -0.28 -18.50
C ASN B 174 3.11 -1.05 -19.05
N ARG B 175 4.26 -0.40 -18.97
CA ARG B 175 5.54 -1.03 -19.26
C ARG B 175 6.32 -1.07 -17.97
N VAL B 176 6.67 -2.26 -17.53
CA VAL B 176 7.38 -2.45 -16.26
C VAL B 176 8.87 -2.52 -16.54
N ASP B 177 9.64 -1.73 -15.83
CA ASP B 177 11.09 -1.82 -15.91
C ASP B 177 11.56 -3.15 -15.33
N PHE B 178 12.35 -3.88 -16.11
CA PHE B 178 12.73 -5.23 -15.74
C PHE B 178 13.59 -5.26 -14.48
N LYS B 179 14.51 -4.31 -14.34
CA LYS B 179 15.44 -4.35 -13.22
C LYS B 179 14.77 -3.98 -11.90
N SER B 180 13.95 -2.94 -11.90
CA SER B 180 13.32 -2.49 -10.66
C SER B 180 12.03 -3.24 -10.34
N GLY B 181 11.38 -3.82 -11.34
CA GLY B 181 10.10 -4.46 -11.12
C GLY B 181 8.93 -3.52 -11.05
N LYS B 182 9.12 -2.26 -11.38
CA LYS B 182 8.10 -1.22 -11.26
C LYS B 182 7.91 -0.56 -12.61
N ALA B 183 6.66 -0.22 -12.92
CA ALA B 183 6.38 0.56 -14.11
C ALA B 183 6.85 1.99 -13.93
N HIS B 184 7.33 2.59 -15.02
CA HIS B 184 7.63 4.02 -15.02
C HIS B 184 6.90 4.76 -16.13
N ASP B 185 6.16 4.08 -16.98
CA ASP B 185 5.26 4.73 -17.93
C ASP B 185 4.18 3.73 -18.32
N PHE B 186 3.17 4.22 -19.01
CA PHE B 186 2.05 3.38 -19.43
C PHE B 186 1.39 3.99 -20.64
N PHE B 187 0.43 3.27 -21.20
CA PHE B 187 -0.43 3.79 -22.25
C PHE B 187 -1.80 3.17 -22.06
N LYS B 188 -2.79 3.72 -22.76
CA LYS B 188 -4.18 3.30 -22.63
C LYS B 188 -4.71 2.84 -23.97
N ALA B 189 -5.71 1.95 -23.92
CA ALA B 189 -6.43 1.53 -25.11
C ALA B 189 -7.81 1.07 -24.70
N TYR B 190 -8.75 1.22 -25.62
CA TYR B 190 -10.09 0.64 -25.46
C TYR B 190 -10.03 -0.85 -25.77
N GLU B 191 -10.63 -1.65 -24.91
CA GLU B 191 -10.78 -3.08 -25.13
C GLU B 191 -12.25 -3.37 -25.40
N VAL B 192 -12.54 -3.93 -26.58
CA VAL B 192 -13.90 -4.25 -26.98
C VAL B 192 -14.03 -5.76 -26.97
N ASP B 193 -14.93 -6.27 -26.14
CA ASP B 193 -15.04 -7.72 -25.94
C ASP B 193 -15.53 -8.40 -27.21
N HIS B 194 -14.91 -9.54 -27.53
CA HIS B 194 -15.30 -10.28 -28.73
C HIS B 194 -16.63 -10.98 -28.56
N THR B 195 -17.03 -11.26 -27.33
CA THR B 195 -18.30 -11.93 -27.09
C THR B 195 -19.49 -11.03 -27.42
N ARG B 196 -19.31 -9.71 -27.40
CA ARG B 196 -20.35 -8.76 -27.74
C ARG B 196 -20.28 -8.29 -29.19
N PHE B 197 -19.08 -8.05 -29.70
CA PHE B 197 -18.86 -7.58 -31.07
C PHE B 197 -17.82 -8.50 -31.70
N PRO B 198 -18.23 -9.67 -32.18
CA PRO B 198 -17.27 -10.66 -32.68
C PRO B 198 -16.86 -10.46 -34.12
N ARG B 199 -17.71 -9.86 -34.93
CA ARG B 199 -17.60 -9.94 -36.38
C ARG B 199 -17.57 -8.56 -36.99
N PHE B 200 -16.56 -8.32 -37.84
CA PHE B 200 -16.50 -7.17 -38.73
C PHE B 200 -16.52 -7.68 -40.16
N GLU B 201 -17.30 -7.02 -41.02
CA GLU B 201 -17.42 -7.45 -42.40
C GLU B 201 -16.87 -6.37 -43.32
N GLY B 202 -16.37 -6.80 -44.47
CA GLY B 202 -15.78 -5.89 -45.42
C GLY B 202 -15.67 -6.54 -46.78
N GLU B 203 -15.10 -5.79 -47.72
CA GLU B 203 -14.94 -6.23 -49.09
C GLU B 203 -13.52 -5.97 -49.56
N ILE B 204 -12.91 -6.99 -50.16
CA ILE B 204 -11.66 -6.84 -50.88
C ILE B 204 -12.00 -6.85 -52.37
N THR B 205 -11.61 -5.79 -53.07
CA THR B 205 -11.91 -5.64 -54.49
C THR B 205 -10.67 -6.02 -55.30
N ILE B 206 -10.82 -6.95 -56.22
CA ILE B 206 -9.72 -7.48 -57.01
C ILE B 206 -10.01 -7.22 -58.47
N ASP B 207 -9.05 -6.59 -59.15
CA ASP B 207 -9.18 -6.36 -60.59
C ASP B 207 -9.08 -7.69 -61.33
N ASN B 208 -9.78 -7.77 -62.47
CA ASN B 208 -9.73 -8.98 -63.28
C ASN B 208 -8.36 -9.23 -63.90
N LYS B 209 -7.56 -8.19 -64.09
CA LYS B 209 -6.23 -8.35 -64.65
C LYS B 209 -5.24 -8.96 -63.66
N VAL B 210 -5.65 -9.14 -62.41
CA VAL B 210 -4.80 -9.83 -61.44
C VAL B 210 -4.73 -11.30 -61.80
N SER B 211 -3.52 -11.86 -61.77
CA SER B 211 -3.32 -13.26 -62.13
C SER B 211 -3.88 -14.19 -61.06
N ALA B 212 -4.02 -15.46 -61.42
CA ALA B 212 -4.48 -16.47 -60.48
C ALA B 212 -3.46 -16.72 -59.38
N GLU B 213 -2.17 -16.69 -59.71
CA GLU B 213 -1.14 -16.93 -58.71
C GLU B 213 -1.14 -15.86 -57.64
N ALA B 214 -1.47 -14.61 -58.03
CA ALA B 214 -1.56 -13.54 -57.04
C ALA B 214 -2.75 -13.73 -56.11
N ARG B 215 -3.89 -14.15 -56.66
CA ARG B 215 -5.07 -14.39 -55.84
C ARG B 215 -4.85 -15.58 -54.91
N LYS B 216 -4.16 -16.62 -55.39
CA LYS B 216 -3.82 -17.75 -54.54
C LYS B 216 -2.91 -17.31 -53.39
N LEU B 217 -1.95 -16.42 -53.67
CA LEU B 217 -1.14 -15.86 -52.60
C LEU B 217 -1.96 -15.02 -51.65
N LEU B 218 -2.94 -14.28 -52.17
CA LEU B 218 -3.81 -13.47 -51.31
C LEU B 218 -4.68 -14.33 -50.41
N CYS B 219 -5.36 -15.32 -50.98
CA CYS B 219 -6.26 -16.15 -50.19
C CYS B 219 -5.50 -16.95 -49.14
N ASP B 220 -4.34 -17.50 -49.51
CA ASP B 220 -3.51 -18.20 -48.54
C ASP B 220 -3.00 -17.26 -47.45
N SER B 221 -2.82 -15.98 -47.78
CA SER B 221 -2.34 -15.01 -46.79
C SER B 221 -3.43 -14.63 -45.81
N LEU B 222 -4.69 -14.60 -46.27
CA LEU B 222 -5.81 -14.32 -45.37
C LEU B 222 -5.97 -15.44 -44.35
N LYS B 223 -5.85 -16.69 -44.79
CA LYS B 223 -5.92 -17.81 -43.85
C LYS B 223 -4.70 -17.84 -42.93
N PHE B 224 -3.56 -17.37 -43.42
CA PHE B 224 -2.33 -17.34 -42.62
C PHE B 224 -2.34 -16.20 -41.62
N THR B 225 -3.07 -15.12 -41.91
CA THR B 225 -3.15 -13.98 -41.01
C THR B 225 -3.97 -14.33 -39.79
N ASP B 226 -3.33 -14.38 -38.62
CA ASP B 226 -3.96 -14.90 -37.43
C ASP B 226 -4.26 -13.85 -36.36
N ARG B 227 -3.79 -12.62 -36.53
CA ARG B 227 -4.07 -11.59 -35.54
C ARG B 227 -4.28 -10.25 -36.24
N LEU B 228 -5.08 -9.41 -35.60
CA LEU B 228 -5.38 -8.08 -36.10
C LEU B 228 -5.97 -7.26 -34.95
N CYS B 229 -5.55 -6.00 -34.86
CA CYS B 229 -6.00 -5.09 -33.80
C CYS B 229 -5.72 -5.63 -32.41
N GLY B 230 -4.68 -6.45 -32.28
CA GLY B 230 -4.28 -6.99 -30.99
C GLY B 230 -4.97 -8.27 -30.58
N ALA B 231 -5.79 -8.87 -31.44
CA ALA B 231 -6.56 -10.04 -31.08
C ALA B 231 -6.42 -11.12 -32.16
N LEU B 232 -6.37 -12.37 -31.72
CA LEU B 232 -6.39 -13.50 -32.63
C LEU B 232 -7.71 -13.53 -33.40
N CYS B 233 -7.66 -13.92 -34.67
CA CYS B 233 -8.81 -13.77 -35.54
C CYS B 233 -8.83 -14.86 -36.59
N VAL B 234 -10.01 -15.04 -37.18
CA VAL B 234 -10.22 -15.93 -38.31
C VAL B 234 -10.83 -15.10 -39.43
N ILE B 235 -10.13 -15.01 -40.55
CA ILE B 235 -10.56 -14.21 -41.69
C ILE B 235 -11.11 -15.17 -42.73
N ARG B 236 -12.41 -15.06 -43.02
CA ARG B 236 -13.09 -15.92 -43.97
C ARG B 236 -13.52 -15.12 -45.18
N PHE B 237 -13.42 -15.72 -46.35
CA PHE B 237 -13.77 -15.08 -47.61
C PHE B 237 -14.67 -16.01 -48.41
N ASP B 238 -15.72 -15.45 -49.00
CA ASP B 238 -16.66 -16.19 -49.81
C ASP B 238 -17.60 -15.24 -50.55
N ASN B 260 -33.26 3.99 -10.43
CA ASN B 260 -32.73 4.99 -9.50
C ASN B 260 -32.95 4.56 -8.05
N LEU B 261 -33.17 3.26 -7.85
CA LEU B 261 -33.41 2.75 -6.50
C LEU B 261 -32.22 3.01 -5.60
N ALA B 262 -31.00 2.78 -6.12
CA ALA B 262 -29.81 3.04 -5.32
C ALA B 262 -29.66 4.53 -5.01
N GLU B 263 -30.01 5.39 -5.97
CA GLU B 263 -29.95 6.83 -5.73
C GLU B 263 -30.93 7.24 -4.64
N LYS B 264 -32.17 6.73 -4.70
CA LYS B 264 -33.17 7.12 -3.73
C LYS B 264 -32.92 6.45 -2.38
N THR B 265 -32.52 5.18 -2.39
CA THR B 265 -32.20 4.50 -1.13
C THR B 265 -31.03 5.16 -0.43
N ALA B 266 -30.09 5.70 -1.21
CA ALA B 266 -28.96 6.40 -0.59
C ALA B 266 -29.43 7.62 0.20
N GLU B 267 -30.40 8.37 -0.36
CA GLU B 267 -30.90 9.54 0.31
C GLU B 267 -31.68 9.19 1.57
N GLN B 268 -32.50 8.12 1.51
CA GLN B 268 -33.23 7.69 2.70
C GLN B 268 -32.27 7.29 3.80
N ILE B 269 -31.24 6.52 3.45
CA ILE B 269 -30.27 6.08 4.45
C ILE B 269 -29.50 7.28 5.02
N ILE B 270 -29.07 8.19 4.17
CA ILE B 270 -28.32 9.36 4.63
C ILE B 270 -29.20 10.23 5.52
N SER B 271 -30.45 10.46 5.12
CA SER B 271 -31.35 11.25 5.94
C SER B 271 -31.59 10.59 7.29
N ILE B 272 -31.78 9.27 7.29
CA ILE B 272 -31.94 8.53 8.55
C ILE B 272 -30.70 8.70 9.42
N LEU B 273 -29.52 8.59 8.81
CA LEU B 273 -28.28 8.77 9.57
C LEU B 273 -28.17 10.19 10.12
N ASP B 274 -28.54 11.19 9.33
CA ASP B 274 -28.38 12.57 9.77
C ASP B 274 -29.45 12.96 10.79
N ASP B 275 -30.69 12.49 10.59
CA ASP B 275 -31.74 12.79 11.56
C ASP B 275 -31.42 12.18 12.92
N ASN B 276 -30.90 10.96 12.94
CA ASN B 276 -30.62 10.24 14.17
C ASN B 276 -29.22 10.52 14.70
N LYS B 277 -28.50 11.45 14.09
CA LYS B 277 -27.17 11.86 14.54
C LYS B 277 -26.20 10.67 14.58
N LYS B 278 -26.29 9.81 13.56
CA LYS B 278 -25.38 8.68 13.40
C LYS B 278 -24.68 8.83 12.05
N THR B 279 -23.63 9.64 12.03
CA THR B 279 -22.85 9.86 10.81
C THR B 279 -21.44 9.28 10.91
N GLU B 280 -21.01 8.85 12.09
CA GLU B 280 -19.75 8.15 12.22
C GLU B 280 -19.76 6.78 11.57
N TYR B 281 -20.94 6.28 11.18
CA TYR B 281 -21.10 4.96 10.59
C TYR B 281 -21.33 5.01 9.08
N THR B 282 -21.13 6.17 8.45
CA THR B 282 -21.42 6.28 7.02
C THR B 282 -20.49 5.40 6.19
N ARG B 283 -19.21 5.37 6.54
CA ARG B 283 -18.25 4.55 5.79
C ARG B 283 -18.44 3.07 6.09
N LEU B 284 -18.64 2.72 7.35
CA LEU B 284 -18.85 1.32 7.71
C LEU B 284 -20.10 0.76 7.04
N LEU B 285 -21.17 1.56 7.00
CA LEU B 285 -22.40 1.13 6.34
C LEU B 285 -22.19 0.96 4.83
N ALA B 286 -21.40 1.85 4.22
CA ALA B 286 -21.13 1.75 2.79
C ALA B 286 -20.33 0.49 2.45
N ASP B 287 -19.33 0.17 3.27
CA ASP B 287 -18.55 -1.05 3.05
C ASP B 287 -19.40 -2.29 3.28
N ALA B 288 -20.22 -2.30 4.32
CA ALA B 288 -21.03 -3.48 4.63
C ALA B 288 -22.12 -3.69 3.59
N ILE B 289 -22.72 -2.60 3.09
CA ILE B 289 -23.74 -2.74 2.06
C ILE B 289 -23.13 -3.23 0.75
N ARG B 290 -21.91 -2.77 0.45
CA ARG B 290 -21.25 -3.25 -0.76
C ARG B 290 -20.94 -4.74 -0.68
N SER B 291 -20.61 -5.24 0.51
CA SER B 291 -20.34 -6.67 0.67
C SER B 291 -21.59 -7.53 0.49
N LEU B 292 -22.77 -6.93 0.45
CA LEU B 292 -24.00 -7.67 0.26
C LEU B 292 -24.25 -8.07 -1.18
N ARG B 293 -23.45 -7.58 -2.13
CA ARG B 293 -23.63 -7.90 -3.54
C ARG B 293 -23.45 -9.38 -3.84
N ARG B 294 -22.84 -10.13 -2.91
CA ARG B 294 -22.65 -11.57 -3.11
C ARG B 294 -23.99 -12.29 -3.28
N SER B 295 -24.95 -12.00 -2.40
CA SER B 295 -26.31 -12.52 -2.53
C SER B 295 -27.24 -11.68 -1.69
N SER B 296 -28.50 -11.55 -2.15
CA SER B 296 -29.50 -10.82 -1.39
C SER B 296 -29.99 -11.59 -0.18
N LYS B 297 -29.71 -12.88 -0.08
CA LYS B 297 -30.06 -13.65 1.11
C LYS B 297 -29.28 -13.21 2.33
N LEU B 298 -28.24 -12.40 2.16
CA LEU B 298 -27.52 -11.85 3.30
C LEU B 298 -28.35 -10.83 4.08
N VAL B 299 -29.32 -10.19 3.42
CA VAL B 299 -30.17 -9.22 4.11
C VAL B 299 -31.03 -9.91 5.16
N ALA B 300 -31.59 -11.07 4.82
CA ALA B 300 -32.43 -11.80 5.77
C ALA B 300 -31.65 -12.32 6.96
N GLY B 301 -30.33 -12.44 6.84
CA GLY B 301 -29.51 -12.92 7.93
C GLY B 301 -28.72 -11.84 8.65
N LEU B 302 -29.09 -10.58 8.45
CA LEU B 302 -28.34 -9.49 9.07
C LEU B 302 -28.42 -9.62 10.59
N PRO B 303 -27.31 -9.38 11.31
CA PRO B 303 -27.30 -9.68 12.74
C PRO B 303 -28.24 -8.79 13.54
N LYS B 304 -28.69 -9.33 14.67
CA LYS B 304 -29.51 -8.63 15.64
C LYS B 304 -28.65 -8.30 16.86
N ASP B 305 -29.25 -7.62 17.83
CA ASP B 305 -28.51 -7.26 19.02
C ASP B 305 -28.27 -8.51 19.88
N HIS B 306 -27.58 -8.32 21.02
CA HIS B 306 -27.27 -9.44 21.88
C HIS B 306 -28.52 -10.12 22.43
N ASP B 307 -29.66 -9.44 22.43
CA ASP B 307 -30.93 -10.00 22.89
C ASP B 307 -31.66 -10.78 21.81
N GLY B 308 -31.19 -10.76 20.57
CA GLY B 308 -31.88 -11.42 19.49
C GLY B 308 -33.01 -10.65 18.88
N LYS B 309 -33.12 -9.35 19.17
CA LYS B 309 -34.18 -8.51 18.66
C LYS B 309 -33.63 -7.53 17.62
N ASP B 310 -34.52 -7.06 16.76
CA ASP B 310 -34.12 -6.08 15.76
C ASP B 310 -33.86 -4.73 16.42
N ASP B 311 -32.73 -4.62 17.11
CA ASP B 311 -32.29 -3.37 17.72
C ASP B 311 -30.80 -3.18 17.49
N HIS B 312 -30.31 -3.61 16.33
CA HIS B 312 -28.90 -3.50 15.99
C HIS B 312 -28.50 -2.04 15.86
N TYR B 313 -27.26 -1.74 16.28
CA TYR B 313 -26.79 -0.36 16.28
C TYR B 313 -26.59 0.20 14.89
N LEU B 314 -26.58 -0.65 13.86
CA LEU B 314 -26.38 -0.20 12.49
C LEU B 314 -27.61 -0.39 11.62
N TRP B 315 -28.24 -1.57 11.65
CA TRP B 315 -29.35 -1.85 10.78
C TRP B 315 -30.69 -1.34 11.32
N ASP B 316 -30.73 -0.92 12.57
CA ASP B 316 -31.96 -0.45 13.22
C ASP B 316 -31.82 0.98 13.73
N ILE B 317 -31.03 1.79 13.02
CA ILE B 317 -30.86 3.18 13.43
C ILE B 317 -32.17 3.95 13.28
N GLY B 318 -32.87 3.76 12.16
CA GLY B 318 -34.10 4.47 11.92
C GLY B 318 -35.22 4.12 12.88
N VAL B 327 -39.00 4.22 9.25
CA VAL B 327 -38.46 2.88 9.03
C VAL B 327 -36.97 2.84 9.33
N THR B 328 -36.42 1.64 9.38
CA THR B 328 -35.01 1.42 9.66
C THR B 328 -34.25 1.07 8.39
N ILE B 329 -32.92 1.06 8.50
CA ILE B 329 -32.09 0.67 7.37
C ILE B 329 -32.35 -0.78 6.99
N ARG B 330 -32.57 -1.64 7.98
CA ARG B 330 -32.86 -3.04 7.70
C ARG B 330 -34.13 -3.19 6.88
N GLN B 331 -35.18 -2.44 7.22
CA GLN B 331 -36.44 -2.53 6.50
C GLN B 331 -36.30 -1.99 5.08
N ILE B 332 -35.51 -0.93 4.90
CA ILE B 332 -35.24 -0.43 3.55
C ILE B 332 -34.49 -1.48 2.75
N LEU B 333 -33.47 -2.10 3.35
CA LEU B 333 -32.75 -3.17 2.67
C LEU B 333 -33.65 -4.37 2.39
N THR B 334 -34.49 -4.73 3.36
CA THR B 334 -35.42 -5.85 3.17
C THR B 334 -36.42 -5.54 2.08
N THR B 335 -36.91 -4.30 2.01
CA THR B 335 -37.80 -3.90 0.93
C THR B 335 -37.09 -3.94 -0.42
N SER B 336 -35.85 -3.47 -0.47
CA SER B 336 -35.08 -3.49 -1.70
C SER B 336 -34.82 -4.91 -2.19
N ALA B 337 -34.52 -5.82 -1.25
CA ALA B 337 -34.28 -7.20 -1.63
C ALA B 337 -35.52 -7.84 -2.25
N ASP B 338 -36.70 -7.56 -1.69
CA ASP B 338 -37.93 -8.16 -2.16
C ASP B 338 -38.43 -7.56 -3.47
N THR B 339 -37.89 -6.42 -3.88
CA THR B 339 -38.30 -5.80 -5.13
C THR B 339 -38.05 -6.73 -6.31
N LYS B 340 -39.04 -6.84 -7.20
CA LYS B 340 -38.92 -7.73 -8.35
C LYS B 340 -37.82 -7.27 -9.30
N GLU B 341 -37.60 -5.96 -9.39
CA GLU B 341 -36.53 -5.45 -10.23
C GLU B 341 -35.17 -5.92 -9.74
N LEU B 342 -34.98 -5.97 -8.43
CA LEU B 342 -33.75 -6.43 -7.82
C LEU B 342 -33.75 -7.93 -7.53
N LYS B 343 -34.66 -8.68 -8.13
CA LYS B 343 -34.71 -10.13 -7.89
C LYS B 343 -33.56 -10.83 -8.60
N ASN B 344 -33.13 -10.32 -9.75
CA ASN B 344 -31.98 -10.88 -10.44
C ASN B 344 -30.71 -10.60 -9.66
N ALA B 345 -29.84 -11.61 -9.58
CA ALA B 345 -28.59 -11.45 -8.84
C ALA B 345 -27.69 -10.40 -9.49
N GLY B 346 -27.76 -10.27 -10.82
CA GLY B 346 -27.02 -9.23 -11.49
C GLY B 346 -27.53 -7.84 -11.15
N LYS B 347 -28.86 -7.68 -11.09
CA LYS B 347 -29.45 -6.40 -10.68
C LYS B 347 -29.16 -6.09 -9.23
N TRP B 348 -29.22 -7.09 -8.35
CA TRP B 348 -28.92 -6.87 -6.94
C TRP B 348 -27.46 -6.48 -6.75
N ARG B 349 -26.56 -7.11 -7.51
CA ARG B 349 -25.14 -6.81 -7.40
C ARG B 349 -24.85 -5.36 -7.78
N GLU B 350 -25.46 -4.88 -8.87
CA GLU B 350 -25.26 -3.49 -9.26
C GLU B 350 -25.85 -2.54 -8.22
N PHE B 351 -26.97 -2.91 -7.62
CA PHE B 351 -27.61 -2.06 -6.61
C PHE B 351 -26.71 -1.86 -5.40
N CYS B 352 -26.07 -2.92 -4.90
CA CYS B 352 -25.22 -2.78 -3.73
C CYS B 352 -23.96 -1.99 -4.05
N GLU B 353 -23.46 -2.10 -5.28
CA GLU B 353 -22.30 -1.32 -5.69
C GLU B 353 -22.63 0.15 -5.82
N LYS B 354 -23.77 0.48 -6.45
CA LYS B 354 -24.18 1.88 -6.56
C LYS B 354 -24.53 2.46 -5.20
N LEU B 355 -25.22 1.70 -4.36
CA LEU B 355 -25.55 2.18 -3.02
C LEU B 355 -24.29 2.42 -2.19
N GLY B 356 -23.35 1.48 -2.22
CA GLY B 356 -22.12 1.64 -1.46
C GLY B 356 -21.29 2.82 -1.95
N GLU B 357 -21.30 3.05 -3.27
CA GLU B 357 -20.57 4.18 -3.83
C GLU B 357 -21.20 5.50 -3.41
N ALA B 358 -22.53 5.58 -3.40
CA ALA B 358 -23.21 6.79 -2.98
C ALA B 358 -22.98 7.10 -1.51
N LEU B 359 -23.03 6.08 -0.65
CA LEU B 359 -22.77 6.31 0.76
C LEU B 359 -21.30 6.59 1.02
N TYR B 360 -20.41 6.16 0.13
CA TYR B 360 -18.99 6.40 0.32
C TYR B 360 -18.63 7.86 0.07
N LEU B 361 -19.22 8.47 -0.97
CA LEU B 361 -18.95 9.88 -1.26
C LEU B 361 -19.38 10.76 -0.10
N LYS B 362 -20.53 10.46 0.50
CA LYS B 362 -21.02 11.26 1.62
C LYS B 362 -20.07 11.22 2.80
N SER B 363 -19.49 10.05 3.08
CA SER B 363 -18.60 9.91 4.22
C SER B 363 -17.34 10.76 4.05
N LYS B 364 -16.81 10.82 2.82
CA LYS B 364 -15.64 11.65 2.58
C LYS B 364 -15.96 13.13 2.75
N ASP B 365 -17.18 13.54 2.39
CA ASP B 365 -17.55 14.95 2.52
C ASP B 365 -17.63 15.38 3.98
N MET B 366 -17.84 14.44 4.90
CA MET B 366 -18.08 14.82 6.29
C MET B 366 -16.84 15.44 6.92
N SER B 367 -15.66 14.86 6.68
CA SER B 367 -14.45 15.31 7.34
C SER B 367 -14.10 16.74 6.96
N GLY B 368 -13.55 17.47 7.93
CA GLY B 368 -13.22 18.87 7.73
C GLY B 368 -11.79 19.23 8.11
N GLY B 369 -10.87 18.29 7.93
CA GLY B 369 -9.48 18.56 8.19
C GLY B 369 -8.68 18.46 6.90
N LEU B 370 -7.40 18.13 7.04
CA LEU B 370 -6.56 17.90 5.89
C LEU B 370 -7.02 16.67 5.13
N LYS B 371 -7.00 16.74 3.80
CA LYS B 371 -7.44 15.64 2.95
C LYS B 371 -6.31 15.27 1.99
N ILE B 372 -5.92 14.01 2.01
CA ILE B 372 -4.78 13.51 1.23
C ILE B 372 -5.29 12.77 0.02
N THR B 373 -4.67 13.01 -1.13
CA THR B 373 -4.86 12.14 -2.28
C THR B 373 -3.78 11.07 -2.27
N ARG B 374 -4.19 9.81 -2.05
CA ARG B 374 -3.23 8.71 -2.02
C ARG B 374 -2.67 8.42 -3.40
N ARG B 375 -3.53 8.32 -4.41
CA ARG B 375 -3.11 8.01 -5.77
C ARG B 375 -2.81 9.32 -6.48
N ILE B 376 -1.57 9.79 -6.36
CA ILE B 376 -1.12 11.04 -6.97
C ILE B 376 0.26 10.82 -7.55
N LEU B 377 0.64 11.71 -8.47
CA LEU B 377 1.90 11.60 -9.22
C LEU B 377 1.98 10.27 -9.95
N GLY B 378 0.85 9.81 -10.49
CA GLY B 378 0.78 8.50 -11.10
C GLY B 378 0.62 8.51 -12.61
N ASP B 379 0.32 9.67 -13.19
CA ASP B 379 0.14 9.78 -14.63
C ASP B 379 1.51 9.89 -15.30
N ALA B 380 1.84 8.88 -16.10
CA ALA B 380 3.07 8.80 -16.89
C ALA B 380 2.76 8.23 -18.26
N GLU B 381 1.70 8.70 -18.91
CA GLU B 381 1.27 8.11 -20.17
C GLU B 381 2.25 8.49 -21.27
N PHE B 382 3.07 7.52 -21.70
CA PHE B 382 4.05 7.71 -22.75
C PHE B 382 3.72 6.77 -23.90
N HIS B 383 3.64 7.32 -25.10
CA HIS B 383 3.42 6.53 -26.30
C HIS B 383 4.75 6.32 -27.02
N GLY B 384 4.87 5.16 -27.67
CA GLY B 384 6.05 4.90 -28.46
C GLY B 384 6.09 5.80 -29.67
N LYS B 385 7.31 6.16 -30.08
CA LYS B 385 7.53 7.01 -31.23
C LYS B 385 8.36 6.26 -32.27
N PRO B 386 7.77 5.85 -33.39
CA PRO B 386 8.56 5.15 -34.41
C PRO B 386 9.63 6.05 -35.02
N ASP B 387 10.73 5.43 -35.41
CA ASP B 387 11.85 6.13 -36.02
C ASP B 387 11.62 6.22 -37.52
N ARG B 388 11.66 7.44 -38.05
CA ARG B 388 11.42 7.67 -39.47
C ARG B 388 12.70 7.71 -40.30
N LEU B 389 13.86 7.60 -39.67
CA LEU B 389 15.14 7.55 -40.37
C LEU B 389 15.80 6.20 -40.16
N GLU B 390 15.00 5.13 -40.23
CA GLU B 390 15.48 3.78 -40.00
C GLU B 390 15.95 3.15 -41.30
N LYS B 391 17.10 2.47 -41.24
CA LYS B 391 17.67 1.82 -42.41
C LYS B 391 16.82 0.63 -42.85
N SER B 392 16.60 0.51 -44.15
CA SER B 392 15.82 -0.59 -44.70
C SER B 392 16.73 -1.81 -44.90
N ARG B 393 16.26 -2.97 -44.47
CA ARG B 393 17.04 -4.19 -44.50
C ARG B 393 16.21 -5.32 -45.10
N SER B 394 16.90 -6.23 -45.79
CA SER B 394 16.30 -7.46 -46.29
C SER B 394 17.03 -8.63 -45.66
N VAL B 395 16.29 -9.48 -44.96
CA VAL B 395 16.86 -10.58 -44.19
C VAL B 395 16.18 -11.87 -44.61
N SER B 396 16.98 -12.90 -44.87
CA SER B 396 16.46 -14.23 -45.15
C SER B 396 16.45 -15.04 -43.86
N ILE B 397 15.29 -15.62 -43.55
CA ILE B 397 15.13 -16.40 -42.33
C ILE B 397 15.23 -17.90 -42.56
N GLY B 398 15.26 -18.34 -43.82
CA GLY B 398 15.31 -19.75 -44.12
C GLY B 398 13.93 -20.34 -44.38
N SER B 399 13.92 -21.49 -45.06
CA SER B 399 12.68 -22.16 -45.41
C SER B 399 12.15 -23.06 -44.31
N VAL B 400 12.85 -23.18 -43.18
CA VAL B 400 12.45 -24.07 -42.10
C VAL B 400 11.56 -23.29 -41.14
N LEU B 401 10.31 -23.73 -41.01
CA LEU B 401 9.37 -23.08 -40.11
C LEU B 401 8.52 -24.15 -39.44
N LYS B 402 8.53 -24.17 -38.11
CA LYS B 402 7.76 -25.12 -37.34
C LYS B 402 6.95 -24.37 -36.29
N GLU B 403 5.64 -24.63 -36.25
CA GLU B 403 4.77 -24.02 -35.26
C GLU B 403 4.44 -25.04 -34.18
N THR B 404 4.71 -24.69 -32.94
CA THR B 404 4.47 -25.55 -31.79
C THR B 404 3.27 -25.01 -31.04
N VAL B 405 2.26 -25.85 -30.86
CA VAL B 405 1.05 -25.48 -30.14
C VAL B 405 1.10 -26.14 -28.77
N VAL B 406 0.97 -25.35 -27.72
CA VAL B 406 0.86 -25.84 -26.35
C VAL B 406 -0.51 -25.45 -25.82
N CYS B 407 -1.33 -26.44 -25.48
CA CYS B 407 -2.61 -26.21 -24.84
C CYS B 407 -2.60 -26.81 -23.45
N GLY B 408 -3.24 -26.12 -22.51
CA GLY B 408 -3.28 -26.59 -21.15
C GLY B 408 -4.25 -25.77 -20.33
N GLU B 409 -3.96 -25.68 -19.03
CA GLU B 409 -4.76 -24.92 -18.10
C GLU B 409 -3.86 -24.09 -17.21
N LEU B 410 -4.28 -22.88 -16.91
CA LEU B 410 -3.65 -22.05 -15.88
C LEU B 410 -4.59 -22.02 -14.68
N VAL B 411 -4.15 -22.60 -13.58
CA VAL B 411 -4.97 -22.78 -12.39
C VAL B 411 -4.42 -21.89 -11.29
N ALA B 412 -5.28 -21.04 -10.74
CA ALA B 412 -4.88 -20.12 -9.69
C ALA B 412 -4.69 -20.88 -8.39
N LYS B 413 -3.45 -20.92 -7.90
CA LYS B 413 -3.18 -21.54 -6.61
C LYS B 413 -3.34 -20.57 -5.45
N THR B 414 -3.39 -19.28 -5.73
CA THR B 414 -3.53 -18.22 -4.76
C THR B 414 -4.56 -17.24 -5.30
N PRO B 415 -5.06 -16.33 -4.47
CA PRO B 415 -5.80 -15.19 -5.00
C PRO B 415 -4.93 -14.39 -5.94
N PHE B 416 -5.55 -13.82 -6.98
CA PHE B 416 -4.78 -13.06 -7.96
C PHE B 416 -5.41 -11.69 -8.15
N PHE B 417 -4.60 -10.77 -8.68
CA PHE B 417 -5.01 -9.36 -8.83
C PHE B 417 -4.42 -8.83 -10.13
N PHE B 418 -5.25 -8.76 -11.17
CA PHE B 418 -4.90 -8.05 -12.40
C PHE B 418 -5.53 -6.68 -12.29
N GLY B 419 -4.70 -5.68 -11.96
CA GLY B 419 -5.19 -4.35 -11.66
C GLY B 419 -5.87 -3.63 -12.81
N ALA B 420 -7.08 -3.15 -12.56
CA ALA B 420 -7.81 -2.33 -13.53
C ALA B 420 -8.78 -1.47 -12.73
N ILE B 421 -8.48 -0.17 -12.63
CA ILE B 421 -9.27 0.75 -11.81
C ILE B 421 -10.25 1.50 -12.70
N ASP B 422 -11.53 1.45 -12.33
CA ASP B 422 -12.56 2.23 -12.99
C ASP B 422 -12.58 3.64 -12.41
N GLU B 423 -12.66 4.64 -13.29
CA GLU B 423 -12.61 6.03 -12.84
C GLU B 423 -13.83 6.39 -12.02
N ASP B 424 -15.01 5.88 -12.41
CA ASP B 424 -16.23 6.19 -11.68
C ASP B 424 -16.18 5.66 -10.25
N ALA B 425 -15.69 4.45 -10.06
CA ALA B 425 -15.71 3.81 -8.75
C ALA B 425 -14.55 4.33 -7.90
N LYS B 426 -14.88 4.88 -6.73
CA LYS B 426 -13.88 5.44 -5.84
C LYS B 426 -13.87 4.81 -4.45
N GLN B 427 -14.88 3.99 -4.12
CA GLN B 427 -14.92 3.36 -2.81
C GLN B 427 -13.76 2.39 -2.63
N THR B 428 -13.45 1.63 -3.67
CA THR B 428 -12.39 0.63 -3.62
C THR B 428 -11.13 1.21 -4.26
N ALA B 429 -10.04 1.22 -3.51
CA ALA B 429 -8.78 1.75 -4.03
C ALA B 429 -8.25 0.89 -5.18
N LEU B 430 -8.31 -0.44 -5.01
CA LEU B 430 -7.72 -1.38 -5.95
C LEU B 430 -8.77 -2.34 -6.46
N GLN B 431 -8.90 -2.45 -7.77
CA GLN B 431 -9.92 -3.27 -8.41
C GLN B 431 -9.29 -4.25 -9.37
N VAL B 432 -9.99 -5.36 -9.62
CA VAL B 432 -9.51 -6.42 -10.48
C VAL B 432 -10.14 -6.26 -11.86
N LEU B 433 -9.53 -6.93 -12.85
CA LEU B 433 -9.99 -6.87 -14.23
C LEU B 433 -11.05 -7.94 -14.46
N LEU B 434 -12.23 -7.51 -14.90
CA LEU B 434 -13.35 -8.40 -15.15
C LEU B 434 -13.84 -8.20 -16.58
N THR B 435 -14.52 -9.21 -17.10
CA THR B 435 -15.16 -9.06 -18.40
C THR B 435 -16.44 -8.25 -18.26
N PRO B 436 -16.99 -7.76 -19.36
CA PRO B 436 -18.29 -7.05 -19.27
C PRO B 436 -19.39 -7.86 -18.59
N ASP B 437 -19.42 -9.18 -18.75
CA ASP B 437 -20.38 -10.01 -18.03
C ASP B 437 -19.84 -10.50 -16.69
N ASN B 438 -18.87 -9.80 -16.10
CA ASN B 438 -18.39 -10.01 -14.74
C ASN B 438 -17.60 -11.30 -14.56
N LYS B 439 -17.10 -11.90 -15.64
CA LYS B 439 -16.19 -13.03 -15.50
C LYS B 439 -14.77 -12.54 -15.29
N TYR B 440 -14.00 -13.34 -14.56
CA TYR B 440 -12.59 -13.02 -14.36
C TYR B 440 -11.81 -13.23 -15.65
N ARG B 441 -10.74 -12.47 -15.79
CA ARG B 441 -10.01 -12.40 -17.05
C ARG B 441 -8.51 -12.56 -16.79
N LEU B 442 -7.86 -13.33 -17.65
CA LEU B 442 -6.40 -13.43 -17.69
C LEU B 442 -5.96 -12.83 -19.03
N PRO B 443 -5.54 -11.57 -19.06
CA PRO B 443 -5.32 -10.90 -20.34
C PRO B 443 -4.00 -11.31 -20.99
N ARG B 444 -4.00 -11.26 -22.33
CA ARG B 444 -2.78 -11.56 -23.10
C ARG B 444 -1.65 -10.60 -22.78
N SER B 445 -1.99 -9.33 -22.50
CA SER B 445 -0.97 -8.33 -22.20
C SER B 445 -0.18 -8.70 -20.95
N ALA B 446 -0.86 -9.22 -19.93
CA ALA B 446 -0.16 -9.67 -18.73
C ALA B 446 0.63 -10.94 -18.99
N VAL B 447 0.08 -11.87 -19.80
CA VAL B 447 0.78 -13.13 -20.04
C VAL B 447 2.07 -12.89 -20.81
N ARG B 448 2.02 -12.04 -21.83
CA ARG B 448 3.24 -11.71 -22.57
C ARG B 448 4.26 -11.00 -21.69
N GLY B 449 3.79 -10.10 -20.83
CA GLY B 449 4.70 -9.40 -19.95
C GLY B 449 5.43 -10.33 -19.00
N ILE B 450 4.74 -11.39 -18.56
CA ILE B 450 5.36 -12.37 -17.69
C ILE B 450 6.30 -13.27 -18.47
N LEU B 451 5.92 -13.66 -19.69
CA LEU B 451 6.81 -14.42 -20.55
C LEU B 451 8.08 -13.64 -20.87
N ARG B 452 7.93 -12.39 -21.29
CA ARG B 452 9.09 -11.56 -21.59
C ARG B 452 9.98 -11.39 -20.37
N ARG B 453 9.37 -11.19 -19.19
CA ARG B 453 10.17 -11.08 -17.97
C ARG B 453 10.89 -12.39 -17.66
N ASP B 454 10.21 -13.52 -17.88
CA ASP B 454 10.82 -14.81 -17.54
C ASP B 454 11.90 -15.21 -18.54
N LEU B 455 11.70 -14.88 -19.82
CA LEU B 455 12.73 -15.13 -20.81
C LEU B 455 14.00 -14.35 -20.49
N GLN B 456 13.86 -13.09 -20.08
CA GLN B 456 15.02 -12.32 -19.66
C GLN B 456 15.63 -12.89 -18.39
N THR B 457 14.82 -13.50 -17.53
CA THR B 457 15.36 -14.15 -16.34
C THR B 457 16.17 -15.39 -16.70
N TYR B 458 15.67 -16.18 -17.66
CA TYR B 458 16.41 -17.36 -18.10
C TYR B 458 17.76 -16.96 -18.70
N PHE B 459 17.76 -16.01 -19.65
CA PHE B 459 19.00 -15.58 -20.27
C PHE B 459 19.85 -14.75 -19.32
N ASP B 460 19.28 -14.26 -18.22
CA ASP B 460 19.96 -13.35 -17.29
C ASP B 460 20.47 -12.12 -18.04
N SER B 461 19.69 -11.62 -18.98
CA SER B 461 20.07 -10.50 -19.82
C SER B 461 18.92 -9.52 -19.92
N PRO B 462 18.98 -8.39 -19.21
CA PRO B 462 17.98 -7.35 -19.39
C PRO B 462 18.02 -6.81 -20.82
N CYS B 463 16.85 -6.44 -21.32
CA CYS B 463 16.72 -5.77 -22.60
C CYS B 463 16.54 -4.27 -22.35
N ASN B 464 17.39 -3.46 -22.98
CA ASN B 464 17.32 -2.01 -22.83
C ASN B 464 16.77 -1.34 -24.07
N ALA B 465 16.02 -2.08 -24.89
CA ALA B 465 15.45 -1.49 -26.09
C ALA B 465 14.40 -0.45 -25.74
N GLU B 466 14.31 0.56 -26.59
CA GLU B 466 13.34 1.63 -26.44
C GLU B 466 12.19 1.42 -27.42
N LEU B 467 11.05 2.06 -27.12
CA LEU B 467 9.93 2.03 -28.04
C LEU B 467 10.30 2.79 -29.30
N GLY B 468 10.23 2.11 -30.44
CA GLY B 468 10.55 2.70 -31.72
C GLY B 468 11.84 2.17 -32.31
N GLY B 469 11.99 2.37 -33.61
CA GLY B 469 13.15 1.89 -34.32
C GLY B 469 12.96 0.49 -34.86
N ARG B 470 14.06 -0.07 -35.34
CA ARG B 470 14.04 -1.44 -35.82
C ARG B 470 13.91 -2.40 -34.63
N PRO B 471 13.26 -3.55 -34.84
CA PRO B 471 13.04 -4.48 -33.73
C PRO B 471 14.34 -4.93 -33.09
N CYS B 472 14.31 -5.06 -31.77
CA CYS B 472 15.50 -5.48 -31.04
C CYS B 472 15.84 -6.93 -31.36
N MET B 473 17.14 -7.21 -31.40
CA MET B 473 17.65 -8.51 -31.85
C MET B 473 18.20 -9.35 -30.72
N CYS B 474 17.85 -9.06 -29.47
CA CYS B 474 18.28 -9.95 -28.40
C CYS B 474 17.45 -11.23 -28.44
N LYS B 475 17.93 -12.21 -27.68
CA LYS B 475 17.30 -13.53 -27.68
C LYS B 475 15.86 -13.47 -27.15
N THR B 476 15.60 -12.62 -26.17
CA THR B 476 14.25 -12.49 -25.63
C THR B 476 13.28 -11.90 -26.65
N CYS B 477 13.69 -10.81 -27.32
CA CYS B 477 12.79 -10.14 -28.24
C CYS B 477 12.51 -10.98 -29.48
N ARG B 478 13.48 -11.79 -29.90
CA ARG B 478 13.26 -12.64 -31.07
C ARG B 478 12.34 -13.81 -30.75
N ILE B 479 12.41 -14.33 -29.52
CA ILE B 479 11.48 -15.37 -29.09
C ILE B 479 10.08 -14.79 -28.92
N MET B 480 9.98 -13.59 -28.34
CA MET B 480 8.67 -12.99 -28.11
C MET B 480 7.98 -12.62 -29.41
N ARG B 481 8.74 -12.43 -30.48
CA ARG B 481 8.12 -12.19 -31.78
C ARG B 481 7.63 -13.47 -32.43
N GLY B 482 7.95 -14.63 -31.89
CA GLY B 482 7.41 -15.88 -32.37
C GLY B 482 6.29 -16.43 -31.51
N ILE B 483 6.04 -15.77 -30.37
CA ILE B 483 5.09 -16.23 -29.38
C ILE B 483 3.72 -15.61 -29.61
N THR B 484 2.68 -16.42 -29.47
CA THR B 484 1.29 -15.96 -29.43
C THR B 484 0.59 -16.61 -28.24
N VAL B 485 -0.21 -15.82 -27.53
CA VAL B 485 -1.01 -16.30 -26.41
C VAL B 485 -2.44 -15.79 -26.60
N MET B 486 -3.42 -16.65 -26.29
CA MET B 486 -4.82 -16.28 -26.41
C MET B 486 -5.34 -15.76 -25.07
N ASP B 487 -6.10 -14.66 -25.15
CA ASP B 487 -6.72 -14.06 -23.97
C ASP B 487 -7.75 -15.01 -23.36
N ALA B 488 -7.74 -15.13 -22.04
CA ALA B 488 -8.52 -16.16 -21.35
C ALA B 488 -9.46 -15.56 -20.31
N ARG B 489 -10.62 -16.20 -20.15
CA ARG B 489 -11.58 -15.83 -19.12
C ARG B 489 -12.10 -17.09 -18.45
N SER B 490 -12.67 -16.91 -17.27
CA SER B 490 -13.14 -18.03 -16.46
C SER B 490 -14.64 -18.24 -16.63
N GLU B 491 -15.13 -19.31 -15.99
CA GLU B 491 -16.56 -19.53 -15.83
C GLU B 491 -17.09 -18.94 -14.53
N TYR B 492 -16.27 -18.94 -13.49
CA TYR B 492 -16.62 -18.31 -12.22
C TYR B 492 -16.91 -16.83 -12.43
N ASN B 493 -18.01 -16.35 -11.84
CA ASN B 493 -18.39 -14.96 -12.03
C ASN B 493 -18.92 -14.31 -10.76
N ALA B 494 -18.59 -14.86 -9.59
CA ALA B 494 -19.06 -14.27 -8.34
C ALA B 494 -18.32 -12.96 -8.07
N PRO B 495 -18.92 -12.06 -7.30
CA PRO B 495 -18.28 -10.77 -7.03
C PRO B 495 -16.94 -10.95 -6.33
N PRO B 496 -15.97 -10.08 -6.62
CA PRO B 496 -14.68 -10.16 -5.93
C PRO B 496 -14.84 -9.88 -4.44
N GLU B 497 -14.04 -10.57 -3.65
CA GLU B 497 -13.97 -10.27 -2.22
C GLU B 497 -13.03 -9.11 -2.00
N ILE B 498 -13.39 -8.23 -1.06
CA ILE B 498 -12.65 -7.01 -0.81
C ILE B 498 -11.86 -7.20 0.47
N ARG B 499 -10.55 -7.05 0.38
CA ARG B 499 -9.68 -7.09 1.54
C ARG B 499 -9.36 -5.68 1.97
N HIS B 500 -9.39 -5.44 3.28
CA HIS B 500 -9.10 -4.13 3.84
C HIS B 500 -7.71 -4.16 4.44
N ARG B 501 -6.83 -3.30 3.95
CA ARG B 501 -5.46 -3.20 4.42
C ARG B 501 -5.28 -1.91 5.20
N THR B 502 -4.47 -1.96 6.24
CA THR B 502 -4.16 -0.79 7.04
C THR B 502 -2.65 -0.61 7.07
N ARG B 503 -2.23 0.53 7.60
CA ARG B 503 -0.84 0.74 7.97
C ARG B 503 -0.80 1.02 9.46
N ILE B 504 0.17 0.45 10.14
CA ILE B 504 0.32 0.59 11.58
C ILE B 504 1.29 1.72 11.87
N ASN B 505 0.91 2.61 12.77
CA ASN B 505 1.85 3.57 13.35
C ASN B 505 2.83 2.79 14.21
N PRO B 506 4.12 2.78 13.89
CA PRO B 506 5.06 1.98 14.69
C PRO B 506 5.39 2.60 16.03
N PHE B 507 5.17 3.89 16.21
CA PHE B 507 5.42 4.52 17.50
C PHE B 507 4.34 4.18 18.51
N THR B 508 3.08 4.20 18.08
CA THR B 508 1.96 3.96 18.98
C THR B 508 1.48 2.52 19.03
N GLY B 509 1.77 1.73 18.00
CA GLY B 509 1.27 0.38 17.91
C GLY B 509 -0.14 0.25 17.39
N THR B 510 -0.72 1.34 16.91
CA THR B 510 -2.10 1.41 16.47
C THR B 510 -2.12 1.74 14.98
N VAL B 511 -3.30 1.70 14.38
CA VAL B 511 -3.45 2.08 12.98
C VAL B 511 -3.08 3.55 12.82
N ALA B 512 -2.35 3.85 11.74
CA ALA B 512 -2.01 5.21 11.42
C ALA B 512 -3.25 6.00 11.04
N GLU B 513 -3.18 7.32 11.24
CA GLU B 513 -4.31 8.20 10.97
C GLU B 513 -4.67 8.18 9.49
N GLY B 514 -5.89 7.73 9.20
CA GLY B 514 -6.38 7.70 7.85
C GLY B 514 -5.82 6.62 6.96
N ALA B 515 -5.16 5.61 7.51
CA ALA B 515 -4.49 4.57 6.73
C ALA B 515 -5.39 3.35 6.62
N LEU B 516 -6.39 3.46 5.74
CA LEU B 516 -7.31 2.34 5.48
C LEU B 516 -7.67 2.37 4.01
N PHE B 517 -7.44 1.26 3.32
CA PHE B 517 -7.75 1.20 1.90
C PHE B 517 -8.23 -0.20 1.53
N ASN B 518 -8.99 -0.27 0.45
CA ASN B 518 -9.63 -1.48 -0.02
C ASN B 518 -8.94 -2.02 -1.26
N MET B 519 -9.09 -3.32 -1.49
CA MET B 519 -8.55 -3.96 -2.68
C MET B 519 -9.43 -5.15 -3.05
N GLU B 520 -9.94 -5.14 -4.28
CA GLU B 520 -10.64 -6.31 -4.80
C GLU B 520 -9.66 -7.43 -5.09
N VAL B 521 -10.08 -8.66 -4.80
CA VAL B 521 -9.21 -9.82 -4.88
C VAL B 521 -9.97 -10.94 -5.57
N ALA B 522 -9.40 -11.47 -6.65
CA ALA B 522 -9.95 -12.61 -7.35
C ALA B 522 -9.59 -13.91 -6.62
N PRO B 523 -10.51 -14.87 -6.56
CA PRO B 523 -10.30 -16.05 -5.70
C PRO B 523 -9.38 -17.09 -6.32
N GLU B 524 -8.78 -17.89 -5.46
CA GLU B 524 -8.00 -19.06 -5.86
C GLU B 524 -8.93 -20.20 -6.27
N GLY B 525 -8.39 -21.12 -7.06
CA GLY B 525 -9.15 -22.22 -7.59
C GLY B 525 -9.77 -21.97 -8.95
N ILE B 526 -9.60 -20.78 -9.51
CA ILE B 526 -10.11 -20.47 -10.83
C ILE B 526 -9.23 -21.10 -11.89
N VAL B 527 -9.84 -21.64 -12.94
CA VAL B 527 -9.16 -22.33 -14.02
C VAL B 527 -9.29 -21.50 -15.29
N PHE B 528 -8.17 -21.22 -15.94
CA PHE B 528 -8.15 -20.48 -17.20
C PHE B 528 -7.68 -21.39 -18.32
N PRO B 529 -8.39 -21.44 -19.45
CA PRO B 529 -7.87 -22.20 -20.60
C PRO B 529 -6.63 -21.55 -21.20
N PHE B 530 -5.55 -22.30 -21.27
CA PHE B 530 -4.26 -21.80 -21.72
C PHE B 530 -3.92 -22.36 -23.10
N GLN B 531 -3.49 -21.49 -24.00
CA GLN B 531 -2.97 -21.92 -25.29
C GLN B 531 -1.82 -21.00 -25.68
N LEU B 532 -0.62 -21.58 -25.78
CA LEU B 532 0.56 -20.89 -26.27
C LEU B 532 0.96 -21.50 -27.61
N ARG B 533 1.28 -20.66 -28.58
CA ARG B 533 1.85 -21.12 -29.84
C ARG B 533 3.18 -20.42 -30.08
N TYR B 534 4.15 -21.16 -30.58
CA TYR B 534 5.44 -20.62 -30.95
C TYR B 534 5.74 -20.95 -32.40
N ARG B 535 6.16 -19.94 -33.15
CA ARG B 535 6.49 -20.09 -34.56
C ARG B 535 7.94 -19.70 -34.77
N GLY B 536 8.71 -20.57 -35.43
CA GLY B 536 10.12 -20.30 -35.61
C GLY B 536 10.81 -21.43 -36.35
N SER B 537 12.11 -21.24 -36.56
CA SER B 537 12.93 -22.16 -37.32
C SER B 537 13.66 -23.19 -36.46
N GLU B 538 13.56 -23.08 -35.14
CA GLU B 538 14.13 -24.10 -34.28
C GLU B 538 13.40 -25.43 -34.46
N ASP B 539 13.99 -26.48 -33.92
CA ASP B 539 13.32 -27.78 -33.85
C ASP B 539 12.53 -27.79 -32.54
N GLY B 540 11.22 -27.61 -32.66
CA GLY B 540 10.40 -27.47 -31.47
C GLY B 540 10.57 -26.12 -30.81
N LEU B 541 10.34 -26.08 -29.51
CA LEU B 541 10.49 -24.85 -28.76
C LEU B 541 11.97 -24.51 -28.55
N PRO B 542 12.29 -23.25 -28.33
CA PRO B 542 13.63 -22.89 -27.83
C PRO B 542 13.82 -23.41 -26.41
N ASP B 543 15.09 -23.63 -26.06
CA ASP B 543 15.41 -24.11 -24.72
C ASP B 543 14.99 -23.12 -23.64
N ALA B 544 14.97 -21.84 -23.96
CA ALA B 544 14.47 -20.84 -23.01
C ALA B 544 12.99 -21.05 -22.74
N LEU B 545 12.21 -21.32 -23.78
CA LEU B 545 10.77 -21.50 -23.60
C LEU B 545 10.44 -22.87 -23.00
N LYS B 546 11.26 -23.89 -23.27
CA LYS B 546 11.09 -25.17 -22.60
C LYS B 546 11.29 -25.02 -21.10
N THR B 547 12.30 -24.24 -20.69
CA THR B 547 12.56 -24.03 -19.28
C THR B 547 11.49 -23.16 -18.64
N VAL B 548 11.02 -22.14 -19.36
CA VAL B 548 9.98 -21.26 -18.82
C VAL B 548 8.68 -22.04 -18.61
N LEU B 549 8.26 -22.80 -19.62
CA LEU B 549 7.02 -23.55 -19.49
C LEU B 549 7.13 -24.65 -18.46
N LYS B 550 8.34 -25.18 -18.24
CA LYS B 550 8.56 -26.09 -17.13
C LYS B 550 8.45 -25.38 -15.79
N TRP B 551 8.90 -24.13 -15.72
CA TRP B 551 8.73 -23.32 -14.52
C TRP B 551 7.25 -23.13 -14.18
N TRP B 552 6.43 -22.84 -15.20
CA TRP B 552 5.01 -22.67 -14.98
C TRP B 552 4.33 -23.97 -14.60
N ALA B 553 4.78 -25.10 -15.16
CA ALA B 553 4.21 -26.40 -14.82
C ALA B 553 4.54 -26.83 -13.40
N GLU B 554 5.57 -26.24 -12.79
CA GLU B 554 5.92 -26.51 -11.41
C GLU B 554 5.25 -25.55 -10.44
N GLY B 555 4.32 -24.74 -10.90
CA GLY B 555 3.68 -23.78 -10.02
C GLY B 555 4.50 -22.55 -9.70
N GLN B 556 5.34 -22.11 -10.63
CA GLN B 556 6.07 -20.85 -10.52
C GLN B 556 5.68 -19.89 -11.62
N ALA B 557 4.40 -19.84 -11.97
CA ALA B 557 3.87 -18.85 -12.89
C ALA B 557 3.26 -17.72 -12.08
N PHE B 558 4.10 -16.75 -11.72
CA PHE B 558 3.66 -15.53 -11.04
C PHE B 558 3.27 -14.51 -12.10
N MET B 559 1.97 -14.28 -12.25
CA MET B 559 1.46 -13.62 -13.44
C MET B 559 0.71 -12.33 -13.21
N SER B 560 0.42 -11.96 -11.96
CA SER B 560 -0.40 -10.80 -11.68
C SER B 560 0.33 -9.83 -10.75
N GLY B 561 -0.33 -8.71 -10.46
CA GLY B 561 0.19 -7.76 -9.51
C GLY B 561 0.01 -8.22 -8.08
N ALA B 562 0.45 -7.35 -7.16
CA ALA B 562 0.40 -7.63 -5.73
C ALA B 562 1.16 -8.91 -5.38
N ALA B 563 2.30 -9.11 -6.05
CA ALA B 563 3.08 -10.33 -5.84
C ALA B 563 3.63 -10.42 -4.43
N SER B 564 4.00 -9.28 -3.83
CA SER B 564 4.59 -9.29 -2.50
C SER B 564 3.63 -9.76 -1.41
N THR B 565 2.32 -9.66 -1.64
CA THR B 565 1.34 -10.21 -0.73
C THR B 565 0.73 -11.51 -1.25
N GLY B 566 1.50 -12.30 -1.97
CA GLY B 566 1.10 -13.63 -2.39
C GLY B 566 -0.05 -13.70 -3.37
N LYS B 567 -0.12 -12.78 -4.32
CA LYS B 567 -1.15 -12.80 -5.34
C LYS B 567 -0.53 -13.24 -6.66
N GLY B 568 -1.26 -14.05 -7.41
CA GLY B 568 -0.95 -14.31 -8.80
C GLY B 568 -0.13 -15.53 -9.12
N ARG B 569 0.00 -16.48 -8.20
CA ARG B 569 0.76 -17.69 -8.48
C ARG B 569 -0.15 -18.71 -9.18
N PHE B 570 0.26 -19.15 -10.36
CA PHE B 570 -0.48 -20.10 -11.18
C PHE B 570 0.38 -21.34 -11.42
N ARG B 571 -0.30 -22.44 -11.73
CA ARG B 571 0.36 -23.64 -12.22
C ARG B 571 -0.25 -24.01 -13.54
N MET B 572 0.59 -24.39 -14.50
CA MET B 572 0.13 -24.89 -15.79
C MET B 572 -0.11 -26.39 -15.66
N GLU B 573 -1.33 -26.83 -15.96
CA GLU B 573 -1.74 -28.21 -15.78
C GLU B 573 -2.36 -28.73 -17.08
N ASN B 574 -2.29 -30.06 -17.24
CA ASN B 574 -2.82 -30.74 -18.42
C ASN B 574 -2.15 -30.22 -19.70
N ALA B 575 -0.84 -30.04 -19.66
CA ALA B 575 -0.12 -29.51 -20.80
C ALA B 575 0.01 -30.57 -21.89
N LYS B 576 -0.31 -30.19 -23.13
CA LYS B 576 -0.16 -31.05 -24.29
C LYS B 576 0.37 -30.22 -25.44
N TYR B 577 1.28 -30.80 -26.23
CA TYR B 577 1.92 -30.06 -27.30
C TYR B 577 1.98 -30.90 -28.57
N GLU B 578 2.19 -30.20 -29.69
CA GLU B 578 2.45 -30.83 -30.97
C GLU B 578 3.09 -29.79 -31.88
N THR B 579 4.19 -30.17 -32.53
CA THR B 579 4.88 -29.29 -33.45
C THR B 579 4.39 -29.57 -34.87
N LEU B 580 4.01 -28.51 -35.57
CA LEU B 580 3.54 -28.61 -36.96
C LEU B 580 4.64 -28.10 -37.88
N ASP B 581 4.91 -28.85 -38.94
CA ASP B 581 6.00 -28.54 -39.86
C ASP B 581 5.43 -27.75 -41.03
N LEU B 582 5.46 -26.41 -40.92
CA LEU B 582 4.96 -25.54 -41.98
C LEU B 582 5.87 -25.52 -43.19
N SER B 583 7.07 -26.11 -43.11
CA SER B 583 7.93 -26.21 -44.27
C SER B 583 7.41 -27.26 -45.25
N ASP B 584 6.87 -28.36 -44.73
CA ASP B 584 6.27 -29.38 -45.57
C ASP B 584 5.03 -28.82 -46.25
N GLU B 585 4.94 -29.00 -47.56
CA GLU B 585 3.83 -28.41 -48.31
C GLU B 585 2.50 -29.07 -47.97
N ASN B 586 2.50 -30.38 -47.73
CA ASN B 586 1.26 -31.06 -47.38
C ASN B 586 0.75 -30.60 -46.02
N GLN B 587 1.65 -30.53 -45.03
CA GLN B 587 1.25 -30.01 -43.73
C GLN B 587 0.84 -28.55 -43.81
N ARG B 588 1.56 -27.75 -44.60
CA ARG B 588 1.22 -26.33 -44.71
C ARG B 588 -0.13 -26.13 -45.37
N ASN B 589 -0.40 -26.88 -46.44
CA ASN B 589 -1.71 -26.77 -47.09
C ASN B 589 -2.83 -27.18 -46.14
N ASP B 590 -2.54 -28.15 -45.26
CA ASP B 590 -3.54 -28.57 -44.28
C ASP B 590 -3.66 -27.56 -43.15
N TYR B 591 -2.56 -26.90 -42.79
CA TYR B 591 -2.61 -25.84 -41.79
C TYR B 591 -3.41 -24.65 -42.29
N LEU B 592 -3.23 -24.28 -43.56
CA LEU B 592 -3.98 -23.16 -44.12
C LEU B 592 -5.46 -23.49 -44.23
N LYS B 593 -5.79 -24.73 -44.59
CA LYS B 593 -7.18 -25.12 -44.81
C LYS B 593 -8.01 -25.00 -43.55
N ASN B 594 -7.41 -25.18 -42.39
CA ASN B 594 -8.13 -25.16 -41.12
C ASN B 594 -7.85 -23.90 -40.31
N TRP B 595 -7.35 -22.83 -40.94
CA TRP B 595 -7.03 -21.57 -40.25
C TRP B 595 -6.16 -21.83 -39.03
N GLY B 596 -5.21 -22.74 -39.16
CA GLY B 596 -4.33 -23.05 -38.04
C GLY B 596 -4.99 -23.71 -36.87
N TRP B 597 -6.24 -24.17 -37.01
CA TRP B 597 -7.01 -24.78 -35.92
C TRP B 597 -7.06 -23.87 -34.69
N ARG B 598 -7.34 -22.59 -34.90
CA ARG B 598 -7.30 -21.65 -33.78
C ARG B 598 -8.68 -21.25 -33.27
N ASP B 599 -9.74 -21.46 -34.06
CA ASP B 599 -11.09 -21.29 -33.55
C ASP B 599 -11.46 -22.47 -32.65
N GLU B 600 -12.56 -22.33 -31.91
CA GLU B 600 -12.94 -23.36 -30.94
C GLU B 600 -13.26 -24.68 -31.63
N LYS B 601 -13.93 -24.64 -32.78
CA LYS B 601 -14.22 -25.87 -33.51
C LYS B 601 -12.94 -26.54 -34.00
N GLY B 602 -12.06 -25.77 -34.66
CA GLY B 602 -10.81 -26.32 -35.13
C GLY B 602 -9.88 -26.73 -34.02
N LEU B 603 -9.98 -26.07 -32.86
CA LEU B 603 -9.12 -26.42 -31.74
C LEU B 603 -9.48 -27.78 -31.14
N GLU B 604 -10.75 -28.16 -31.22
CA GLU B 604 -11.14 -29.49 -30.74
C GLU B 604 -10.48 -30.60 -31.56
N GLU B 605 -10.40 -30.42 -32.88
CA GLU B 605 -9.71 -31.39 -33.71
C GLU B 605 -8.23 -31.44 -33.39
N LEU B 606 -7.63 -30.29 -33.12
CA LEU B 606 -6.18 -30.24 -32.89
C LEU B 606 -5.80 -30.80 -31.53
N LYS B 607 -6.68 -30.70 -30.54
CA LYS B 607 -6.35 -31.20 -29.20
C LYS B 607 -6.24 -32.72 -29.19
N LYS B 608 -6.88 -33.40 -30.13
CA LYS B 608 -6.72 -34.84 -30.24
C LYS B 608 -5.33 -35.22 -30.74
N ARG B 609 -4.75 -34.38 -31.61
CA ARG B 609 -3.41 -34.63 -32.13
C ARG B 609 -2.32 -34.33 -31.12
N LEU B 610 -2.62 -33.54 -30.08
CA LEU B 610 -1.60 -33.13 -29.14
C LEU B 610 -1.18 -34.28 -28.24
N ASN B 611 0.09 -34.28 -27.86
CA ASN B 611 0.66 -35.30 -26.99
C ASN B 611 0.84 -34.75 -25.58
N SER B 612 0.52 -35.58 -24.59
CA SER B 612 0.60 -35.14 -23.20
C SER B 612 2.03 -34.83 -22.80
N GLY B 613 2.17 -33.87 -21.88
CA GLY B 613 3.47 -33.46 -21.38
C GLY B 613 4.02 -32.24 -22.11
N LEU B 614 5.26 -31.93 -21.77
CA LEU B 614 6.00 -30.81 -22.34
C LEU B 614 7.33 -31.31 -22.89
N PRO B 615 7.89 -30.62 -23.88
CA PRO B 615 9.26 -30.93 -24.30
C PRO B 615 10.23 -30.71 -23.16
N GLU B 616 11.20 -31.61 -23.05
CA GLU B 616 12.17 -31.56 -21.96
C GLU B 616 13.30 -30.59 -22.31
N PRO B 617 13.62 -29.63 -21.45
CA PRO B 617 14.69 -28.68 -21.79
C PRO B 617 16.06 -29.33 -21.77
N GLY B 618 16.82 -29.14 -22.86
CA GLY B 618 18.17 -29.66 -22.91
C GLY B 618 19.10 -28.99 -21.92
N ASN B 619 19.05 -27.67 -21.83
CA ASN B 619 19.78 -26.90 -20.82
C ASN B 619 18.75 -26.24 -19.92
N TYR B 620 18.54 -26.82 -18.75
CA TYR B 620 17.57 -26.33 -17.79
C TYR B 620 18.27 -25.46 -16.75
N ARG B 621 17.66 -24.33 -16.44
CA ARG B 621 18.14 -23.44 -15.39
C ARG B 621 17.08 -23.34 -14.31
N ASP B 622 17.54 -23.22 -13.07
CA ASP B 622 16.62 -23.23 -11.94
C ASP B 622 15.80 -21.95 -11.91
N PRO B 623 14.58 -22.01 -11.36
CA PRO B 623 13.74 -20.81 -11.28
C PRO B 623 14.30 -19.76 -10.34
N LYS B 624 13.84 -18.53 -10.54
CA LYS B 624 14.33 -17.39 -9.75
C LYS B 624 13.86 -17.46 -8.30
N TRP B 625 12.64 -17.95 -8.07
CA TRP B 625 12.04 -17.96 -6.74
C TRP B 625 12.09 -19.36 -6.14
N HIS B 626 12.30 -19.41 -4.83
CA HIS B 626 12.36 -20.66 -4.09
C HIS B 626 11.33 -20.64 -2.97
N GLU B 627 10.59 -21.74 -2.84
CA GLU B 627 9.50 -21.82 -1.87
C GLU B 627 10.02 -22.17 -0.48
N ILE B 628 9.54 -21.44 0.52
CA ILE B 628 9.80 -21.73 1.92
C ILE B 628 8.47 -22.14 2.54
N ASN B 629 8.46 -23.29 3.19
CA ASN B 629 7.27 -23.77 3.88
C ASN B 629 7.35 -23.43 5.36
N VAL B 630 6.32 -22.78 5.89
CA VAL B 630 6.31 -22.25 7.25
C VAL B 630 5.22 -22.95 8.04
N SER B 631 5.58 -23.43 9.24
CA SER B 631 4.65 -24.09 10.15
C SER B 631 4.60 -23.30 11.46
N ILE B 632 3.40 -22.87 11.83
CA ILE B 632 3.18 -22.08 13.04
C ILE B 632 2.23 -22.85 13.94
N GLU B 633 2.62 -23.03 15.20
CA GLU B 633 1.80 -23.70 16.19
C GLU B 633 1.30 -22.66 17.19
N MET B 634 -0.01 -22.66 17.43
CA MET B 634 -0.66 -21.64 18.25
C MET B 634 -1.50 -22.32 19.32
N ALA B 635 -1.05 -22.24 20.57
CA ALA B 635 -1.79 -22.79 21.70
C ALA B 635 -2.74 -21.77 22.32
N SER B 636 -3.25 -20.86 21.51
CA SER B 636 -4.10 -19.77 21.97
C SER B 636 -5.19 -19.53 20.93
N PRO B 637 -6.25 -18.82 21.30
CA PRO B 637 -7.20 -18.37 20.29
C PRO B 637 -6.55 -17.42 19.31
N PHE B 638 -7.10 -17.37 18.10
CA PHE B 638 -6.60 -16.51 17.04
C PHE B 638 -7.77 -15.73 16.46
N ILE B 639 -7.53 -14.47 16.13
CA ILE B 639 -8.49 -13.71 15.35
C ILE B 639 -7.73 -12.79 14.41
N ASN B 640 -8.19 -12.74 13.16
CA ASN B 640 -7.69 -11.83 12.15
C ASN B 640 -8.87 -10.90 11.84
N GLY B 641 -8.91 -9.76 12.51
CA GLY B 641 -10.07 -8.90 12.49
C GLY B 641 -10.63 -8.57 11.12
N ASP B 642 -11.93 -8.78 10.96
CA ASP B 642 -12.65 -8.48 9.73
C ASP B 642 -13.89 -7.68 10.10
N PRO B 643 -13.76 -6.36 10.26
CA PRO B 643 -14.88 -5.55 10.75
C PRO B 643 -16.11 -5.57 9.84
N ILE B 644 -15.93 -5.64 8.53
CA ILE B 644 -17.07 -5.57 7.63
C ILE B 644 -17.89 -6.86 7.69
N ARG B 645 -17.21 -8.00 7.82
CA ARG B 645 -17.93 -9.26 7.94
C ARG B 645 -18.66 -9.36 9.28
N ALA B 646 -18.12 -8.71 10.33
CA ALA B 646 -18.80 -8.69 11.61
C ALA B 646 -20.15 -7.97 11.51
N ALA B 647 -20.20 -6.87 10.78
CA ALA B 647 -21.44 -6.13 10.58
C ALA B 647 -22.49 -6.92 9.81
N VAL B 648 -22.07 -7.89 8.99
CA VAL B 648 -22.97 -8.59 8.09
C VAL B 648 -23.26 -10.02 8.53
N ASP B 649 -22.31 -10.69 9.19
CA ASP B 649 -22.49 -12.08 9.56
C ASP B 649 -23.68 -12.26 10.48
N LYS B 650 -24.42 -13.35 10.30
CA LYS B 650 -25.62 -13.60 11.10
C LYS B 650 -25.31 -13.65 12.58
N ARG B 651 -24.12 -14.12 12.93
CA ARG B 651 -23.62 -13.98 14.30
C ARG B 651 -23.52 -12.50 14.64
N GLY B 652 -24.05 -12.12 15.79
CA GLY B 652 -24.08 -10.72 16.14
C GLY B 652 -22.82 -10.18 16.77
N THR B 653 -21.73 -10.93 16.70
CA THR B 653 -20.51 -10.60 17.40
C THR B 653 -19.84 -9.35 16.82
N ALA B 654 -19.15 -8.60 17.68
CA ALA B 654 -18.53 -7.34 17.27
C ALA B 654 -17.28 -7.58 16.43
N VAL B 655 -16.51 -8.60 16.75
CA VAL B 655 -15.26 -8.89 16.05
C VAL B 655 -15.30 -10.33 15.54
N VAL B 656 -15.01 -10.52 14.25
CA VAL B 656 -14.96 -11.83 13.63
C VAL B 656 -13.62 -11.99 12.91
N THR B 657 -13.27 -13.24 12.63
CA THR B 657 -12.00 -13.58 12.01
C THR B 657 -12.11 -13.52 10.49
N PHE B 658 -11.00 -13.20 9.83
CA PHE B 658 -10.97 -13.15 8.38
C PHE B 658 -11.22 -14.52 7.78
N VAL B 659 -12.01 -14.55 6.71
CA VAL B 659 -12.23 -15.76 5.92
C VAL B 659 -12.11 -15.41 4.44
N LYS B 660 -11.68 -16.38 3.65
CA LYS B 660 -11.57 -16.23 2.21
C LYS B 660 -12.33 -17.34 1.51
N TYR B 661 -12.65 -17.11 0.25
CA TYR B 661 -13.45 -18.02 -0.54
C TYR B 661 -12.63 -18.62 -1.67
N LYS B 662 -12.72 -19.93 -1.83
CA LYS B 662 -12.05 -20.65 -2.91
C LYS B 662 -13.07 -21.01 -3.98
N ALA B 663 -12.69 -20.85 -5.24
CA ALA B 663 -13.54 -21.20 -6.35
C ALA B 663 -13.42 -22.69 -6.65
N GLU B 664 -14.54 -23.39 -6.66
CA GLU B 664 -14.61 -24.80 -7.03
C GLU B 664 -15.63 -24.90 -8.16
N GLY B 665 -15.16 -24.75 -9.39
CA GLY B 665 -16.06 -24.66 -10.52
C GLY B 665 -16.67 -23.28 -10.58
N GLU B 666 -17.95 -23.18 -10.23
CA GLU B 666 -18.63 -21.90 -10.12
C GLU B 666 -19.27 -21.74 -8.74
N GLU B 667 -18.62 -22.29 -7.71
CA GLU B 667 -19.06 -22.18 -6.33
C GLU B 667 -17.91 -21.66 -5.49
N ALA B 668 -18.24 -20.96 -4.41
CA ALA B 668 -17.26 -20.37 -3.51
C ALA B 668 -17.30 -21.08 -2.17
N LYS B 669 -16.14 -21.56 -1.72
CA LYS B 669 -16.03 -22.28 -0.45
C LYS B 669 -15.28 -21.43 0.56
N PRO B 670 -15.91 -21.00 1.66
CA PRO B 670 -15.18 -20.19 2.65
C PRO B 670 -14.23 -21.02 3.49
N VAL B 671 -13.08 -20.43 3.80
CA VAL B 671 -12.11 -21.02 4.73
C VAL B 671 -11.48 -19.89 5.55
N CYS B 672 -11.11 -20.20 6.78
CA CYS B 672 -10.44 -19.23 7.64
C CYS B 672 -8.95 -19.21 7.37
N ALA B 673 -8.38 -18.01 7.30
CA ALA B 673 -6.97 -17.86 6.96
C ALA B 673 -6.39 -16.68 7.70
N TYR B 674 -5.07 -16.73 7.91
CA TYR B 674 -4.28 -15.58 8.30
C TYR B 674 -3.89 -14.84 7.04
N LYS B 675 -4.25 -13.56 6.96
CA LYS B 675 -4.03 -12.79 5.74
C LYS B 675 -2.54 -12.63 5.45
N ALA B 676 -2.18 -12.69 4.16
CA ALA B 676 -0.81 -12.49 3.74
C ALA B 676 -0.33 -11.08 4.08
N GLU B 677 -1.20 -10.09 3.92
CA GLU B 677 -0.85 -8.71 4.26
C GLU B 677 -0.53 -8.55 5.73
N SER B 678 -1.30 -9.22 6.60
CA SER B 678 -1.05 -9.15 8.03
C SER B 678 0.25 -9.87 8.40
N PHE B 679 0.47 -11.05 7.81
CA PHE B 679 1.69 -11.80 8.08
C PHE B 679 2.92 -11.08 7.52
N ARG B 680 2.80 -10.51 6.32
CA ARG B 680 3.90 -9.73 5.76
C ARG B 680 4.23 -8.52 6.64
N GLY B 681 3.21 -7.83 7.14
CA GLY B 681 3.44 -6.67 7.99
C GLY B 681 4.14 -7.02 9.28
N VAL B 682 3.82 -8.18 9.84
CA VAL B 682 4.48 -8.64 11.06
C VAL B 682 5.93 -9.00 10.79
N ILE B 683 6.19 -9.73 9.70
CA ILE B 683 7.56 -10.11 9.35
C ILE B 683 8.38 -8.87 9.01
N ARG B 684 7.81 -7.93 8.26
CA ARG B 684 8.53 -6.71 7.92
C ARG B 684 8.84 -5.89 9.17
N SER B 685 7.92 -5.87 10.14
CA SER B 685 8.15 -5.13 11.36
C SER B 685 9.22 -5.79 12.22
N ALA B 686 9.27 -7.12 12.21
CA ALA B 686 10.27 -7.82 13.01
C ALA B 686 11.67 -7.54 12.50
N VAL B 687 11.84 -7.42 11.19
CA VAL B 687 13.13 -7.02 10.61
C VAL B 687 13.44 -5.57 10.94
N ALA B 688 12.46 -4.68 10.76
CA ALA B 688 12.71 -3.24 10.84
C ALA B 688 12.99 -2.78 12.27
N ARG B 689 12.44 -3.47 13.27
CA ARG B 689 12.61 -3.02 14.65
C ARG B 689 13.96 -3.39 15.25
N ILE B 690 14.73 -4.26 14.60
CA ILE B 690 16.01 -4.69 15.14
C ILE B 690 17.17 -4.32 14.20
N HIS B 691 16.92 -3.55 13.16
CA HIS B 691 17.99 -3.08 12.30
C HIS B 691 17.98 -1.55 12.23
N MET B 692 19.16 -0.97 12.11
CA MET B 692 19.32 0.48 12.04
C MET B 692 20.13 0.86 10.80
N GLU B 693 19.85 2.05 10.29
CA GLU B 693 20.62 2.65 9.21
C GLU B 693 21.18 3.97 9.71
N ASP B 694 22.51 4.05 9.86
CA ASP B 694 23.19 5.23 10.39
C ASP B 694 22.66 5.59 11.77
N GLY B 695 22.48 4.58 12.62
CA GLY B 695 22.06 4.80 13.99
C GLY B 695 20.58 5.06 14.18
N VAL B 696 19.78 4.98 13.12
CA VAL B 696 18.36 5.28 13.17
C VAL B 696 17.60 3.99 12.89
N PRO B 697 16.66 3.59 13.75
CA PRO B 697 15.87 2.38 13.47
C PRO B 697 15.09 2.49 12.16
N LEU B 698 14.99 1.36 11.47
CA LEU B 698 14.33 1.34 10.16
C LEU B 698 12.84 1.64 10.26
N THR B 699 12.24 1.44 11.43
CA THR B 699 10.85 1.81 11.63
C THR B 699 10.65 3.32 11.63
N GLU B 700 11.66 4.09 12.03
CA GLU B 700 11.58 5.54 12.02
C GLU B 700 11.85 6.15 10.65
N LEU B 701 12.21 5.34 9.67
CA LEU B 701 12.48 5.88 8.33
C LEU B 701 11.18 5.97 7.53
N THR B 702 11.13 6.96 6.64
CA THR B 702 9.97 7.11 5.77
C THR B 702 9.95 6.04 4.69
N HIS B 703 11.12 5.50 4.33
CA HIS B 703 11.26 4.42 3.36
C HIS B 703 10.68 4.80 2.00
N SER B 704 10.65 6.10 1.72
CA SER B 704 10.35 6.62 0.40
C SER B 704 11.62 7.24 -0.16
N ASP B 705 11.99 6.83 -1.37
CA ASP B 705 13.29 7.17 -1.96
C ASP B 705 14.41 6.68 -1.04
N CYS B 706 14.32 5.41 -0.64
CA CYS B 706 15.22 4.84 0.34
C CYS B 706 15.78 3.52 -0.19
N GLU B 707 16.95 3.14 0.30
CA GLU B 707 17.59 1.89 -0.06
C GLU B 707 18.20 1.22 1.16
N CYS B 708 17.48 1.23 2.27
CA CYS B 708 17.91 0.55 3.48
C CYS B 708 17.73 -0.95 3.33
N LEU B 709 18.20 -1.69 4.34
CA LEU B 709 18.09 -3.15 4.32
C LEU B 709 16.64 -3.60 4.18
N LEU B 710 15.72 -2.88 4.82
CA LEU B 710 14.31 -3.25 4.73
C LEU B 710 13.78 -3.08 3.32
N CYS B 711 14.16 -1.99 2.64
CA CYS B 711 13.71 -1.76 1.28
C CYS B 711 14.34 -2.71 0.28
N GLN B 712 15.51 -3.28 0.61
CA GLN B 712 16.16 -4.23 -0.28
C GLN B 712 15.46 -5.59 -0.26
N ILE B 713 14.90 -5.98 0.88
CA ILE B 713 14.24 -7.27 1.00
C ILE B 713 12.76 -7.17 0.70
N PHE B 714 12.07 -6.18 1.27
CA PHE B 714 10.63 -6.08 1.16
C PHE B 714 10.17 -5.12 0.07
N GLY B 715 11.08 -4.41 -0.57
CA GLY B 715 10.70 -3.49 -1.61
C GLY B 715 10.35 -2.12 -1.09
N SER B 716 10.07 -1.22 -2.03
CA SER B 716 9.72 0.15 -1.71
C SER B 716 8.85 0.69 -2.84
N GLU B 717 8.62 2.00 -2.82
CA GLU B 717 7.84 2.66 -3.86
C GLU B 717 8.60 2.75 -5.18
N TYR B 718 9.89 2.42 -5.18
CA TYR B 718 10.71 2.48 -6.40
C TYR B 718 11.19 1.12 -6.88
N GLU B 719 11.42 0.18 -5.97
CA GLU B 719 11.90 -1.15 -6.33
C GLU B 719 10.98 -2.22 -5.73
N ALA B 720 10.61 -3.19 -6.57
CA ALA B 720 9.75 -4.28 -6.13
C ALA B 720 10.44 -5.15 -5.10
N GLY B 721 9.64 -5.78 -4.25
CA GLY B 721 10.18 -6.61 -3.20
C GLY B 721 10.69 -7.94 -3.70
N LYS B 722 11.56 -8.56 -2.91
CA LYS B 722 12.20 -9.82 -3.24
C LYS B 722 11.73 -10.97 -2.38
N ILE B 723 10.62 -10.80 -1.67
CA ILE B 723 10.03 -11.84 -0.84
C ILE B 723 8.51 -11.74 -0.98
N ARG B 724 7.86 -12.89 -1.08
CA ARG B 724 6.42 -12.95 -1.35
C ARG B 724 5.75 -13.82 -0.30
N PHE B 725 4.78 -13.25 0.42
CA PHE B 725 4.08 -13.94 1.49
C PHE B 725 2.69 -14.35 1.00
N GLU B 726 2.35 -15.61 1.19
CA GLU B 726 1.01 -16.10 0.85
C GLU B 726 0.14 -16.18 2.10
N ASP B 727 -1.15 -16.42 1.86
CA ASP B 727 -2.09 -16.66 2.95
C ASP B 727 -1.73 -17.94 3.70
N LEU B 728 -1.90 -17.90 5.02
CA LEU B 728 -1.68 -19.06 5.86
C LEU B 728 -3.03 -19.64 6.26
N VAL B 729 -3.27 -20.89 5.92
CA VAL B 729 -4.52 -21.56 6.24
C VAL B 729 -4.30 -22.47 7.45
N PHE B 730 -5.39 -22.95 8.03
CA PHE B 730 -5.31 -23.76 9.24
C PHE B 730 -5.51 -25.23 8.91
N GLU B 731 -4.61 -26.07 9.42
CA GLU B 731 -4.78 -27.51 9.31
C GLU B 731 -5.95 -27.95 10.18
N SER B 732 -6.70 -28.95 9.70
CA SER B 732 -8.03 -29.30 10.20
C SER B 732 -9.00 -28.18 9.88
N ASP B 733 -10.20 -28.23 10.46
CA ASP B 733 -11.22 -27.21 10.24
C ASP B 733 -11.75 -26.73 11.58
N PRO B 734 -10.99 -25.88 12.28
CA PRO B 734 -11.52 -25.27 13.49
C PRO B 734 -12.68 -24.33 13.18
N GLU B 735 -13.66 -24.33 14.06
CA GLU B 735 -14.85 -23.51 13.94
C GLU B 735 -14.83 -22.40 14.98
N PRO B 736 -15.16 -21.16 14.59
CA PRO B 736 -15.07 -20.05 15.56
C PRO B 736 -15.99 -20.25 16.75
N VAL B 737 -15.50 -19.84 17.91
CA VAL B 737 -16.26 -19.81 19.15
C VAL B 737 -16.41 -18.35 19.56
N THR B 738 -17.41 -18.09 20.40
CA THR B 738 -17.73 -16.73 20.81
C THR B 738 -17.31 -16.50 22.25
N PHE B 739 -16.61 -15.40 22.49
CA PHE B 739 -16.25 -14.93 23.81
C PHE B 739 -16.84 -13.54 24.02
N ASP B 740 -17.37 -13.28 25.21
CA ASP B 740 -17.98 -11.99 25.51
C ASP B 740 -17.26 -11.35 26.70
N HIS B 741 -17.19 -10.03 26.68
CA HIS B 741 -16.45 -9.29 27.69
C HIS B 741 -17.27 -8.11 28.19
N VAL B 742 -16.99 -7.71 29.43
CA VAL B 742 -17.56 -6.49 30.01
C VAL B 742 -16.44 -5.73 30.72
N ALA B 743 -16.46 -4.40 30.59
CA ALA B 743 -15.60 -3.53 31.36
C ALA B 743 -16.26 -3.20 32.69
N ILE B 744 -15.47 -3.23 33.75
CA ILE B 744 -15.99 -3.05 35.11
C ILE B 744 -15.69 -1.63 35.57
N ASP B 745 -16.74 -0.90 35.95
CA ASP B 745 -16.58 0.42 36.53
C ASP B 745 -15.77 0.34 37.81
N ARG B 746 -14.72 1.15 37.90
CA ARG B 746 -13.79 1.07 39.02
C ARG B 746 -14.41 1.58 40.32
N PHE B 747 -15.53 2.30 40.25
CA PHE B 747 -16.21 2.80 41.43
C PHE B 747 -17.39 1.92 41.82
N THR B 748 -18.32 1.66 40.90
CA THR B 748 -19.50 0.87 41.24
C THR B 748 -19.18 -0.62 41.33
N GLY B 749 -18.18 -1.09 40.58
CA GLY B 749 -17.83 -2.49 40.58
C GLY B 749 -18.66 -3.35 39.67
N GLY B 750 -19.62 -2.77 38.95
CA GLY B 750 -20.44 -3.48 38.02
C GLY B 750 -20.07 -3.17 36.57
N ALA B 751 -20.81 -3.81 35.67
CA ALA B 751 -20.55 -3.65 34.25
C ALA B 751 -20.83 -2.22 33.80
N ALA B 752 -19.87 -1.62 33.13
CA ALA B 752 -20.03 -0.27 32.62
C ALA B 752 -20.90 -0.26 31.37
N ALA B 753 -21.60 0.85 31.17
CA ALA B 753 -22.45 1.03 30.00
C ALA B 753 -21.56 1.34 28.81
N LYS B 754 -21.17 0.30 28.09
CA LYS B 754 -20.29 0.45 26.94
C LYS B 754 -20.83 -0.35 25.77
N LYS B 755 -20.33 -0.02 24.59
CA LYS B 755 -20.67 -0.75 23.37
C LYS B 755 -20.19 -2.19 23.48
N LYS B 756 -20.99 -3.11 22.96
CA LYS B 756 -20.64 -4.52 23.00
C LYS B 756 -19.37 -4.78 22.20
N PHE B 757 -18.45 -5.55 22.78
CA PHE B 757 -17.19 -5.87 22.11
C PHE B 757 -16.85 -7.34 22.28
N ASP B 758 -17.86 -8.20 22.15
CA ASP B 758 -17.61 -9.63 22.10
C ASP B 758 -16.86 -9.99 20.81
N ASP B 759 -16.09 -11.07 20.89
CA ASP B 759 -15.27 -11.52 19.77
C ASP B 759 -15.60 -12.96 19.43
N SER B 760 -15.30 -13.34 18.20
CA SER B 760 -15.52 -14.70 17.70
C SER B 760 -14.23 -15.20 17.06
N PRO B 761 -13.26 -15.60 17.88
CA PRO B 761 -11.99 -16.09 17.36
C PRO B 761 -12.01 -17.59 17.07
N LEU B 762 -10.96 -18.05 16.40
CA LEU B 762 -10.74 -19.47 16.21
C LEU B 762 -10.14 -20.06 17.48
N PRO B 763 -10.73 -21.11 18.03
CA PRO B 763 -10.23 -21.66 19.31
C PRO B 763 -8.87 -22.31 19.16
N GLY B 764 -8.05 -22.15 20.19
CA GLY B 764 -6.74 -22.77 20.23
C GLY B 764 -6.32 -22.95 21.67
N SER B 765 -5.72 -24.08 22.00
CA SER B 765 -5.36 -24.39 23.37
C SER B 765 -4.10 -25.24 23.36
N PRO B 766 -3.43 -25.36 24.52
CA PRO B 766 -2.30 -26.30 24.60
C PRO B 766 -2.65 -27.74 24.24
N ALA B 767 -3.87 -28.18 24.54
CA ALA B 767 -4.26 -29.55 24.23
C ALA B 767 -4.59 -29.72 22.75
N ARG B 768 -5.20 -28.71 22.12
CA ARG B 768 -5.56 -28.77 20.71
C ARG B 768 -5.04 -27.51 20.02
N PRO B 769 -3.74 -27.43 19.78
CA PRO B 769 -3.17 -26.20 19.20
C PRO B 769 -3.65 -25.95 17.79
N LEU B 770 -3.71 -24.67 17.43
CA LEU B 770 -3.97 -24.28 16.06
C LEU B 770 -2.72 -24.51 15.22
N MET B 771 -2.89 -25.13 14.06
CA MET B 771 -1.80 -25.43 13.14
C MET B 771 -1.96 -24.56 11.91
N LEU B 772 -1.09 -23.57 11.79
CA LEU B 772 -1.15 -22.58 10.72
C LEU B 772 -0.03 -22.86 9.72
N LYS B 773 -0.39 -23.13 8.48
CA LYS B 773 0.58 -23.55 7.48
C LYS B 773 0.41 -22.78 6.17
N GLY B 774 1.53 -22.53 5.54
CA GLY B 774 1.55 -21.88 4.24
C GLY B 774 2.96 -21.83 3.72
N SER B 775 3.18 -20.97 2.74
CA SER B 775 4.51 -20.84 2.16
C SER B 775 4.75 -19.39 1.75
N PHE B 776 5.96 -18.91 1.97
CA PHE B 776 6.42 -17.68 1.35
C PHE B 776 7.59 -18.01 0.43
N TRP B 777 7.73 -17.24 -0.63
CA TRP B 777 8.75 -17.47 -1.65
C TRP B 777 9.79 -16.38 -1.57
N ILE B 778 11.06 -16.76 -1.71
CA ILE B 778 12.16 -15.82 -1.63
C ILE B 778 13.06 -16.01 -2.85
N ARG B 779 13.49 -14.91 -3.45
CA ARG B 779 14.40 -14.97 -4.58
C ARG B 779 15.73 -15.60 -4.18
N ARG B 780 16.31 -16.35 -5.10
CA ARG B 780 17.52 -17.12 -4.79
C ARG B 780 18.72 -16.21 -4.56
N ASP B 781 18.79 -15.07 -5.24
CA ASP B 781 19.87 -14.13 -4.96
C ASP B 781 19.77 -13.56 -3.56
N VAL B 782 18.55 -13.41 -3.04
CA VAL B 782 18.36 -13.05 -1.64
C VAL B 782 18.77 -14.21 -0.76
N LEU B 783 18.49 -15.44 -1.19
CA LEU B 783 18.79 -16.61 -0.39
C LEU B 783 20.27 -16.99 -0.45
N GLU B 784 21.00 -16.44 -1.41
CA GLU B 784 22.44 -16.64 -1.52
C GLU B 784 23.24 -15.53 -0.85
N ASP B 785 22.58 -14.52 -0.30
CA ASP B 785 23.23 -13.38 0.33
C ASP B 785 23.27 -13.61 1.84
N GLU B 786 24.47 -13.58 2.41
CA GLU B 786 24.62 -13.88 3.83
C GLU B 786 23.99 -12.81 4.70
N GLU B 787 24.01 -11.55 4.26
CA GLU B 787 23.46 -10.47 5.07
C GLU B 787 21.93 -10.44 5.01
N TYR B 788 21.36 -10.82 3.87
CA TYR B 788 19.90 -10.86 3.78
C TYR B 788 19.32 -12.04 4.54
N CYS B 789 19.94 -13.21 4.41
CA CYS B 789 19.49 -14.37 5.18
C CYS B 789 19.72 -14.18 6.67
N LYS B 790 20.73 -13.38 7.04
CA LYS B 790 20.96 -13.07 8.44
C LYS B 790 19.85 -12.18 8.99
N ALA B 791 19.41 -11.20 8.21
CA ALA B 791 18.36 -10.29 8.68
C ALA B 791 17.04 -11.01 8.89
N LEU B 792 16.67 -11.88 7.95
CA LEU B 792 15.42 -12.61 8.08
C LEU B 792 15.49 -13.64 9.20
N GLY B 793 16.65 -14.26 9.40
CA GLY B 793 16.78 -15.25 10.45
C GLY B 793 16.63 -14.66 11.85
N LYS B 794 17.17 -13.47 12.06
CA LYS B 794 17.01 -12.80 13.35
C LYS B 794 15.55 -12.44 13.61
N ALA B 795 14.86 -11.92 12.58
CA ALA B 795 13.46 -11.57 12.75
C ALA B 795 12.61 -12.81 13.01
N LEU B 796 12.77 -13.85 12.20
CA LEU B 796 12.03 -15.09 12.40
C LEU B 796 12.40 -15.77 13.70
N ALA B 797 13.56 -15.44 14.28
CA ALA B 797 13.89 -15.95 15.61
C ALA B 797 13.08 -15.26 16.69
N ASP B 798 12.69 -13.99 16.46
CA ASP B 798 11.84 -13.29 17.41
C ASP B 798 10.38 -13.73 17.29
N VAL B 799 9.93 -14.03 16.07
CA VAL B 799 8.60 -14.60 15.90
C VAL B 799 8.53 -15.97 16.55
N ASN B 800 9.58 -16.77 16.37
CA ASN B 800 9.65 -18.09 16.98
C ASN B 800 9.71 -18.02 18.51
N ASN B 801 10.20 -16.91 19.07
CA ASN B 801 10.29 -16.73 20.52
C ASN B 801 9.12 -15.96 21.11
N GLY B 802 8.03 -15.83 20.37
CA GLY B 802 6.81 -15.24 20.90
C GLY B 802 6.87 -13.76 21.21
N LEU B 803 7.52 -12.98 20.35
CA LEU B 803 7.57 -11.54 20.49
C LEU B 803 6.66 -10.82 19.50
N TYR B 804 6.11 -11.53 18.52
CA TYR B 804 5.28 -10.94 17.47
C TYR B 804 4.01 -11.77 17.35
N PRO B 805 3.02 -11.51 18.19
CA PRO B 805 1.75 -12.23 18.08
C PRO B 805 1.06 -11.96 16.75
N LEU B 806 0.26 -12.93 16.33
CA LEU B 806 -0.42 -12.87 15.04
C LEU B 806 -1.87 -12.48 15.25
N GLY B 807 -2.34 -11.53 14.46
CA GLY B 807 -3.71 -11.07 14.57
C GLY B 807 -3.92 -10.08 15.71
N GLY B 808 -5.19 -9.92 16.07
CA GLY B 808 -5.59 -8.94 17.06
C GLY B 808 -5.77 -9.52 18.45
N LYS B 809 -6.17 -8.63 19.37
CA LYS B 809 -6.50 -8.98 20.75
C LYS B 809 -5.35 -9.71 21.43
N SER B 810 -4.13 -9.27 21.13
CA SER B 810 -2.95 -9.89 21.71
C SER B 810 -2.88 -9.68 23.21
N ALA B 811 -3.45 -8.57 23.70
CA ALA B 811 -3.39 -8.22 25.11
C ALA B 811 -4.16 -9.20 25.99
N ILE B 812 -5.15 -9.89 25.44
CA ILE B 812 -5.97 -10.81 26.22
C ILE B 812 -5.61 -12.27 25.91
N GLY B 813 -4.49 -12.50 25.24
CA GLY B 813 -3.97 -13.85 25.08
C GLY B 813 -4.18 -14.50 23.75
N TYR B 814 -4.44 -13.73 22.70
CA TYR B 814 -4.71 -14.30 21.39
C TYR B 814 -3.45 -14.24 20.54
N GLY B 815 -3.39 -15.12 19.54
CA GLY B 815 -2.37 -15.05 18.53
C GLY B 815 -0.97 -15.37 19.00
N GLN B 816 -0.82 -15.97 20.17
CA GLN B 816 0.50 -16.22 20.71
C GLN B 816 1.12 -17.43 20.01
N VAL B 817 2.27 -17.19 19.38
CA VAL B 817 2.97 -18.21 18.61
C VAL B 817 3.76 -19.10 19.55
N LYS B 818 3.57 -20.42 19.41
CA LYS B 818 4.34 -21.35 20.23
C LYS B 818 5.67 -21.68 19.58
N SER B 819 5.67 -21.84 18.26
CA SER B 819 6.89 -22.12 17.51
C SER B 819 6.64 -21.81 16.05
N LEU B 820 7.71 -21.44 15.35
CA LEU B 820 7.66 -21.23 13.91
C LEU B 820 8.84 -21.96 13.28
N GLY B 821 8.54 -22.81 12.31
CA GLY B 821 9.57 -23.51 11.57
C GLY B 821 9.46 -23.24 10.09
N ILE B 822 10.60 -23.25 9.42
CA ILE B 822 10.68 -23.07 7.97
C ILE B 822 11.47 -24.23 7.38
N LYS B 823 11.05 -24.66 6.19
CA LYS B 823 11.73 -25.71 5.45
C LYS B 823 11.82 -25.33 3.98
N GLY B 824 12.92 -25.70 3.36
CA GLY B 824 13.14 -25.39 1.96
C GLY B 824 14.14 -24.30 1.68
N ASP B 825 15.11 -24.08 2.56
CA ASP B 825 16.11 -23.02 2.39
C ASP B 825 17.53 -23.54 2.57
N ASP B 826 17.71 -24.86 2.68
CA ASP B 826 19.03 -25.46 2.96
C ASP B 826 19.60 -24.95 4.28
N LYS B 827 18.71 -24.67 5.24
CA LYS B 827 19.07 -24.17 6.57
C LYS B 827 19.80 -22.84 6.54
N ARG B 828 19.69 -22.09 5.43
CA ARG B 828 20.41 -20.83 5.33
C ARG B 828 19.78 -19.74 6.20
N ILE B 829 18.48 -19.84 6.47
CA ILE B 829 17.81 -18.93 7.37
C ILE B 829 17.53 -19.57 8.73
N SER B 830 17.05 -20.82 8.73
CA SER B 830 16.66 -21.47 9.97
C SER B 830 17.83 -21.76 10.91
N ARG B 831 19.07 -21.61 10.42
CA ARG B 831 20.23 -21.84 11.28
C ARG B 831 20.35 -20.80 12.39
N LEU B 832 19.70 -19.64 12.23
CA LEU B 832 19.68 -18.61 13.25
C LEU B 832 18.47 -18.71 14.17
N MET B 833 17.55 -19.62 13.90
CA MET B 833 16.30 -19.73 14.64
C MET B 833 16.41 -20.88 15.64
N ASN B 834 17.18 -20.65 16.70
CA ASN B 834 17.37 -21.66 17.74
C ASN B 834 16.68 -21.25 19.03
N THR B 840 21.20 -20.52 33.36
CA THR B 840 21.04 -20.70 34.80
C THR B 840 19.57 -20.80 35.17
N ASP B 841 19.28 -21.55 36.23
CA ASP B 841 17.92 -21.72 36.75
C ASP B 841 17.92 -21.26 38.21
N VAL B 842 17.70 -19.98 38.42
CA VAL B 842 17.66 -19.40 39.75
C VAL B 842 16.21 -19.36 40.23
N ALA B 843 16.00 -19.79 41.46
CA ALA B 843 14.66 -19.81 42.03
C ALA B 843 14.13 -18.39 42.22
N VAL B 844 12.86 -18.19 41.90
CA VAL B 844 12.20 -16.92 42.15
C VAL B 844 12.13 -16.67 43.65
N PRO B 845 12.40 -15.46 44.13
CA PRO B 845 12.30 -15.20 45.58
C PRO B 845 10.85 -15.34 46.06
N GLU B 846 10.72 -15.71 47.32
CA GLU B 846 9.40 -15.80 47.93
C GLU B 846 8.86 -14.41 48.24
N LYS B 847 7.53 -14.31 48.32
CA LYS B 847 6.89 -13.04 48.63
C LYS B 847 7.24 -12.62 50.06
N PRO B 848 7.30 -11.33 50.34
CA PRO B 848 7.37 -10.88 51.73
C PRO B 848 6.06 -11.14 52.44
N LYS B 849 6.15 -11.40 53.74
CA LYS B 849 4.96 -11.54 54.57
C LYS B 849 4.34 -10.17 54.79
N THR B 850 3.03 -10.07 54.60
CA THR B 850 2.36 -8.78 54.65
C THR B 850 2.35 -8.23 56.07
N ASP B 851 2.34 -6.90 56.16
CA ASP B 851 2.20 -6.20 57.43
C ASP B 851 0.81 -5.62 57.62
N ALA B 852 -0.13 -5.89 56.71
CA ALA B 852 -1.49 -5.41 56.86
C ALA B 852 -2.19 -6.15 57.98
N GLU B 853 -2.70 -5.40 58.97
CA GLU B 853 -3.36 -5.96 60.13
C GLU B 853 -4.84 -5.59 60.09
N VAL B 854 -5.69 -6.62 60.08
CA VAL B 854 -7.14 -6.44 60.12
C VAL B 854 -7.66 -7.20 61.32
N ARG B 855 -8.33 -6.50 62.23
CA ARG B 855 -8.91 -7.10 63.42
C ARG B 855 -10.38 -7.36 63.16
N ILE B 856 -10.81 -8.61 63.39
CA ILE B 856 -12.17 -9.04 63.12
C ILE B 856 -12.75 -9.64 64.39
N GLU B 857 -13.95 -9.21 64.75
CA GLU B 857 -14.65 -9.68 65.93
C GLU B 857 -15.83 -10.55 65.52
N ALA B 858 -16.02 -11.68 66.21
CA ALA B 858 -17.02 -12.65 65.80
C ALA B 858 -18.44 -12.10 65.90
N GLU B 859 -18.68 -11.20 66.85
CA GLU B 859 -20.02 -10.64 67.04
C GLU B 859 -20.37 -9.57 66.02
N LYS B 860 -19.41 -9.12 65.22
CA LYS B 860 -19.64 -8.05 64.26
C LYS B 860 -20.08 -8.61 62.91
N VAL B 861 -20.73 -7.77 62.13
CA VAL B 861 -21.08 -8.06 60.74
C VAL B 861 -20.48 -6.95 59.88
N TYR B 862 -19.77 -7.34 58.84
CA TYR B 862 -19.02 -6.40 58.02
C TYR B 862 -19.66 -6.27 56.64
N TYR B 863 -19.37 -5.15 55.99
CA TYR B 863 -19.92 -4.89 54.67
C TYR B 863 -19.16 -5.69 53.62
N PRO B 864 -19.84 -6.16 52.57
CA PRO B 864 -19.15 -6.93 51.53
C PRO B 864 -18.06 -6.16 50.80
N HIS B 865 -18.20 -4.86 50.61
CA HIS B 865 -17.24 -4.07 49.85
C HIS B 865 -16.92 -2.78 50.57
N TYR B 866 -15.75 -2.23 50.26
CA TYR B 866 -15.33 -0.94 50.76
C TYR B 866 -14.60 -0.20 49.64
N PHE B 867 -14.35 1.09 49.85
CA PHE B 867 -13.72 1.94 48.85
C PHE B 867 -12.34 2.37 49.31
N VAL B 868 -11.38 2.34 48.39
CA VAL B 868 -10.05 2.88 48.63
C VAL B 868 -10.02 4.30 48.10
N GLU B 869 -9.75 5.26 48.99
CA GLU B 869 -9.68 6.65 48.62
C GLU B 869 -8.35 6.93 47.92
N PRO B 870 -8.35 7.46 46.70
CA PRO B 870 -7.09 7.75 46.02
C PRO B 870 -6.39 8.98 46.57
N HIS B 871 -5.08 9.00 46.37
CA HIS B 871 -4.27 10.19 46.57
C HIS B 871 -4.67 11.25 45.54
N LYS B 872 -4.52 12.52 45.91
CA LYS B 872 -4.97 13.59 45.04
C LYS B 872 -4.06 13.81 43.84
N LYS B 873 -2.84 13.28 43.86
CA LYS B 873 -1.87 13.48 42.80
C LYS B 873 -1.89 12.28 41.85
N VAL B 874 -2.00 12.55 40.56
CA VAL B 874 -1.93 11.53 39.51
C VAL B 874 -0.78 11.91 38.58
N GLU B 875 0.25 11.08 38.54
CA GLU B 875 1.44 11.35 37.75
C GLU B 875 1.16 11.00 36.28
N ARG B 876 1.30 11.98 35.41
CA ARG B 876 1.01 11.80 33.99
C ARG B 876 2.19 12.27 33.16
N GLU B 877 2.47 11.53 32.08
CA GLU B 877 3.53 11.86 31.15
C GLU B 877 2.92 12.05 29.78
N GLU B 878 3.39 13.08 29.06
CA GLU B 878 2.78 13.45 27.80
C GLU B 878 3.10 12.47 26.69
N LYS B 879 4.24 11.80 26.76
CA LYS B 879 4.66 10.84 25.73
C LYS B 879 5.05 9.52 26.36
N PRO B 880 4.33 8.44 26.10
CA PRO B 880 4.76 7.12 26.56
C PRO B 880 5.82 6.53 25.65
N CYS B 881 6.40 5.43 26.10
CA CYS B 881 7.46 4.75 25.36
C CYS B 881 6.92 4.26 24.01
N GLY B 882 7.66 4.57 22.95
CA GLY B 882 7.26 4.12 21.63
C GLY B 882 7.50 2.64 21.39
N HIS B 883 6.79 2.11 20.41
CA HIS B 883 6.88 0.70 20.05
C HIS B 883 7.81 0.44 18.88
N GLN B 884 8.49 1.46 18.37
CA GLN B 884 9.23 1.32 17.12
C GLN B 884 10.52 0.51 17.27
N LYS B 885 10.93 0.19 18.49
CA LYS B 885 12.17 -0.55 18.68
C LYS B 885 12.18 -1.13 20.09
N PHE B 886 13.18 -1.97 20.36
CA PHE B 886 13.47 -2.42 21.70
C PHE B 886 14.43 -1.41 22.31
N HIS B 887 13.90 -0.53 23.16
CA HIS B 887 14.70 0.57 23.69
C HIS B 887 15.72 0.07 24.69
N GLU B 888 16.91 0.67 24.66
CA GLU B 888 17.96 0.34 25.61
C GLU B 888 17.56 0.84 27.00
N GLY B 889 17.93 0.06 28.02
CA GLY B 889 17.54 0.36 29.38
C GLY B 889 16.16 -0.12 29.75
N ARG B 890 15.39 -0.61 28.78
CA ARG B 890 14.07 -1.16 29.03
C ARG B 890 14.19 -2.67 29.19
N LEU B 891 13.05 -3.32 29.44
CA LEU B 891 13.02 -4.76 29.68
C LEU B 891 11.92 -5.37 28.83
N THR B 892 12.25 -6.47 28.16
CA THR B 892 11.30 -7.26 27.38
C THR B 892 11.48 -8.71 27.77
N GLY B 893 10.37 -9.43 27.88
CA GLY B 893 10.45 -10.82 28.27
C GLY B 893 9.09 -11.40 28.55
N LYS B 894 9.09 -12.43 29.39
CA LYS B 894 7.89 -13.15 29.77
C LYS B 894 7.92 -13.41 31.26
N ILE B 895 6.73 -13.44 31.86
CA ILE B 895 6.54 -13.86 33.25
C ILE B 895 5.67 -15.09 33.24
N ARG B 896 6.10 -16.12 33.95
CA ARG B 896 5.33 -17.36 34.09
C ARG B 896 4.72 -17.37 35.48
N CYS B 897 3.40 -17.50 35.55
CA CYS B 897 2.68 -17.34 36.80
C CYS B 897 1.79 -18.55 37.07
N LYS B 898 1.65 -18.87 38.35
CA LYS B 898 0.77 -19.93 38.82
C LYS B 898 -0.35 -19.32 39.65
N LEU B 899 -1.59 -19.61 39.28
CA LEU B 899 -2.78 -19.15 39.98
C LEU B 899 -3.36 -20.30 40.78
N ILE B 900 -3.59 -20.09 42.06
CA ILE B 900 -4.19 -21.09 42.93
C ILE B 900 -5.43 -20.48 43.60
N THR B 901 -6.54 -21.21 43.56
CA THR B 901 -7.78 -20.74 44.17
C THR B 901 -7.74 -20.99 45.67
N LYS B 902 -8.15 -19.99 46.45
CA LYS B 902 -8.26 -20.12 47.90
C LYS B 902 -9.68 -20.30 48.38
N THR B 903 -10.66 -19.84 47.63
CA THR B 903 -12.08 -20.10 47.83
C THR B 903 -12.62 -20.61 46.50
N PRO B 904 -13.85 -21.14 46.49
CA PRO B 904 -14.42 -21.60 45.23
C PRO B 904 -14.47 -20.51 44.17
N LEU B 905 -14.20 -20.91 42.93
CA LEU B 905 -14.05 -19.99 41.81
C LEU B 905 -15.17 -20.20 40.80
N ILE B 906 -15.73 -19.10 40.31
CA ILE B 906 -16.76 -19.13 39.29
C ILE B 906 -16.28 -18.27 38.13
N VAL B 907 -15.78 -18.92 37.09
CA VAL B 907 -15.56 -18.25 35.82
C VAL B 907 -16.49 -18.92 34.82
N PRO B 908 -17.63 -18.30 34.52
CA PRO B 908 -18.68 -19.01 33.78
C PRO B 908 -18.40 -19.12 32.29
N ASP B 909 -18.99 -20.15 31.69
CA ASP B 909 -19.10 -20.29 30.25
C ASP B 909 -20.46 -19.75 29.87
N THR B 910 -20.49 -18.53 29.34
CA THR B 910 -21.75 -17.85 29.08
C THR B 910 -22.29 -18.15 27.69
N SER B 911 -21.66 -19.05 26.94
CA SER B 911 -22.21 -19.47 25.65
C SER B 911 -23.53 -20.21 25.83
N ASN B 912 -23.68 -20.95 26.93
CA ASN B 912 -24.88 -21.73 27.22
C ASN B 912 -25.39 -21.31 28.59
N ASP B 913 -26.51 -20.59 28.62
CA ASP B 913 -27.08 -20.11 29.87
C ASP B 913 -28.10 -21.07 30.46
N ASP B 914 -28.32 -22.23 29.85
CA ASP B 914 -29.24 -23.24 30.34
C ASP B 914 -28.52 -24.57 30.48
N PHE B 915 -27.33 -24.53 31.09
CA PHE B 915 -26.45 -25.69 31.11
C PHE B 915 -27.03 -26.83 31.95
N PHE B 916 -27.64 -26.51 33.09
CA PHE B 916 -28.12 -27.53 34.01
C PHE B 916 -29.59 -27.89 33.80
N ARG B 917 -30.22 -27.38 32.75
CA ARG B 917 -31.57 -27.81 32.41
C ARG B 917 -31.77 -27.79 30.90
N TYR B 930 -36.12 -17.28 32.55
CA TYR B 930 -35.99 -18.53 33.29
C TYR B 930 -34.76 -18.51 34.17
N HIS B 931 -34.56 -19.58 34.93
CA HIS B 931 -33.41 -19.72 35.82
C HIS B 931 -32.19 -20.11 35.00
N LYS B 932 -31.26 -19.17 34.83
CA LYS B 932 -30.08 -19.40 34.02
C LYS B 932 -29.04 -20.21 34.78
N SER B 933 -28.37 -21.11 34.06
CA SER B 933 -27.33 -21.97 34.63
C SER B 933 -26.11 -21.94 33.72
N TYR B 934 -24.92 -21.94 34.33
CA TYR B 934 -23.68 -21.83 33.59
C TYR B 934 -22.67 -22.87 34.08
N ALA B 935 -21.90 -23.41 33.14
CA ALA B 935 -20.75 -24.25 33.44
C ALA B 935 -19.49 -23.39 33.57
N PHE B 936 -18.45 -23.98 34.14
CA PHE B 936 -17.16 -23.31 34.22
C PHE B 936 -16.57 -23.16 32.83
N PHE B 937 -15.83 -22.06 32.63
CA PHE B 937 -15.24 -21.79 31.33
C PHE B 937 -14.29 -22.91 30.91
N ARG B 938 -14.44 -23.36 29.67
CA ARG B 938 -13.55 -24.36 29.12
C ARG B 938 -13.41 -24.16 27.63
N LEU B 939 -12.29 -24.66 27.09
CA LEU B 939 -11.99 -24.58 25.67
C LEU B 939 -11.45 -25.93 25.24
N HIS B 940 -12.13 -26.56 24.27
CA HIS B 940 -11.76 -27.88 23.78
C HIS B 940 -11.70 -28.90 24.92
N LYS B 941 -12.72 -28.87 25.77
CA LYS B 941 -12.87 -29.75 26.93
C LYS B 941 -11.80 -29.52 27.99
N GLN B 942 -11.10 -28.39 27.93
CA GLN B 942 -10.04 -28.08 28.88
C GLN B 942 -10.44 -26.88 29.72
N ILE B 943 -10.35 -27.01 31.04
CA ILE B 943 -10.76 -25.95 31.95
C ILE B 943 -9.72 -24.85 31.95
N MET B 944 -10.15 -23.62 31.63
CA MET B 944 -9.23 -22.52 31.44
C MET B 944 -9.79 -21.25 32.06
N ILE B 945 -8.93 -20.27 32.25
CA ILE B 945 -9.30 -18.91 32.60
C ILE B 945 -8.83 -18.00 31.46
N PRO B 946 -9.72 -17.29 30.77
CA PRO B 946 -9.27 -16.40 29.70
C PRO B 946 -8.41 -15.26 30.22
N GLY B 947 -7.51 -14.79 29.36
CA GLY B 947 -6.58 -13.74 29.75
C GLY B 947 -7.24 -12.41 30.05
N SER B 948 -8.38 -12.13 29.41
CA SER B 948 -9.10 -10.88 29.66
C SER B 948 -9.62 -10.82 31.10
N GLU B 949 -10.06 -11.96 31.65
CA GLU B 949 -10.45 -12.00 33.06
C GLU B 949 -9.27 -11.68 33.97
N LEU B 950 -8.10 -12.26 33.70
CA LEU B 950 -6.93 -12.02 34.52
C LEU B 950 -6.34 -10.63 34.27
N ARG B 951 -6.45 -10.12 33.04
CA ARG B 951 -5.93 -8.80 32.73
C ARG B 951 -6.65 -7.71 33.51
N GLY B 952 -7.99 -7.74 33.50
CA GLY B 952 -8.74 -6.74 34.21
C GLY B 952 -8.59 -6.84 35.72
N MET B 953 -8.46 -8.06 36.22
CA MET B 953 -8.25 -8.26 37.65
C MET B 953 -6.94 -7.64 38.13
N VAL B 954 -5.86 -7.84 37.38
CA VAL B 954 -4.57 -7.31 37.80
C VAL B 954 -4.44 -5.83 37.46
N SER B 955 -5.11 -5.38 36.38
CA SER B 955 -5.07 -3.97 36.04
C SER B 955 -5.62 -3.11 37.17
N SER B 956 -6.70 -3.56 37.82
CA SER B 956 -7.32 -2.77 38.88
C SER B 956 -6.38 -2.59 40.07
N VAL B 957 -5.61 -3.62 40.41
CA VAL B 957 -4.63 -3.51 41.48
C VAL B 957 -3.49 -2.59 41.07
N TYR B 958 -3.08 -2.65 39.80
CA TYR B 958 -2.00 -1.79 39.32
C TYR B 958 -2.41 -0.33 39.33
N GLU B 959 -3.66 -0.04 38.94
CA GLU B 959 -4.17 1.33 39.01
C GLU B 959 -4.18 1.86 40.44
N THR B 960 -4.54 1.01 41.40
CA THR B 960 -4.61 1.45 42.79
C THR B 960 -3.22 1.64 43.38
N VAL B 961 -2.28 0.76 43.05
CA VAL B 961 -0.92 0.87 43.59
C VAL B 961 -0.22 2.10 43.05
N THR B 962 -0.33 2.34 41.75
CA THR B 962 0.30 3.49 41.13
C THR B 962 -0.52 4.76 41.26
N ASN B 963 -1.69 4.68 41.88
CA ASN B 963 -2.61 5.81 42.02
C ASN B 963 -2.95 6.41 40.65
N SER B 964 -3.29 5.53 39.73
CA SER B 964 -3.59 5.93 38.37
C SER B 964 -5.01 6.48 38.30
N CYS B 965 -5.52 6.69 37.09
CA CYS B 965 -6.87 7.14 36.91
C CYS B 965 -7.86 5.98 37.06
N PHE B 966 -9.14 6.32 37.10
CA PHE B 966 -10.22 5.33 37.03
C PHE B 966 -10.38 4.97 35.56
N ARG B 967 -9.69 3.92 35.13
CA ARG B 967 -9.62 3.61 33.70
C ARG B 967 -11.00 3.35 33.12
N ILE B 968 -11.84 2.60 33.83
CA ILE B 968 -13.22 2.38 33.44
C ILE B 968 -14.10 3.13 34.44
N PHE B 969 -14.86 4.10 33.93
CA PHE B 969 -15.74 4.92 34.75
C PHE B 969 -16.81 5.50 33.85
N ASP B 970 -18.07 5.34 34.26
CA ASP B 970 -19.20 5.89 33.49
C ASP B 970 -19.35 7.35 33.87
N GLU B 971 -18.70 8.23 33.10
CA GLU B 971 -18.63 9.63 33.44
C GLU B 971 -19.95 10.35 33.20
N THR B 972 -20.65 10.00 32.12
CA THR B 972 -21.85 10.73 31.73
C THR B 972 -23.08 10.30 32.50
N LYS B 973 -22.94 9.40 33.47
CA LYS B 973 -24.04 9.01 34.32
C LYS B 973 -24.51 10.18 35.18
N ARG B 974 -25.83 10.35 35.27
CA ARG B 974 -26.43 11.42 36.06
C ARG B 974 -27.23 10.79 37.20
N LEU B 975 -26.89 11.12 38.43
CA LEU B 975 -27.54 10.53 39.57
C LEU B 975 -28.89 11.20 39.84
N SER B 976 -29.71 10.53 40.65
CA SER B 976 -31.01 11.06 41.03
C SER B 976 -31.44 10.41 42.34
N TRP B 977 -31.80 11.23 43.30
CA TRP B 977 -32.31 10.79 44.60
C TRP B 977 -33.81 11.06 44.66
N ARG B 978 -34.41 10.78 45.81
CA ARG B 978 -35.83 11.00 46.01
C ARG B 978 -36.05 11.98 47.15
N MET B 979 -37.00 12.88 46.96
CA MET B 979 -37.37 13.83 48.01
C MET B 979 -38.07 13.11 49.16
N ASP B 980 -37.85 13.62 50.36
CA ASP B 980 -38.46 13.08 51.57
C ASP B 980 -39.49 14.06 52.11
N ALA B 981 -40.60 13.52 52.64
CA ALA B 981 -41.67 14.34 53.19
C ALA B 981 -41.37 14.70 54.65
N ASP B 982 -40.20 15.29 54.85
CA ASP B 982 -39.73 15.63 56.19
C ASP B 982 -38.65 16.71 56.13
N LEU B 987 -39.11 20.86 49.44
CA LEU B 987 -40.52 20.55 49.21
C LEU B 987 -41.35 21.81 49.26
N GLN B 988 -41.04 22.69 50.22
CA GLN B 988 -41.71 23.98 50.31
C GLN B 988 -41.35 24.86 49.11
N ASP B 989 -40.11 24.78 48.64
CA ASP B 989 -39.66 25.62 47.52
C ASP B 989 -40.24 25.17 46.17
N PHE B 990 -40.92 24.03 46.11
CA PHE B 990 -41.55 23.59 44.88
C PHE B 990 -42.93 24.22 44.75
N LEU B 991 -43.15 24.92 43.64
CA LEU B 991 -44.40 25.64 43.41
C LEU B 991 -45.10 25.08 42.18
N PRO B 992 -46.42 24.95 42.23
CA PRO B 992 -47.15 24.42 41.06
C PRO B 992 -47.14 25.42 39.91
N GLY B 993 -47.26 24.87 38.71
CA GLY B 993 -47.27 25.71 37.52
C GLY B 993 -47.64 24.92 36.29
N ARG B 994 -47.77 25.65 35.19
CA ARG B 994 -48.05 25.07 33.88
C ARG B 994 -47.14 25.71 32.85
N VAL B 995 -46.55 24.89 31.98
CA VAL B 995 -45.70 25.41 30.93
C VAL B 995 -46.56 26.13 29.89
N THR B 996 -45.97 27.12 29.24
CA THR B 996 -46.68 27.93 28.25
C THR B 996 -46.90 27.13 26.98
N ALA B 997 -47.64 27.74 26.03
CA ALA B 997 -47.93 27.06 24.77
C ALA B 997 -46.66 26.82 23.96
N ASP B 998 -45.76 27.80 23.91
CA ASP B 998 -44.53 27.64 23.13
C ASP B 998 -43.66 26.53 23.71
N GLY B 999 -43.57 26.44 25.03
CA GLY B 999 -42.79 25.41 25.68
C GLY B 999 -41.46 25.86 26.26
N LYS B 1000 -41.29 27.15 26.56
CA LYS B 1000 -40.07 27.64 27.16
C LYS B 1000 -40.29 28.51 28.39
N HIS B 1001 -41.53 28.64 28.85
CA HIS B 1001 -41.83 29.40 30.05
C HIS B 1001 -42.87 28.64 30.87
N ILE B 1002 -42.88 28.90 32.18
CA ILE B 1002 -43.82 28.27 33.09
C ILE B 1002 -44.67 29.34 33.75
N GLN B 1003 -45.98 29.16 33.70
CA GLN B 1003 -46.94 30.05 34.34
C GLN B 1003 -47.23 29.52 35.74
N LYS B 1004 -46.91 30.32 36.76
CA LYS B 1004 -47.09 29.89 38.13
C LYS B 1004 -48.56 29.98 38.55
N PHE B 1005 -49.02 28.97 39.27
CA PHE B 1005 -50.36 28.97 39.83
C PHE B 1005 -50.36 29.61 41.21
N SER B 1006 -51.35 30.47 41.45
CA SER B 1006 -51.42 31.19 42.72
C SER B 1006 -51.71 30.25 43.89
N GLU B 1007 -52.64 29.32 43.71
CA GLU B 1007 -53.01 28.42 44.79
C GLU B 1007 -53.51 27.10 44.21
N THR B 1008 -53.49 26.06 45.02
CA THR B 1008 -53.91 24.72 44.63
C THR B 1008 -54.81 24.12 45.70
N ALA B 1009 -55.49 23.04 45.33
CA ALA B 1009 -56.41 22.36 46.23
C ALA B 1009 -56.42 20.88 45.93
N ARG B 1010 -56.93 20.10 46.89
CA ARG B 1010 -57.05 18.66 46.75
C ARG B 1010 -58.48 18.30 46.35
N VAL B 1011 -58.61 17.57 45.25
CA VAL B 1011 -59.91 17.14 44.73
C VAL B 1011 -59.92 15.62 44.73
N PRO B 1012 -60.91 14.98 45.33
CA PRO B 1012 -60.93 13.52 45.39
C PRO B 1012 -61.45 12.88 44.11
N PHE B 1013 -60.94 11.69 43.82
CA PHE B 1013 -61.39 10.92 42.68
C PHE B 1013 -61.48 9.42 42.98
N TYR B 1014 -61.28 9.01 44.23
CA TYR B 1014 -61.21 7.59 44.57
C TYR B 1014 -62.02 7.21 45.80
N ASP B 1015 -62.52 8.17 46.56
CA ASP B 1015 -63.41 7.88 47.68
C ASP B 1015 -64.84 7.74 47.21
N LYS B 1016 -65.65 7.06 48.02
CA LYS B 1016 -67.06 6.83 47.71
C LYS B 1016 -67.94 7.92 48.31
N THR B 1017 -67.61 9.18 48.01
CA THR B 1017 -68.38 10.31 48.51
C THR B 1017 -68.99 11.16 47.42
N GLN B 1018 -68.31 11.31 46.28
CA GLN B 1018 -68.82 12.09 45.16
C GLN B 1018 -68.60 11.31 43.87
N LYS B 1019 -68.99 11.92 42.76
CA LYS B 1019 -68.95 11.29 41.44
C LYS B 1019 -68.33 12.23 40.41
N HIS B 1020 -67.19 12.82 40.77
CA HIS B 1020 -66.49 13.71 39.85
C HIS B 1020 -65.93 12.97 38.64
N PHE B 1021 -65.79 11.65 38.72
CA PHE B 1021 -65.19 10.90 37.62
C PHE B 1021 -66.11 10.86 36.40
N ASP B 1022 -67.39 10.55 36.60
CA ASP B 1022 -68.30 10.37 35.48
C ASP B 1022 -68.72 11.69 34.86
N ILE B 1023 -68.92 12.73 35.68
CA ILE B 1023 -69.39 14.00 35.15
C ILE B 1023 -68.34 14.66 34.26
N LEU B 1024 -67.07 14.56 34.64
CA LEU B 1024 -66.01 15.17 33.87
C LEU B 1024 -65.76 14.39 32.58
N ASP B 1025 -65.21 15.08 31.58
CA ASP B 1025 -65.01 14.50 30.27
C ASP B 1025 -63.61 13.92 30.13
N GLU B 1026 -63.47 12.98 29.20
CA GLU B 1026 -62.17 12.37 28.92
C GLU B 1026 -61.18 13.40 28.40
N GLN B 1027 -61.63 14.29 27.52
CA GLN B 1027 -60.72 15.32 27.00
C GLN B 1027 -60.28 16.30 28.08
N GLU B 1028 -61.07 16.43 29.15
CA GLU B 1028 -60.72 17.32 30.25
C GLU B 1028 -59.58 16.79 31.10
N ILE B 1029 -59.22 15.51 30.95
CA ILE B 1029 -58.14 14.94 31.74
C ILE B 1029 -56.82 15.59 31.36
N ALA B 1030 -55.91 15.70 32.33
CA ALA B 1030 -54.59 16.30 32.21
C ALA B 1030 -54.65 17.80 31.96
N GLY B 1031 -55.79 18.43 32.20
CA GLY B 1031 -55.89 19.87 32.08
C GLY B 1031 -55.94 20.41 30.67
N GLU B 1032 -56.32 19.58 29.69
CA GLU B 1032 -56.47 20.08 28.33
C GLU B 1032 -57.59 21.12 28.24
N LYS B 1033 -58.63 20.98 29.07
CA LYS B 1033 -59.73 21.91 29.14
C LYS B 1033 -59.87 22.45 30.55
N PRO B 1034 -59.80 23.76 30.75
CA PRO B 1034 -59.96 24.31 32.10
C PRO B 1034 -61.35 24.01 32.65
N VAL B 1035 -61.41 23.81 33.96
CA VAL B 1035 -62.63 23.40 34.64
C VAL B 1035 -62.87 24.31 35.84
N ARG B 1036 -64.12 24.70 36.05
CA ARG B 1036 -64.51 25.53 37.18
C ARG B 1036 -65.08 24.63 38.27
N MET B 1037 -64.51 24.73 39.48
CA MET B 1037 -64.95 23.93 40.62
C MET B 1037 -65.00 24.80 41.86
N TRP B 1038 -65.75 24.34 42.85
CA TRP B 1038 -65.90 25.06 44.11
C TRP B 1038 -64.79 24.66 45.06
N VAL B 1039 -64.08 25.66 45.59
CA VAL B 1039 -62.97 25.44 46.51
C VAL B 1039 -63.25 26.19 47.81
N LYS B 1040 -63.02 25.52 48.93
CA LYS B 1040 -63.20 26.11 50.24
C LYS B 1040 -61.86 26.19 50.96
N ARG B 1041 -61.57 27.36 51.51
CA ARG B 1041 -60.32 27.61 52.21
C ARG B 1041 -60.61 28.05 53.63
N PHE B 1042 -59.59 27.91 54.49
CA PHE B 1042 -59.73 28.31 55.89
C PHE B 1042 -58.48 29.01 56.38
N ARG B 1125 -58.05 25.20 58.77
CA ARG B 1125 -57.06 24.44 57.99
C ARG B 1125 -57.71 23.22 57.35
N TYR B 1126 -58.40 23.43 56.23
CA TYR B 1126 -59.05 22.35 55.47
C TYR B 1126 -59.06 22.75 54.00
N GLN B 1127 -58.07 22.27 53.25
CA GLN B 1127 -57.97 22.57 51.83
C GLN B 1127 -58.64 21.46 51.03
N LYS B 1128 -59.58 21.84 50.16
CA LYS B 1128 -60.33 20.85 49.39
C LYS B 1128 -60.93 21.53 48.17
N ALA B 1129 -61.27 20.70 47.18
CA ALA B 1129 -61.94 21.16 45.97
C ALA B 1129 -63.04 20.19 45.60
N PHE B 1130 -64.23 20.72 45.29
CA PHE B 1130 -65.37 19.91 44.92
C PHE B 1130 -66.12 20.58 43.78
N GLN B 1131 -66.33 19.84 42.69
CA GLN B 1131 -67.16 20.35 41.61
C GLN B 1131 -68.64 20.38 42.03
N GLU B 1132 -69.06 19.40 42.82
CA GLU B 1132 -70.41 19.34 43.36
C GLU B 1132 -70.39 19.73 44.83
N ILE B 1133 -71.32 20.57 45.23
CA ILE B 1133 -71.38 21.04 46.62
C ILE B 1133 -71.69 19.87 47.54
N PRO B 1134 -70.88 19.62 48.56
CA PRO B 1134 -71.17 18.51 49.47
C PRO B 1134 -72.46 18.73 50.24
N GLU B 1135 -73.13 17.62 50.55
CA GLU B 1135 -74.42 17.70 51.24
C GLU B 1135 -74.26 18.28 52.64
N ASN B 1136 -73.22 17.86 53.36
CA ASN B 1136 -73.05 18.28 54.75
C ASN B 1136 -72.44 19.67 54.89
N ASP B 1137 -71.84 20.20 53.83
CA ASP B 1137 -71.22 21.53 53.87
C ASP B 1137 -71.68 22.34 52.67
N PRO B 1138 -72.88 22.93 52.74
CA PRO B 1138 -73.41 23.71 51.62
C PRO B 1138 -73.06 25.20 51.63
N ASP B 1139 -72.15 25.64 52.48
CA ASP B 1139 -71.82 27.05 52.61
C ASP B 1139 -70.32 27.26 52.58
N GLY B 1140 -69.91 28.41 52.04
CA GLY B 1140 -68.51 28.79 52.04
C GLY B 1140 -67.69 28.31 50.87
N TRP B 1141 -68.33 27.91 49.76
CA TRP B 1141 -67.63 27.39 48.60
C TRP B 1141 -67.54 28.45 47.51
N GLU B 1142 -66.34 28.64 46.98
CA GLU B 1142 -66.07 29.63 45.96
C GLU B 1142 -65.69 28.93 44.66
N CYS B 1143 -66.32 29.35 43.56
CA CYS B 1143 -66.05 28.75 42.26
C CYS B 1143 -64.93 29.51 41.57
N LYS B 1144 -63.85 28.80 41.22
CA LYS B 1144 -62.70 29.39 40.58
C LYS B 1144 -62.29 28.56 39.37
N GLU B 1145 -61.80 29.23 38.34
CA GLU B 1145 -61.32 28.55 37.15
C GLU B 1145 -59.97 27.90 37.43
N GLY B 1146 -59.71 26.78 36.77
CA GLY B 1146 -58.44 26.11 36.94
C GLY B 1146 -58.37 24.82 36.16
N TYR B 1147 -57.28 24.09 36.38
CA TYR B 1147 -57.00 22.84 35.70
C TYR B 1147 -56.85 21.71 36.72
N LEU B 1148 -57.03 20.49 36.24
CA LEU B 1148 -56.95 19.29 37.06
C LEU B 1148 -55.64 18.57 36.78
N HIS B 1149 -54.87 18.29 37.83
CA HIS B 1149 -53.62 17.55 37.71
C HIS B 1149 -53.95 16.09 37.95
N VAL B 1150 -54.26 15.38 36.87
CA VAL B 1150 -54.77 14.01 36.93
C VAL B 1150 -53.66 13.06 36.49
N VAL B 1151 -53.32 12.11 37.36
CA VAL B 1151 -52.29 11.14 37.06
C VAL B 1151 -52.82 9.73 37.28
N GLY B 1152 -53.36 9.46 38.47
CA GLY B 1152 -53.92 8.17 38.78
C GLY B 1152 -53.56 7.68 40.17
N PRO B 1153 -53.90 6.43 40.47
CA PRO B 1153 -53.58 5.88 41.80
C PRO B 1153 -52.11 5.49 41.92
N SER B 1154 -51.23 6.47 41.78
CA SER B 1154 -49.80 6.20 41.67
C SER B 1154 -49.16 5.81 42.99
N LYS B 1155 -49.70 6.28 44.11
CA LYS B 1155 -49.17 5.94 45.42
C LYS B 1155 -49.54 4.52 45.82
N VAL B 1156 -48.69 3.55 45.46
CA VAL B 1156 -48.98 2.14 45.69
C VAL B 1156 -47.74 1.47 46.26
N GLU B 1157 -47.92 0.69 47.31
CA GLU B 1157 -46.88 -0.16 47.88
C GLU B 1157 -47.23 -1.62 47.62
N PHE B 1158 -46.33 -2.34 46.98
CA PHE B 1158 -46.53 -3.75 46.65
C PHE B 1158 -45.51 -4.59 47.40
N SER B 1159 -45.96 -5.75 47.88
CA SER B 1159 -45.12 -6.63 48.67
C SER B 1159 -45.39 -8.09 48.30
N ASP B 1160 -44.40 -8.94 48.53
CA ASP B 1160 -44.59 -10.37 48.31
C ASP B 1160 -45.40 -10.99 49.44
N LYS B 1161 -45.14 -10.58 50.68
CA LYS B 1161 -45.84 -11.11 51.85
C LYS B 1161 -46.99 -10.19 52.24
N LYS B 1162 -47.93 -10.76 52.99
CA LYS B 1162 -49.10 -10.01 53.43
C LYS B 1162 -48.70 -9.00 54.49
N GLY B 1163 -48.99 -7.73 54.25
CA GLY B 1163 -48.63 -6.69 55.20
C GLY B 1163 -49.60 -6.60 56.36
N ASP B 1164 -49.20 -5.83 57.37
CA ASP B 1164 -50.02 -5.67 58.57
C ASP B 1164 -51.34 -4.99 58.24
N VAL B 1165 -51.32 -3.98 57.36
CA VAL B 1165 -52.56 -3.32 56.95
C VAL B 1165 -53.46 -4.29 56.21
N ILE B 1166 -52.89 -5.08 55.30
CA ILE B 1166 -53.67 -6.06 54.57
C ILE B 1166 -54.20 -7.15 55.51
N ASN B 1167 -53.39 -7.52 56.51
CA ASN B 1167 -53.83 -8.54 57.46
C ASN B 1167 -55.02 -8.07 58.29
N ASN B 1168 -55.17 -6.77 58.49
CA ASN B 1168 -56.30 -6.22 59.22
C ASN B 1168 -57.51 -5.95 58.34
N PHE B 1169 -57.43 -6.24 57.04
CA PHE B 1169 -58.54 -5.98 56.15
C PHE B 1169 -59.70 -6.92 56.45
N GLN B 1170 -60.91 -6.39 56.43
CA GLN B 1170 -62.12 -7.14 56.73
C GLN B 1170 -62.72 -7.67 55.44
N GLY B 1171 -62.81 -8.99 55.32
CA GLY B 1171 -63.39 -9.61 54.15
C GLY B 1171 -62.37 -10.25 53.24
N THR B 1172 -62.60 -10.16 51.93
CA THR B 1172 -61.73 -10.75 50.93
C THR B 1172 -61.15 -9.65 50.05
N LEU B 1173 -59.93 -9.89 49.56
CA LEU B 1173 -59.23 -8.91 48.74
C LEU B 1173 -59.78 -8.92 47.32
N PRO B 1174 -60.26 -7.81 46.80
CA PRO B 1174 -60.78 -7.79 45.43
C PRO B 1174 -59.67 -7.99 44.41
N SER B 1175 -60.07 -8.45 43.23
CA SER B 1175 -59.13 -8.62 42.14
C SER B 1175 -58.69 -7.26 41.60
N VAL B 1176 -57.55 -7.27 40.91
CA VAL B 1176 -56.97 -6.02 40.40
C VAL B 1176 -57.83 -5.48 39.27
N PRO B 1177 -58.39 -4.28 39.42
CA PRO B 1177 -59.20 -3.72 38.34
C PRO B 1177 -58.36 -3.36 37.12
N ASN B 1178 -58.97 -3.50 35.95
CA ASN B 1178 -58.28 -3.20 34.71
C ASN B 1178 -58.18 -1.70 34.45
N ASP B 1179 -59.11 -0.92 34.97
CA ASP B 1179 -59.16 0.53 34.73
C ASP B 1179 -58.77 1.27 36.00
N TRP B 1180 -57.82 2.20 35.87
CA TRP B 1180 -57.41 3.00 37.02
C TRP B 1180 -58.49 3.99 37.42
N LYS B 1181 -59.30 4.45 36.47
CA LYS B 1181 -60.37 5.38 36.78
C LYS B 1181 -61.46 4.72 37.63
N THR B 1182 -61.59 3.40 37.56
CA THR B 1182 -62.60 2.67 38.30
C THR B 1182 -62.15 2.25 39.68
N ILE B 1183 -60.92 2.58 40.08
CA ILE B 1183 -60.43 2.20 41.40
C ILE B 1183 -61.07 3.09 42.45
N ARG B 1184 -61.68 2.46 43.46
CA ARG B 1184 -62.38 3.17 44.51
C ARG B 1184 -61.82 2.78 45.88
N THR B 1185 -62.11 3.62 46.87
CA THR B 1185 -61.69 3.34 48.23
C THR B 1185 -62.37 2.09 48.75
N ASN B 1186 -61.59 1.22 49.40
CA ASN B 1186 -62.08 -0.04 49.92
C ASN B 1186 -61.92 -0.21 51.42
N ASP B 1187 -61.06 0.58 52.07
CA ASP B 1187 -60.82 0.44 53.49
C ASP B 1187 -60.22 1.75 53.99
N PHE B 1188 -60.01 1.82 55.31
CA PHE B 1188 -59.38 2.96 55.95
C PHE B 1188 -58.21 2.49 56.79
N LYS B 1189 -57.08 3.18 56.67
CA LYS B 1189 -55.92 2.84 57.48
C LYS B 1189 -56.20 3.07 58.96
N ASN B 1190 -56.87 4.17 59.30
CA ASN B 1190 -57.26 4.49 60.66
C ASN B 1190 -58.79 4.46 60.71
N ARG B 1191 -59.35 3.29 61.00
CA ARG B 1191 -60.80 3.13 61.04
C ARG B 1191 -61.43 3.90 62.19
N LYS B 1192 -60.65 4.31 63.18
CA LYS B 1192 -61.19 5.06 64.31
C LYS B 1192 -61.68 6.44 63.87
N ARG B 1193 -60.85 7.17 63.13
CA ARG B 1193 -61.15 8.53 62.73
C ARG B 1193 -61.73 8.64 61.33
N LYS B 1194 -61.97 7.51 60.64
CA LYS B 1194 -62.53 7.50 59.29
C LYS B 1194 -61.68 8.34 58.34
N ASN B 1195 -60.36 8.24 58.49
CA ASN B 1195 -59.42 8.98 57.65
C ASN B 1195 -58.38 8.01 57.10
N GLU B 1196 -57.47 8.54 56.26
CA GLU B 1196 -56.41 7.78 55.61
C GLU B 1196 -56.97 6.58 54.85
N PRO B 1197 -57.72 6.81 53.77
CA PRO B 1197 -58.29 5.68 53.02
C PRO B 1197 -57.20 4.80 52.42
N VAL B 1198 -57.51 3.51 52.33
CA VAL B 1198 -56.61 2.53 51.76
C VAL B 1198 -57.41 1.57 50.89
N PHE B 1199 -56.89 1.24 49.71
CA PHE B 1199 -57.50 0.30 48.79
C PHE B 1199 -56.66 -0.97 48.77
N CYS B 1200 -56.97 -1.89 49.68
CA CYS B 1200 -56.31 -3.18 49.70
C CYS B 1200 -56.71 -3.99 48.47
N CYS B 1201 -55.78 -4.75 47.93
CA CYS B 1201 -56.03 -5.52 46.72
C CYS B 1201 -55.02 -6.65 46.63
N GLU B 1202 -55.30 -7.61 45.75
CA GLU B 1202 -54.41 -8.72 45.51
C GLU B 1202 -54.52 -9.15 44.06
N ASP B 1203 -53.42 -9.70 43.54
CA ASP B 1203 -53.33 -10.17 42.17
C ASP B 1203 -53.28 -11.70 42.17
N ASP B 1204 -53.11 -12.28 40.98
CA ASP B 1204 -53.02 -13.73 40.86
C ASP B 1204 -51.81 -14.26 41.60
N LYS B 1205 -50.67 -13.59 41.46
CA LYS B 1205 -49.45 -14.01 42.13
C LYS B 1205 -49.48 -13.58 43.60
N GLY B 1206 -48.42 -13.91 44.32
CA GLY B 1206 -48.31 -13.52 45.72
C GLY B 1206 -47.92 -12.07 45.90
N ASN B 1207 -48.80 -11.15 45.49
CA ASN B 1207 -48.56 -9.73 45.62
C ASN B 1207 -49.76 -9.05 46.27
N TYR B 1208 -49.48 -8.15 47.20
CA TYR B 1208 -50.50 -7.37 47.89
C TYR B 1208 -50.24 -5.89 47.63
N TYR B 1209 -51.29 -5.17 47.22
CA TYR B 1209 -51.17 -3.76 46.87
C TYR B 1209 -51.89 -2.92 47.92
N THR B 1210 -51.17 -1.97 48.50
CA THR B 1210 -51.74 -1.02 49.45
C THR B 1210 -51.55 0.39 48.92
N MET B 1211 -52.66 1.12 48.80
CA MET B 1211 -52.66 2.49 48.31
C MET B 1211 -53.02 3.44 49.44
N ALA B 1212 -52.29 4.55 49.54
CA ALA B 1212 -52.55 5.57 50.54
C ALA B 1212 -52.94 6.91 49.91
N LYS B 1213 -53.41 6.90 48.66
CA LYS B 1213 -53.84 8.11 47.97
C LYS B 1213 -55.30 8.00 47.61
N TYR B 1214 -56.08 9.04 47.93
CA TYR B 1214 -57.48 9.07 47.55
C TYR B 1214 -57.92 10.42 46.99
N CYS B 1215 -57.03 11.40 46.91
CA CYS B 1215 -57.35 12.72 46.36
C CYS B 1215 -56.28 13.14 45.37
N GLU B 1216 -56.72 13.74 44.26
CA GLU B 1216 -55.79 14.34 43.31
C GLU B 1216 -55.56 15.79 43.68
N THR B 1217 -54.92 16.54 42.79
CA THR B 1217 -54.64 17.95 43.00
C THR B 1217 -55.34 18.77 41.92
N PHE B 1218 -55.95 19.88 42.32
CA PHE B 1218 -56.64 20.78 41.42
C PHE B 1218 -55.88 22.10 41.38
N PHE B 1219 -55.37 22.46 40.21
CA PHE B 1219 -54.71 23.74 40.03
C PHE B 1219 -55.73 24.80 39.65
N PHE B 1220 -55.61 25.97 40.27
CA PHE B 1220 -56.50 27.08 39.95
C PHE B 1220 -55.75 28.39 40.17
N ASP B 1221 -56.41 29.48 39.78
CA ASP B 1221 -55.84 30.83 39.87
C ASP B 1221 -54.54 30.93 39.08
N LEU B 1222 -54.62 30.56 37.81
CA LEU B 1222 -53.47 30.64 36.93
C LEU B 1222 -53.07 32.10 36.73
N LYS B 1223 -51.76 32.37 36.81
CA LYS B 1223 -51.23 33.71 36.71
C LYS B 1223 -50.47 33.85 35.39
N GLU B 1224 -50.84 34.85 34.59
CA GLU B 1224 -50.17 35.16 33.34
C GLU B 1224 -49.25 36.36 33.47
N ASN B 1225 -49.03 36.88 34.67
CA ASN B 1225 -48.16 38.04 34.88
C ASN B 1225 -46.75 37.65 35.31
N GLU B 1226 -46.61 36.56 36.06
CA GLU B 1226 -45.32 36.09 36.54
C GLU B 1226 -44.98 34.76 35.88
N GLU B 1227 -43.93 34.75 35.07
CA GLU B 1227 -43.47 33.55 34.40
C GLU B 1227 -41.96 33.43 34.57
N TYR B 1228 -41.47 32.20 34.48
CA TYR B 1228 -40.05 31.89 34.66
C TYR B 1228 -39.55 31.09 33.46
N GLU B 1229 -38.28 31.30 33.12
CA GLU B 1229 -37.70 30.69 31.93
C GLU B 1229 -37.16 29.29 32.24
N ILE B 1230 -37.26 28.41 31.26
CA ILE B 1230 -36.77 27.04 31.37
C ILE B 1230 -35.45 26.96 30.61
N PRO B 1231 -34.32 26.87 31.29
CA PRO B 1231 -33.05 26.66 30.59
C PRO B 1231 -32.90 25.23 30.10
N GLU B 1232 -31.94 25.03 29.20
CA GLU B 1232 -31.71 23.70 28.66
C GLU B 1232 -31.26 22.72 29.74
N LYS B 1233 -30.67 23.23 30.82
CA LYS B 1233 -30.26 22.37 31.92
C LYS B 1233 -31.47 21.69 32.57
N ALA B 1234 -32.53 22.46 32.84
CA ALA B 1234 -33.70 21.91 33.52
C ALA B 1234 -34.44 20.92 32.64
N ARG B 1235 -34.43 21.14 31.33
CA ARG B 1235 -35.07 20.19 30.41
C ARG B 1235 -34.32 18.88 30.37
N ILE B 1236 -32.98 18.92 30.39
CA ILE B 1236 -32.19 17.71 30.40
C ILE B 1236 -32.42 16.93 31.70
N LYS B 1237 -32.49 17.63 32.83
CA LYS B 1237 -32.77 16.97 34.09
C LYS B 1237 -34.14 16.31 34.07
N TYR B 1238 -35.13 16.97 33.47
CA TYR B 1238 -36.48 16.40 33.42
C TYR B 1238 -36.52 15.20 32.48
N LYS B 1239 -35.79 15.26 31.36
CA LYS B 1239 -35.76 14.11 30.45
C LYS B 1239 -35.05 12.93 31.09
N GLU B 1240 -34.02 13.20 31.91
CA GLU B 1240 -33.42 12.13 32.70
C GLU B 1240 -34.42 11.55 33.70
N LEU B 1241 -35.25 12.41 34.29
CA LEU B 1241 -36.25 11.94 35.23
C LEU B 1241 -37.27 11.03 34.56
N LEU B 1242 -37.62 11.33 33.31
CA LEU B 1242 -38.61 10.52 32.60
C LEU B 1242 -38.12 9.09 32.39
N ARG B 1243 -36.87 8.93 31.94
CA ARG B 1243 -36.37 7.57 31.69
C ARG B 1243 -36.13 6.80 32.98
N VAL B 1244 -35.95 7.49 34.11
CA VAL B 1244 -35.85 6.79 35.38
C VAL B 1244 -37.20 6.20 35.78
N TYR B 1245 -38.28 6.96 35.57
CA TYR B 1245 -39.61 6.43 35.85
C TYR B 1245 -39.94 5.25 34.94
N ASN B 1246 -39.64 5.36 33.65
CA ASN B 1246 -40.00 4.30 32.72
C ASN B 1246 -39.19 3.04 32.96
N ASN B 1247 -37.88 3.18 33.15
CA ASN B 1247 -37.01 2.02 33.33
C ASN B 1247 -36.78 1.77 34.81
N ASN B 1248 -37.85 1.34 35.47
CA ASN B 1248 -37.81 1.02 36.90
C ASN B 1248 -37.95 -0.48 37.08
N PRO B 1249 -36.88 -1.21 37.41
CA PRO B 1249 -37.01 -2.65 37.65
C PRO B 1249 -37.91 -3.02 38.82
N GLN B 1250 -38.15 -2.10 39.76
CA GLN B 1250 -39.03 -2.35 40.89
C GLN B 1250 -40.43 -1.78 40.68
N ALA B 1251 -40.76 -1.38 39.46
CA ALA B 1251 -42.08 -0.83 39.19
C ALA B 1251 -43.16 -1.89 39.40
N VAL B 1252 -44.33 -1.44 39.83
CA VAL B 1252 -45.44 -2.36 40.09
C VAL B 1252 -45.85 -3.03 38.78
N PRO B 1253 -46.20 -4.32 38.79
CA PRO B 1253 -46.61 -4.97 37.54
C PRO B 1253 -47.83 -4.35 36.91
N GLU B 1254 -48.72 -3.75 37.69
CA GLU B 1254 -49.97 -3.21 37.18
C GLU B 1254 -49.76 -1.76 36.72
N SER B 1255 -50.00 -1.50 35.44
CA SER B 1255 -49.81 -0.17 34.89
C SER B 1255 -50.81 0.84 35.44
N VAL B 1256 -51.93 0.37 35.98
CA VAL B 1256 -52.90 1.29 36.59
C VAL B 1256 -52.33 1.91 37.86
N PHE B 1257 -51.57 1.14 38.62
CA PHE B 1257 -50.93 1.65 39.84
C PHE B 1257 -49.72 2.51 39.57
N GLN B 1258 -49.21 2.52 38.34
CA GLN B 1258 -48.09 3.39 38.00
C GLN B 1258 -48.58 4.82 37.78
N SER B 1259 -47.63 5.76 37.83
CA SER B 1259 -47.95 7.15 37.59
C SER B 1259 -48.24 7.38 36.12
N ARG B 1260 -48.75 8.58 35.81
CA ARG B 1260 -49.02 8.94 34.42
C ARG B 1260 -47.73 8.95 33.61
N VAL B 1261 -46.63 9.42 34.21
CA VAL B 1261 -45.34 9.43 33.53
C VAL B 1261 -44.91 8.02 33.17
N ALA B 1262 -45.08 7.08 34.10
CA ALA B 1262 -44.67 5.70 33.83
C ALA B 1262 -45.68 4.98 32.94
N ARG B 1263 -46.98 5.24 33.12
CA ARG B 1263 -47.99 4.49 32.38
C ARG B 1263 -47.99 4.86 30.90
N GLU B 1264 -48.00 6.15 30.58
CA GLU B 1264 -48.05 6.60 29.20
C GLU B 1264 -46.68 6.68 28.55
N ASN B 1265 -45.61 6.40 29.29
CA ASN B 1265 -44.24 6.42 28.78
C ASN B 1265 -43.90 7.78 28.17
N VAL B 1266 -43.95 8.80 29.03
CA VAL B 1266 -43.63 10.16 28.60
C VAL B 1266 -42.12 10.26 28.36
N GLU B 1267 -41.74 10.82 27.23
CA GLU B 1267 -40.35 10.98 26.86
C GLU B 1267 -39.93 12.42 26.60
N LYS B 1268 -40.86 13.37 26.68
CA LYS B 1268 -40.52 14.77 26.52
C LYS B 1268 -41.58 15.62 27.19
N LEU B 1269 -41.20 16.87 27.49
CA LEU B 1269 -42.10 17.83 28.12
C LEU B 1269 -42.76 18.68 27.04
N LYS B 1270 -44.09 18.64 27.00
CA LYS B 1270 -44.87 19.34 25.97
C LYS B 1270 -45.67 20.47 26.60
N SER B 1271 -46.33 21.24 25.72
CA SER B 1271 -47.16 22.35 26.17
C SER B 1271 -48.39 21.85 26.89
N GLY B 1272 -48.89 22.65 27.83
CA GLY B 1272 -50.08 22.32 28.57
C GLY B 1272 -49.89 21.32 29.68
N ASP B 1273 -48.65 21.01 30.04
CA ASP B 1273 -48.39 20.03 31.10
C ASP B 1273 -48.36 20.70 32.46
N LEU B 1274 -48.98 20.05 33.44
CA LEU B 1274 -49.03 20.55 34.82
C LEU B 1274 -47.92 19.88 35.62
N VAL B 1275 -47.03 20.68 36.19
CA VAL B 1275 -45.88 20.20 36.93
C VAL B 1275 -45.68 21.06 38.17
N TYR B 1276 -44.73 20.64 39.01
CA TYR B 1276 -44.28 21.42 40.15
C TYR B 1276 -42.84 21.84 39.90
N PHE B 1277 -42.57 23.14 39.96
CA PHE B 1277 -41.27 23.67 39.58
C PHE B 1277 -40.69 24.49 40.72
N LYS B 1278 -39.36 24.49 40.80
CA LYS B 1278 -38.61 25.32 41.75
C LYS B 1278 -37.84 26.36 40.97
N HIS B 1279 -38.02 27.63 41.32
CA HIS B 1279 -37.39 28.74 40.61
C HIS B 1279 -36.64 29.64 41.58
N ASN B 1280 -35.61 30.29 41.07
CA ASN B 1280 -34.89 31.33 41.78
C ASN B 1280 -34.78 32.55 40.89
N GLU B 1281 -35.24 33.70 41.40
CA GLU B 1281 -35.21 34.96 40.65
C GLU B 1281 -35.94 34.74 39.33
N LYS B 1282 -35.31 34.96 38.18
CA LYS B 1282 -35.99 34.84 36.90
C LYS B 1282 -36.09 33.39 36.43
N TYR B 1283 -35.09 32.57 36.72
CA TYR B 1283 -34.98 31.25 36.12
C TYR B 1283 -35.55 30.15 37.01
N VAL B 1284 -35.88 29.03 36.37
CA VAL B 1284 -36.37 27.84 37.06
C VAL B 1284 -35.19 26.92 37.31
N GLU B 1285 -35.32 26.05 38.31
CA GLU B 1285 -34.26 25.13 38.69
C GLU B 1285 -34.63 23.67 38.48
N ASP B 1286 -35.73 23.20 39.07
CA ASP B 1286 -36.09 21.79 39.03
C ASP B 1286 -37.57 21.63 38.71
N ILE B 1287 -37.90 20.50 38.08
CA ILE B 1287 -39.26 20.19 37.65
C ILE B 1287 -39.59 18.77 38.08
N VAL B 1288 -40.75 18.59 38.70
CA VAL B 1288 -41.22 17.25 39.09
C VAL B 1288 -42.65 17.05 38.62
N PRO B 1289 -43.05 15.83 38.24
CA PRO B 1289 -44.42 15.62 37.77
C PRO B 1289 -45.43 15.52 38.90
N VAL B 1290 -45.01 15.00 40.05
CA VAL B 1290 -45.90 14.80 41.18
C VAL B 1290 -45.37 15.58 42.38
N ARG B 1291 -46.11 15.55 43.49
CA ARG B 1291 -45.72 16.34 44.66
C ARG B 1291 -44.41 15.84 45.25
N ILE B 1292 -44.30 14.53 45.49
CA ILE B 1292 -43.08 13.92 45.96
C ILE B 1292 -42.55 13.05 44.84
N SER B 1293 -41.36 13.38 44.35
CA SER B 1293 -40.80 12.75 43.16
C SER B 1293 -39.29 12.66 43.34
N ARG B 1294 -38.56 12.48 42.24
CA ARG B 1294 -37.12 12.31 42.28
C ARG B 1294 -36.40 13.62 42.01
N THR B 1295 -35.26 13.80 42.66
CA THR B 1295 -34.40 14.96 42.44
C THR B 1295 -33.23 14.53 41.55
N VAL B 1296 -33.30 14.90 40.27
CA VAL B 1296 -32.24 14.56 39.34
C VAL B 1296 -31.07 15.51 39.54
N ASP B 1297 -29.87 14.95 39.60
CA ASP B 1297 -28.67 15.75 39.81
C ASP B 1297 -28.41 16.64 38.61
N ASP B 1298 -27.96 17.87 38.87
CA ASP B 1298 -27.66 18.83 37.82
C ASP B 1298 -26.28 18.63 37.21
N ARG B 1299 -25.50 17.69 37.72
CA ARG B 1299 -24.20 17.35 37.16
C ARG B 1299 -24.15 15.89 36.77
N MET B 1300 -23.32 15.59 35.79
CA MET B 1300 -22.90 14.21 35.55
C MET B 1300 -22.00 13.76 36.70
N ILE B 1301 -21.95 12.45 36.92
CA ILE B 1301 -21.15 11.92 38.02
C ILE B 1301 -19.66 12.13 37.77
N GLY B 1302 -19.26 12.44 36.53
CA GLY B 1302 -17.88 12.76 36.25
C GLY B 1302 -17.40 14.01 36.97
N LYS B 1303 -18.30 14.98 37.16
CA LYS B 1303 -17.96 16.19 37.90
C LYS B 1303 -17.91 15.97 39.41
N ARG B 1304 -18.34 14.82 39.90
CA ARG B 1304 -18.33 14.53 41.32
C ARG B 1304 -17.06 13.82 41.77
N MET B 1305 -16.07 13.74 40.89
CA MET B 1305 -14.74 13.25 41.25
C MET B 1305 -13.71 14.23 40.74
N SER B 1306 -12.48 14.10 41.24
CA SER B 1306 -11.40 14.97 40.80
C SER B 1306 -11.17 14.80 39.31
N ALA B 1307 -10.85 15.92 38.64
CA ALA B 1307 -10.57 15.87 37.21
C ALA B 1307 -9.32 15.05 36.91
N ASP B 1308 -8.39 14.96 37.87
CA ASP B 1308 -7.22 14.13 37.68
C ASP B 1308 -7.56 12.64 37.80
N LEU B 1309 -8.59 12.30 38.56
CA LEU B 1309 -8.99 10.91 38.72
C LEU B 1309 -9.85 10.40 37.58
N ARG B 1310 -10.38 11.27 36.75
CA ARG B 1310 -11.17 10.83 35.60
C ARG B 1310 -10.25 10.13 34.60
N PRO B 1311 -10.82 9.28 33.75
CA PRO B 1311 -9.98 8.58 32.75
C PRO B 1311 -9.17 9.56 31.92
N CYS B 1312 -7.92 9.19 31.64
CA CYS B 1312 -7.03 10.03 30.86
C CYS B 1312 -7.63 10.35 29.50
N HIS B 1313 -8.15 9.35 28.82
CA HIS B 1313 -8.97 9.53 27.64
C HIS B 1313 -10.38 9.11 28.02
N GLY B 1314 -11.30 10.06 28.04
CA GLY B 1314 -12.65 9.77 28.49
C GLY B 1314 -13.72 10.47 27.69
N ASP B 1315 -14.82 10.82 28.36
CA ASP B 1315 -15.97 11.46 27.73
C ASP B 1315 -16.09 12.91 28.16
N TRP B 1316 -17.00 13.62 27.48
CA TRP B 1316 -17.22 15.05 27.69
C TRP B 1316 -18.35 15.26 28.68
N VAL B 1317 -18.02 15.84 29.83
CA VAL B 1317 -18.99 16.10 30.88
C VAL B 1317 -19.31 17.58 31.03
N GLU B 1318 -18.87 18.42 30.10
CA GLU B 1318 -19.13 19.85 30.19
C GLU B 1318 -20.43 20.19 29.47
N ASP B 1319 -20.80 21.46 29.54
CA ASP B 1319 -21.99 21.94 28.86
C ASP B 1319 -21.73 22.09 27.36
N GLY B 1320 -22.76 21.84 26.56
CA GLY B 1320 -22.61 21.83 25.13
C GLY B 1320 -22.21 20.46 24.62
N ASP B 1321 -22.27 20.31 23.30
CA ASP B 1321 -21.97 19.04 22.66
C ASP B 1321 -20.71 19.17 21.81
N LEU B 1322 -19.80 18.20 21.96
CA LEU B 1322 -18.62 18.11 21.11
C LEU B 1322 -18.95 17.72 19.68
N SER B 1323 -20.19 17.30 19.41
CA SER B 1323 -20.56 16.91 18.05
C SER B 1323 -20.46 18.07 17.07
N ALA B 1324 -20.37 19.31 17.57
CA ALA B 1324 -20.10 20.44 16.70
C ALA B 1324 -18.75 20.29 16.02
N LEU B 1325 -17.73 19.88 16.78
CA LEU B 1325 -16.40 19.63 16.23
C LEU B 1325 -16.22 18.16 15.85
N ASN B 1326 -17.20 17.61 15.13
CA ASN B 1326 -17.18 16.19 14.84
C ASN B 1326 -16.22 15.86 13.71
N ALA B 1327 -16.08 16.77 12.75
CA ALA B 1327 -15.26 16.55 11.58
C ALA B 1327 -13.82 17.01 11.77
N TYR B 1328 -13.46 17.49 12.93
CA TYR B 1328 -12.15 18.11 13.06
C TYR B 1328 -11.25 17.30 13.99
N PRO B 1329 -9.98 17.13 13.61
CA PRO B 1329 -9.09 16.25 14.38
C PRO B 1329 -8.81 16.71 15.80
N GLU B 1330 -9.04 17.99 16.12
CA GLU B 1330 -8.75 18.48 17.45
C GLU B 1330 -9.84 18.13 18.46
N LYS B 1331 -10.93 17.51 18.02
CA LYS B 1331 -11.96 17.08 18.95
C LYS B 1331 -11.40 16.11 19.98
N ARG B 1332 -10.42 15.30 19.59
CA ARG B 1332 -9.83 14.34 20.51
C ARG B 1332 -9.04 15.02 21.62
N LEU B 1333 -8.52 16.22 21.36
CA LEU B 1333 -7.73 16.93 22.37
C LEU B 1333 -8.59 17.47 23.50
N LEU B 1334 -9.88 17.66 23.25
CA LEU B 1334 -10.83 18.05 24.30
C LEU B 1334 -11.27 16.86 25.14
N LEU B 1335 -10.86 15.65 24.78
CA LEU B 1335 -11.19 14.44 25.52
C LEU B 1335 -10.00 13.86 26.25
N ARG B 1336 -8.82 14.47 26.15
CA ARG B 1336 -7.61 13.96 26.74
C ARG B 1336 -7.10 14.93 27.80
N HIS B 1337 -6.45 14.38 28.81
CA HIS B 1337 -5.97 15.19 29.91
C HIS B 1337 -4.81 16.07 29.44
N PRO B 1338 -4.69 17.29 29.97
CA PRO B 1338 -3.60 18.18 29.55
C PRO B 1338 -2.20 17.65 29.85
N LYS B 1339 -2.05 16.74 30.80
CA LYS B 1339 -0.72 16.33 31.24
C LYS B 1339 -0.33 14.94 30.74
N GLY B 1340 -1.19 14.27 29.99
CA GLY B 1340 -0.80 13.02 29.35
C GLY B 1340 -1.51 11.79 29.85
N LEU B 1341 -0.74 10.75 30.14
CA LEU B 1341 -1.26 9.44 30.52
C LEU B 1341 -0.73 9.05 31.89
N CYS B 1342 -1.61 8.46 32.69
CA CYS B 1342 -1.26 7.94 34.00
C CYS B 1342 -0.39 6.69 33.86
N PRO B 1343 0.19 6.20 34.96
CA PRO B 1343 1.00 4.97 34.85
C PRO B 1343 0.26 3.76 34.31
N ALA B 1344 -1.05 3.64 34.58
CA ALA B 1344 -1.79 2.48 34.09
C ALA B 1344 -2.13 2.61 32.61
N CYS B 1345 -2.33 3.83 32.13
CA CYS B 1345 -2.64 4.03 30.72
C CYS B 1345 -1.40 3.92 29.83
N ARG B 1346 -0.20 3.84 30.42
CA ARG B 1346 1.02 3.54 29.69
C ARG B 1346 1.28 2.04 29.66
N LEU B 1347 1.17 1.38 30.81
CA LEU B 1347 1.46 -0.04 30.89
C LEU B 1347 0.38 -0.86 30.20
N PHE B 1348 -0.89 -0.48 30.37
CA PHE B 1348 -2.00 -1.22 29.78
C PHE B 1348 -2.55 -0.56 28.53
N GLY B 1349 -2.17 0.68 28.23
CA GLY B 1349 -2.52 1.30 26.98
C GLY B 1349 -3.90 1.95 26.95
N THR B 1350 -4.18 2.55 25.80
CA THR B 1350 -5.44 3.23 25.53
C THR B 1350 -5.89 2.88 24.13
N GLY B 1351 -7.02 3.43 23.71
CA GLY B 1351 -7.44 3.28 22.34
C GLY B 1351 -6.54 3.98 21.34
N SER B 1352 -5.61 4.80 21.81
CA SER B 1352 -4.67 5.49 20.95
C SER B 1352 -3.22 5.05 21.19
N TYR B 1353 -2.94 4.35 22.27
CA TYR B 1353 -1.61 3.86 22.57
C TYR B 1353 -1.69 2.40 22.97
N LYS B 1354 -0.90 1.56 22.31
CA LYS B 1354 -0.92 0.14 22.58
C LYS B 1354 -0.27 -0.18 23.92
N GLY B 1355 -0.83 -1.14 24.63
CA GLY B 1355 -0.25 -1.55 25.88
C GLY B 1355 1.06 -2.30 25.69
N ARG B 1356 1.81 -2.39 26.77
CA ARG B 1356 3.12 -3.04 26.76
C ARG B 1356 3.11 -4.37 27.52
N VAL B 1357 1.92 -4.92 27.81
CA VAL B 1357 1.77 -6.19 28.49
C VAL B 1357 0.75 -7.03 27.74
N ARG B 1358 0.93 -8.35 27.80
CA ARG B 1358 0.00 -9.29 27.17
C ARG B 1358 -0.28 -10.41 28.17
N PHE B 1359 -1.56 -10.64 28.46
CA PHE B 1359 -2.00 -11.67 29.39
C PHE B 1359 -2.49 -12.88 28.62
N GLY B 1360 -2.03 -14.06 29.00
CA GLY B 1360 -2.42 -15.28 28.33
C GLY B 1360 -3.47 -16.06 29.08
N PHE B 1361 -4.19 -16.91 28.34
CA PHE B 1361 -5.17 -17.80 28.94
C PHE B 1361 -4.51 -18.70 29.99
N ALA B 1362 -5.16 -18.83 31.14
CA ALA B 1362 -4.71 -19.77 32.16
C ALA B 1362 -5.30 -21.15 31.89
N SER B 1363 -4.54 -22.19 32.20
CA SER B 1363 -4.97 -23.56 31.96
C SER B 1363 -4.81 -24.37 33.24
N LEU B 1364 -5.81 -25.20 33.54
CA LEU B 1364 -5.77 -26.02 34.74
C LEU B 1364 -4.62 -27.02 34.67
N GLU B 1365 -3.92 -27.18 35.79
CA GLU B 1365 -2.73 -28.03 35.82
C GLU B 1365 -3.01 -29.47 36.20
N ASN B 1366 -4.14 -29.74 36.84
CA ASN B 1366 -4.43 -31.06 37.37
C ASN B 1366 -5.85 -31.45 36.98
N ASP B 1367 -6.31 -32.56 37.53
CA ASP B 1367 -7.72 -32.90 37.42
C ASP B 1367 -8.55 -31.92 38.23
N PRO B 1368 -9.73 -31.55 37.75
CA PRO B 1368 -10.56 -30.57 38.47
C PRO B 1368 -10.97 -31.08 39.83
N GLU B 1369 -11.00 -30.17 40.79
CA GLU B 1369 -11.63 -30.38 42.09
C GLU B 1369 -12.87 -29.49 42.11
N TRP B 1370 -14.03 -30.10 42.28
CA TRP B 1370 -15.28 -29.36 42.20
C TRP B 1370 -15.83 -29.06 43.58
N LEU B 1371 -16.64 -28.00 43.65
CA LEU B 1371 -17.28 -27.65 44.92
C LEU B 1371 -18.34 -28.67 45.29
N ILE B 1372 -19.08 -29.17 44.32
CA ILE B 1372 -20.15 -30.14 44.53
C ILE B 1372 -19.96 -31.30 43.55
N PRO B 1373 -20.10 -32.55 43.98
CA PRO B 1373 -19.92 -33.67 43.06
C PRO B 1373 -20.97 -33.68 41.96
N GLY B 1374 -20.56 -34.11 40.77
CA GLY B 1374 -21.46 -34.17 39.64
C GLY B 1374 -22.43 -35.34 39.72
N LYS B 1375 -23.46 -35.26 38.88
CA LYS B 1375 -24.51 -36.27 38.86
C LYS B 1375 -23.97 -37.63 38.40
N ASN B 1376 -23.04 -37.64 37.45
CA ASN B 1376 -22.46 -38.88 36.97
C ASN B 1376 -21.09 -39.06 37.59
N PRO B 1377 -20.90 -40.00 38.52
CA PRO B 1377 -19.58 -40.19 39.13
C PRO B 1377 -18.54 -40.77 38.16
N GLY B 1378 -18.96 -41.21 36.97
CA GLY B 1378 -18.00 -41.76 36.03
C GLY B 1378 -17.00 -40.74 35.53
N ASP B 1379 -17.47 -39.55 35.17
CA ASP B 1379 -16.59 -38.52 34.65
C ASP B 1379 -16.32 -37.48 35.72
N PRO B 1380 -15.10 -37.38 36.25
CA PRO B 1380 -14.76 -36.35 37.23
C PRO B 1380 -14.45 -34.99 36.62
N PHE B 1381 -14.79 -34.76 35.35
CA PHE B 1381 -14.50 -33.52 34.66
C PHE B 1381 -15.68 -32.58 34.60
N HIS B 1382 -16.78 -32.90 35.29
CA HIS B 1382 -17.89 -31.99 35.49
C HIS B 1382 -18.30 -32.02 36.96
N GLY B 1383 -18.71 -30.87 37.49
CA GLY B 1383 -19.06 -30.72 38.87
C GLY B 1383 -20.56 -30.54 39.09
N GLY B 1384 -20.92 -30.50 40.37
CA GLY B 1384 -22.30 -30.36 40.76
C GLY B 1384 -22.75 -28.92 40.86
N PRO B 1385 -23.98 -28.64 40.45
CA PRO B 1385 -24.47 -27.27 40.44
C PRO B 1385 -24.67 -26.71 41.83
N VAL B 1386 -24.48 -25.40 41.96
CA VAL B 1386 -24.79 -24.67 43.18
C VAL B 1386 -25.63 -23.46 42.81
N MET B 1387 -26.71 -23.23 43.55
CA MET B 1387 -27.60 -22.11 43.30
C MET B 1387 -27.17 -20.93 44.16
N LEU B 1388 -26.96 -19.79 43.52
CA LEU B 1388 -26.51 -18.58 44.20
C LEU B 1388 -27.71 -17.77 44.69
N SER B 1389 -27.41 -16.77 45.52
CA SER B 1389 -28.40 -15.79 45.92
C SER B 1389 -28.56 -14.78 44.79
N LEU B 1390 -29.24 -13.68 45.08
CA LEU B 1390 -29.48 -12.67 44.05
C LEU B 1390 -28.29 -11.73 43.95
N LEU B 1391 -27.82 -11.49 42.72
CA LEU B 1391 -26.73 -10.57 42.43
C LEU B 1391 -27.32 -9.35 41.74
N GLU B 1392 -27.47 -8.26 42.49
CA GLU B 1392 -28.13 -7.06 41.99
C GLU B 1392 -27.11 -5.97 41.71
N ARG B 1393 -27.58 -4.96 40.97
CA ARG B 1393 -26.70 -3.89 40.50
C ARG B 1393 -26.15 -3.10 41.68
N PRO B 1394 -24.93 -2.59 41.56
CA PRO B 1394 -24.41 -1.66 42.57
C PRO B 1394 -25.21 -0.37 42.57
N ARG B 1395 -25.27 0.26 43.74
CA ARG B 1395 -26.05 1.48 43.92
C ARG B 1395 -25.11 2.64 44.25
N PRO B 1396 -24.78 3.50 43.28
CA PRO B 1396 -23.95 4.67 43.60
C PRO B 1396 -24.63 5.69 44.49
N THR B 1397 -25.96 5.70 44.58
CA THR B 1397 -26.65 6.60 45.49
C THR B 1397 -26.44 6.22 46.95
N TRP B 1398 -26.02 4.99 47.23
CA TRP B 1398 -25.63 4.63 48.59
C TRP B 1398 -24.30 5.27 48.96
N SER B 1399 -23.33 5.26 48.04
CA SER B 1399 -22.03 5.86 48.34
C SER B 1399 -22.03 7.36 48.15
N ILE B 1400 -23.02 7.91 47.45
CA ILE B 1400 -23.15 9.36 47.26
C ILE B 1400 -24.54 9.72 47.77
N PRO B 1401 -24.68 9.98 49.08
CA PRO B 1401 -26.03 10.02 49.68
C PRO B 1401 -26.94 11.11 49.14
N GLY B 1402 -26.41 12.27 48.77
CA GLY B 1402 -27.23 13.38 48.35
C GLY B 1402 -26.59 14.16 47.22
N SER B 1403 -27.31 15.19 46.78
CA SER B 1403 -26.86 16.04 45.68
C SER B 1403 -25.92 17.15 46.14
N ASP B 1404 -25.66 17.25 47.44
CA ASP B 1404 -24.74 18.26 47.93
C ASP B 1404 -23.34 18.01 47.37
N ASN B 1405 -22.67 19.09 46.97
CA ASN B 1405 -21.37 18.96 46.34
C ASN B 1405 -20.29 18.42 47.28
N LYS B 1406 -20.56 18.39 48.58
CA LYS B 1406 -19.64 17.72 49.49
C LYS B 1406 -19.61 16.22 49.28
N PHE B 1407 -20.62 15.66 48.63
CA PHE B 1407 -20.67 14.22 48.37
C PHE B 1407 -19.97 13.93 47.05
N LYS B 1408 -18.86 13.21 47.13
CA LYS B 1408 -18.02 12.90 45.99
C LYS B 1408 -17.96 11.39 45.79
N VAL B 1409 -17.27 10.96 44.74
CA VAL B 1409 -17.01 9.55 44.51
C VAL B 1409 -16.05 9.08 45.60
N PRO B 1410 -16.41 8.08 46.41
CA PRO B 1410 -15.56 7.70 47.54
C PRO B 1410 -14.23 7.07 47.16
N GLY B 1411 -14.17 6.33 46.07
CA GLY B 1411 -12.92 5.70 45.68
C GLY B 1411 -13.19 4.46 44.84
N ARG B 1412 -12.23 3.53 44.90
CA ARG B 1412 -12.30 2.28 44.14
C ARG B 1412 -12.84 1.17 45.02
N LYS B 1413 -13.81 0.42 44.51
CA LYS B 1413 -14.45 -0.64 45.27
C LYS B 1413 -13.66 -1.94 45.19
N PHE B 1414 -13.42 -2.55 46.35
CA PHE B 1414 -12.81 -3.88 46.44
C PHE B 1414 -13.64 -4.74 47.37
N TYR B 1415 -13.97 -5.94 46.93
CA TYR B 1415 -14.73 -6.88 47.74
C TYR B 1415 -13.78 -7.64 48.66
N VAL B 1416 -14.18 -7.75 49.93
CA VAL B 1416 -13.34 -8.40 50.94
C VAL B 1416 -13.44 -9.92 50.81
N HIS B 1417 -12.52 -10.63 51.47
CA HIS B 1417 -12.45 -12.08 51.41
C HIS B 1417 -13.15 -12.66 52.63
N HIS B 1418 -14.05 -13.61 52.40
CA HIS B 1418 -14.79 -14.27 53.47
C HIS B 1418 -15.31 -15.59 52.93
N HIS B 1419 -15.86 -16.40 53.84
CA HIS B 1419 -16.28 -17.75 53.53
C HIS B 1419 -17.80 -17.91 53.58
N ALA B 1420 -18.53 -16.90 53.09
CA ALA B 1420 -19.98 -17.02 53.00
C ALA B 1420 -20.41 -17.97 51.90
N TRP B 1421 -19.48 -18.44 51.06
CA TRP B 1421 -19.80 -19.46 50.07
C TRP B 1421 -20.18 -20.78 50.73
N LYS B 1422 -19.77 -21.01 51.97
CA LYS B 1422 -20.16 -22.22 52.68
C LYS B 1422 -21.66 -22.24 52.96
N THR B 1423 -22.23 -21.08 53.30
CA THR B 1423 -23.67 -20.99 53.48
C THR B 1423 -24.40 -21.21 52.16
N ILE B 1424 -23.86 -20.69 51.05
CA ILE B 1424 -24.45 -20.91 49.74
C ILE B 1424 -24.42 -22.39 49.39
N LYS B 1425 -23.30 -23.06 49.68
CA LYS B 1425 -23.17 -24.48 49.37
C LYS B 1425 -24.22 -25.31 50.09
N ASP B 1426 -24.55 -24.93 51.33
CA ASP B 1426 -25.62 -25.57 52.07
C ASP B 1426 -27.01 -25.19 51.55
N GLY B 1427 -27.11 -24.23 50.65
CA GLY B 1427 -28.39 -23.84 50.08
C GLY B 1427 -29.11 -22.75 50.83
N ASN B 1428 -28.42 -21.99 51.67
CA ASN B 1428 -29.05 -20.96 52.50
C ASN B 1428 -28.60 -19.58 52.05
N HIS B 1429 -29.45 -18.58 52.35
CA HIS B 1429 -29.10 -17.19 52.06
C HIS B 1429 -28.03 -16.71 53.04
N PRO B 1430 -27.09 -15.87 52.57
CA PRO B 1430 -26.03 -15.39 53.47
C PRO B 1430 -26.54 -14.45 54.56
N THR B 1431 -27.41 -13.51 54.20
CA THR B 1431 -27.90 -12.54 55.17
C THR B 1431 -28.83 -13.19 56.19
N THR B 1432 -29.80 -13.97 55.71
CA THR B 1432 -30.87 -14.48 56.57
C THR B 1432 -30.63 -15.89 57.08
N GLY B 1433 -29.88 -16.70 56.36
CA GLY B 1433 -29.77 -18.11 56.70
C GLY B 1433 -30.93 -18.95 56.21
N LYS B 1434 -31.86 -18.37 55.47
CA LYS B 1434 -33.02 -19.08 54.96
C LYS B 1434 -32.68 -19.70 53.60
N ALA B 1435 -33.33 -20.82 53.31
CA ALA B 1435 -33.02 -21.57 52.10
C ALA B 1435 -33.26 -20.74 50.85
N ILE B 1436 -32.27 -20.75 49.95
CA ILE B 1436 -32.41 -20.07 48.67
C ILE B 1436 -33.46 -20.78 47.84
N GLU B 1437 -34.37 -20.01 47.26
CA GLU B 1437 -35.42 -20.54 46.40
C GLU B 1437 -35.13 -20.20 44.96
N GLN B 1438 -35.32 -21.17 44.07
CA GLN B 1438 -35.04 -20.96 42.66
C GLN B 1438 -35.98 -19.92 42.09
N SER B 1439 -35.41 -18.95 41.36
CA SER B 1439 -36.14 -17.82 40.81
C SER B 1439 -35.58 -17.52 39.43
N PRO B 1440 -36.38 -16.90 38.55
CA PRO B 1440 -35.84 -16.45 37.26
C PRO B 1440 -34.80 -15.35 37.37
N ASN B 1441 -34.43 -14.95 38.58
CA ASN B 1441 -33.50 -13.85 38.82
C ASN B 1441 -32.10 -14.34 39.21
N ASN B 1442 -32.01 -15.30 40.14
CA ASN B 1442 -30.73 -15.85 40.53
C ASN B 1442 -30.28 -16.91 39.54
N ARG B 1443 -29.07 -17.43 39.75
CA ARG B 1443 -28.40 -18.28 38.78
C ARG B 1443 -27.76 -19.49 39.45
N THR B 1444 -27.56 -20.52 38.64
CA THR B 1444 -26.91 -21.76 39.05
C THR B 1444 -25.57 -21.87 38.33
N VAL B 1445 -24.51 -22.23 39.05
CA VAL B 1445 -23.17 -22.22 38.49
C VAL B 1445 -22.45 -23.52 38.84
N GLU B 1446 -21.48 -23.86 38.00
CA GLU B 1446 -20.54 -24.94 38.24
C GLU B 1446 -19.25 -24.31 38.73
N ALA B 1447 -18.96 -24.47 40.02
CA ALA B 1447 -17.85 -23.78 40.66
C ALA B 1447 -16.74 -24.78 40.97
N LEU B 1448 -15.51 -24.40 40.66
CA LEU B 1448 -14.36 -25.15 41.12
C LEU B 1448 -14.16 -24.91 42.61
N ALA B 1449 -13.62 -25.90 43.30
CA ALA B 1449 -13.33 -25.76 44.71
C ALA B 1449 -12.00 -25.01 44.91
N GLY B 1450 -11.70 -24.71 46.17
CA GLY B 1450 -10.38 -24.20 46.49
C GLY B 1450 -9.32 -25.28 46.34
N GLY B 1451 -8.12 -24.86 45.93
CA GLY B 1451 -7.03 -25.78 45.72
C GLY B 1451 -6.80 -26.22 44.29
N ASN B 1452 -7.27 -25.45 43.31
CA ASN B 1452 -7.06 -25.75 41.90
C ASN B 1452 -6.05 -24.76 41.32
N SER B 1453 -5.05 -25.30 40.63
CA SER B 1453 -3.94 -24.49 40.12
C SER B 1453 -4.07 -24.28 38.62
N PHE B 1454 -3.65 -23.10 38.16
CA PHE B 1454 -3.66 -22.73 36.76
C PHE B 1454 -2.28 -22.24 36.37
N SER B 1455 -2.00 -22.25 35.07
CA SER B 1455 -0.75 -21.74 34.53
C SER B 1455 -1.05 -20.75 33.42
N PHE B 1456 -0.39 -19.60 33.47
CA PHE B 1456 -0.50 -18.59 32.43
C PHE B 1456 0.80 -17.81 32.37
N GLU B 1457 1.05 -17.19 31.23
CA GLU B 1457 2.23 -16.37 31.05
C GLU B 1457 1.83 -14.94 30.68
N ILE B 1458 2.63 -13.99 31.15
CA ILE B 1458 2.47 -12.58 30.81
C ILE B 1458 3.68 -12.15 30.00
N ALA B 1459 3.43 -11.56 28.83
CA ALA B 1459 4.48 -11.05 27.97
C ALA B 1459 4.54 -9.53 28.12
N PHE B 1460 5.74 -8.99 28.29
CA PHE B 1460 5.94 -7.56 28.42
C PHE B 1460 7.02 -7.08 27.46
N GLU B 1461 6.96 -5.79 27.14
CA GLU B 1461 7.88 -5.19 26.19
C GLU B 1461 8.14 -3.73 26.56
N ASN B 1462 9.41 -3.34 26.58
CA ASN B 1462 9.84 -1.95 26.79
C ASN B 1462 9.34 -1.39 28.12
N LEU B 1463 9.64 -2.11 29.18
CA LEU B 1463 9.22 -1.74 30.53
C LEU B 1463 10.40 -1.17 31.30
N LYS B 1464 10.11 -0.15 32.11
CA LYS B 1464 11.11 0.33 33.05
C LYS B 1464 11.25 -0.66 34.20
N GLU B 1465 12.36 -0.56 34.92
CA GLU B 1465 12.58 -1.47 36.04
C GLU B 1465 11.60 -1.20 37.18
N TRP B 1466 11.04 0.01 37.26
CA TRP B 1466 9.98 0.26 38.23
C TRP B 1466 8.62 -0.21 37.72
N GLU B 1467 8.41 -0.18 36.40
CA GLU B 1467 7.16 -0.68 35.85
C GLU B 1467 7.05 -2.19 36.02
N LEU B 1468 8.14 -2.92 35.77
CA LEU B 1468 8.13 -4.36 35.96
C LEU B 1468 8.05 -4.73 37.43
N GLY B 1469 8.70 -3.95 38.30
CA GLY B 1469 8.69 -4.25 39.71
C GLY B 1469 7.32 -4.11 40.35
N LEU B 1470 6.57 -3.08 39.93
CA LEU B 1470 5.23 -2.90 40.45
C LEU B 1470 4.25 -3.88 39.83
N LEU B 1471 4.46 -4.25 38.56
CA LEU B 1471 3.63 -5.28 37.94
C LEU B 1471 3.76 -6.62 38.65
N ILE B 1472 4.99 -7.00 38.98
CA ILE B 1472 5.20 -8.23 39.76
C ILE B 1472 4.57 -8.08 41.14
N HIS B 1473 4.72 -6.89 41.74
CA HIS B 1473 4.07 -6.62 43.02
C HIS B 1473 2.55 -6.68 42.89
N SER B 1474 1.99 -6.13 41.82
CA SER B 1474 0.55 -6.21 41.60
C SER B 1474 0.10 -7.65 41.38
N LEU B 1475 0.98 -8.51 40.87
CA LEU B 1475 0.65 -9.90 40.65
C LEU B 1475 0.78 -10.72 41.94
N GLN B 1476 1.99 -10.80 42.47
CA GLN B 1476 2.23 -11.69 43.60
C GLN B 1476 1.66 -11.15 44.91
N LEU B 1477 1.48 -9.84 45.02
CA LEU B 1477 0.99 -9.17 46.24
C LEU B 1477 1.90 -9.62 47.38
N GLU B 1478 1.36 -10.11 48.50
CA GLU B 1478 2.17 -10.57 49.61
C GLU B 1478 1.49 -11.77 50.26
N LYS B 1479 2.24 -12.50 51.06
CA LYS B 1479 1.68 -13.60 51.84
C LYS B 1479 0.63 -13.06 52.81
N GLY B 1480 -0.59 -13.58 52.70
CA GLY B 1480 -1.72 -13.06 53.44
C GLY B 1480 -2.63 -12.17 52.63
N LEU B 1481 -2.31 -11.90 51.37
CA LEU B 1481 -3.12 -11.13 50.47
C LEU B 1481 -3.57 -11.99 49.30
N ALA B 1482 -4.65 -11.60 48.64
CA ALA B 1482 -5.17 -12.37 47.53
C ALA B 1482 -5.97 -11.46 46.61
N HIS B 1483 -6.19 -11.95 45.40
CA HIS B 1483 -7.04 -11.28 44.42
C HIS B 1483 -8.48 -11.78 44.54
N LYS B 1484 -9.37 -11.10 43.83
CA LYS B 1484 -10.76 -11.51 43.72
C LYS B 1484 -11.09 -11.64 42.24
N LEU B 1485 -11.53 -12.82 41.83
CA LEU B 1485 -11.72 -13.15 40.43
C LEU B 1485 -13.10 -13.76 40.24
N GLY B 1486 -13.75 -13.41 39.15
CA GLY B 1486 -14.96 -14.09 38.74
C GLY B 1486 -16.20 -13.65 39.47
N MET B 1487 -17.22 -14.49 39.32
CA MET B 1487 -18.59 -14.18 39.73
C MET B 1487 -18.76 -14.28 41.23
N ALA B 1488 -19.72 -13.51 41.74
CA ALA B 1488 -20.19 -13.59 43.13
C ALA B 1488 -19.06 -13.33 44.12
N LYS B 1489 -18.27 -12.29 43.85
CA LYS B 1489 -17.25 -11.87 44.82
C LYS B 1489 -17.86 -11.37 46.11
N SER B 1490 -19.13 -10.96 46.10
CA SER B 1490 -19.81 -10.55 47.32
C SER B 1490 -20.06 -11.71 48.26
N MET B 1491 -20.27 -12.91 47.72
CA MET B 1491 -20.64 -14.07 48.50
C MET B 1491 -19.45 -14.88 48.99
N GLY B 1492 -18.23 -14.43 48.74
CA GLY B 1492 -17.05 -15.15 49.15
C GLY B 1492 -16.41 -16.00 48.08
N PHE B 1493 -16.83 -15.86 46.83
CA PHE B 1493 -16.25 -16.61 45.72
C PHE B 1493 -15.17 -15.78 45.05
N GLY B 1494 -13.99 -16.36 44.86
CA GLY B 1494 -13.01 -15.76 43.99
C GLY B 1494 -11.67 -15.39 44.59
N SER B 1495 -11.37 -15.84 45.79
CA SER B 1495 -10.07 -15.58 46.39
C SER B 1495 -9.00 -16.43 45.71
N VAL B 1496 -8.08 -15.78 45.01
CA VAL B 1496 -7.03 -16.45 44.26
C VAL B 1496 -5.68 -15.80 44.59
N GLU B 1497 -4.65 -16.62 44.71
CA GLU B 1497 -3.29 -16.15 44.97
C GLU B 1497 -2.43 -16.47 43.75
N ILE B 1498 -1.69 -15.47 43.28
CA ILE B 1498 -0.79 -15.62 42.14
C ILE B 1498 0.63 -15.72 42.64
N ASP B 1499 1.40 -16.65 42.08
CA ASP B 1499 2.80 -16.81 42.40
C ASP B 1499 3.61 -16.76 41.11
N VAL B 1500 4.62 -15.89 41.08
CA VAL B 1500 5.56 -15.83 39.98
C VAL B 1500 6.55 -16.96 40.11
N GLU B 1501 6.80 -17.67 39.02
CA GLU B 1501 7.72 -18.81 39.02
C GLU B 1501 8.82 -18.73 37.98
N SER B 1502 8.76 -17.79 37.03
CA SER B 1502 9.81 -17.66 36.03
C SER B 1502 9.74 -16.28 35.38
N VAL B 1503 10.88 -15.60 35.34
CA VAL B 1503 11.05 -14.38 34.55
C VAL B 1503 12.16 -14.63 33.55
N ARG B 1504 11.83 -14.53 32.26
CA ARG B 1504 12.81 -14.72 31.19
C ARG B 1504 12.88 -13.46 30.34
N LEU B 1505 14.08 -12.94 30.17
CA LEU B 1505 14.29 -11.65 29.51
C LEU B 1505 14.93 -11.86 28.14
N ARG B 1506 14.54 -11.01 27.20
CA ARG B 1506 15.16 -11.00 25.87
C ARG B 1506 16.35 -10.05 25.91
N LYS B 1507 17.57 -10.61 25.94
CA LYS B 1507 18.75 -9.76 25.81
C LYS B 1507 18.88 -9.23 24.39
N ASP B 1508 18.74 -10.10 23.40
CA ASP B 1508 18.66 -9.70 22.01
C ASP B 1508 17.98 -10.83 21.24
N TRP B 1509 18.05 -10.75 19.90
CA TRP B 1509 17.37 -11.72 19.06
C TRP B 1509 17.85 -13.14 19.31
N LYS B 1510 19.12 -13.31 19.67
CA LYS B 1510 19.70 -14.64 19.81
C LYS B 1510 19.77 -15.12 21.26
N GLN B 1511 19.81 -14.21 22.23
CA GLN B 1511 20.02 -14.59 23.62
C GLN B 1511 18.81 -14.20 24.46
N TRP B 1512 18.34 -15.16 25.25
CA TRP B 1512 17.34 -14.92 26.28
C TRP B 1512 17.93 -15.39 27.61
N ARG B 1513 17.83 -14.57 28.63
CA ARG B 1513 18.40 -14.92 29.93
C ARG B 1513 17.30 -15.11 30.97
N ASN B 1514 17.74 -15.53 32.15
CA ASN B 1514 16.84 -15.78 33.29
C ASN B 1514 16.94 -14.59 34.24
N GLY B 1515 15.80 -13.94 34.49
CA GLY B 1515 15.76 -12.74 35.31
C GLY B 1515 15.28 -12.95 36.72
N ASN B 1516 15.25 -14.20 37.19
CA ASN B 1516 14.71 -14.48 38.51
C ASN B 1516 15.53 -13.84 39.62
N SER B 1517 16.85 -13.75 39.43
CA SER B 1517 17.71 -13.17 40.45
C SER B 1517 17.54 -11.66 40.57
N GLU B 1518 17.10 -10.99 39.51
CA GLU B 1518 16.94 -9.55 39.49
C GLU B 1518 15.58 -9.09 39.97
N ILE B 1519 14.72 -10.00 40.42
CA ILE B 1519 13.40 -9.61 40.91
C ILE B 1519 13.47 -8.68 42.13
N PRO B 1520 14.30 -8.94 43.14
CA PRO B 1520 14.34 -8.01 44.29
C PRO B 1520 14.71 -6.59 43.93
N ASN B 1521 15.49 -6.39 42.87
CA ASN B 1521 15.88 -5.04 42.49
C ASN B 1521 14.75 -4.33 41.76
N TRP B 1522 13.95 -5.07 40.99
CA TRP B 1522 12.78 -4.50 40.36
C TRP B 1522 11.74 -4.07 41.38
N LEU B 1523 11.56 -4.88 42.43
CA LEU B 1523 10.65 -4.53 43.51
C LEU B 1523 11.11 -3.27 44.23
N GLY B 1524 12.41 -3.15 44.47
CA GLY B 1524 12.92 -1.99 45.17
C GLY B 1524 12.75 -0.69 44.38
N LYS B 1525 12.89 -0.78 43.06
CA LYS B 1525 12.76 0.43 42.24
C LYS B 1525 11.30 0.83 42.05
N GLY B 1526 10.38 -0.12 42.11
CA GLY B 1526 8.97 0.23 42.08
C GLY B 1526 8.54 0.98 43.31
N PHE B 1527 9.00 0.55 44.48
CA PHE B 1527 8.69 1.24 45.72
C PHE B 1527 9.33 2.62 45.77
N ALA B 1528 10.56 2.74 45.27
CA ALA B 1528 11.23 4.03 45.23
C ALA B 1528 10.55 4.99 44.26
N LYS B 1529 9.91 4.47 43.22
CA LYS B 1529 9.13 5.32 42.32
C LYS B 1529 7.88 5.85 43.00
N LEU B 1530 7.31 5.07 43.93
CA LEU B 1530 6.15 5.53 44.67
C LEU B 1530 6.54 6.54 45.76
N LYS B 1531 7.69 6.31 46.41
CA LYS B 1531 8.20 7.27 47.37
C LYS B 1531 8.54 8.61 46.70
N GLU B 1532 8.86 8.58 45.41
CA GLU B 1532 9.15 9.80 44.69
C GLU B 1532 7.87 10.59 44.39
N TRP B 1533 6.80 9.89 44.01
CA TRP B 1533 5.57 10.56 43.60
C TRP B 1533 4.77 11.09 44.78
N PHE B 1534 4.76 10.37 45.89
CA PHE B 1534 3.85 10.69 46.99
C PHE B 1534 4.56 10.85 48.32
N ARG B 1535 5.89 10.74 48.36
CA ARG B 1535 6.67 10.84 49.60
C ARG B 1535 6.16 9.78 50.56
N ASP B 1536 5.84 10.11 51.80
CA ASP B 1536 5.31 9.16 52.76
C ASP B 1536 3.78 9.07 52.72
N GLU B 1537 3.12 9.91 51.93
CA GLU B 1537 1.66 9.93 51.87
C GLU B 1537 1.17 8.75 51.04
N LEU B 1538 1.35 7.56 51.61
CA LEU B 1538 0.91 6.31 50.99
C LEU B 1538 -0.10 5.67 51.92
N ASP B 1539 -1.34 6.16 51.85
CA ASP B 1539 -2.46 5.61 52.62
C ASP B 1539 -3.41 4.81 51.74
N PHE B 1540 -3.48 5.14 50.46
CA PHE B 1540 -4.23 4.31 49.52
C PHE B 1540 -3.63 2.91 49.42
N ILE B 1541 -2.31 2.79 49.61
CA ILE B 1541 -1.66 1.49 49.59
C ILE B 1541 -2.09 0.65 50.78
N GLU B 1542 -2.08 1.25 51.97
CA GLU B 1542 -2.41 0.51 53.18
C GLU B 1542 -3.89 0.12 53.22
N ASN B 1543 -4.76 0.99 52.74
CA ASN B 1543 -6.18 0.66 52.68
C ASN B 1543 -6.44 -0.42 51.63
N LEU B 1544 -5.69 -0.40 50.52
CA LEU B 1544 -5.79 -1.47 49.55
C LEU B 1544 -5.38 -2.81 50.14
N LYS B 1545 -4.29 -2.85 50.89
CA LYS B 1545 -3.81 -4.12 51.43
C LYS B 1545 -4.74 -4.68 52.50
N LYS B 1546 -5.50 -3.82 53.17
CA LYS B 1546 -6.51 -4.31 54.10
C LYS B 1546 -7.68 -4.93 53.36
N LEU B 1547 -8.05 -4.38 52.21
CA LEU B 1547 -9.14 -4.94 51.42
C LEU B 1547 -8.70 -6.19 50.66
N LEU B 1548 -7.40 -6.39 50.47
CA LEU B 1548 -6.87 -7.60 49.87
C LEU B 1548 -6.52 -8.66 50.92
N TRP B 1549 -6.66 -8.32 52.19
CA TRP B 1549 -6.27 -9.21 53.27
C TRP B 1549 -7.10 -10.49 53.26
N PHE B 1550 -6.41 -11.62 53.41
CA PHE B 1550 -7.15 -12.88 53.43
C PHE B 1550 -7.26 -13.40 54.85
N PRO B 1551 -8.46 -13.82 55.26
CA PRO B 1551 -8.65 -14.24 56.65
C PRO B 1551 -7.76 -15.42 57.02
N GLU B 1552 -7.20 -15.35 58.22
CA GLU B 1552 -6.25 -16.35 58.71
C GLU B 1552 -7.01 -17.55 59.27
N GLY B 1553 -6.30 -18.46 59.91
CA GLY B 1553 -6.96 -19.58 60.55
C GLY B 1553 -7.79 -19.15 61.74
N ASP B 1554 -8.89 -19.89 61.96
CA ASP B 1554 -9.82 -19.63 63.06
C ASP B 1554 -10.42 -18.23 63.00
N GLN B 1555 -10.50 -17.65 61.80
CA GLN B 1555 -11.12 -16.35 61.59
C GLN B 1555 -12.17 -16.49 60.49
N ALA B 1556 -13.43 -16.31 60.85
CA ALA B 1556 -14.55 -16.48 59.92
C ALA B 1556 -15.43 -15.23 59.98
N PRO B 1557 -14.98 -14.13 59.39
CA PRO B 1557 -15.77 -12.90 59.44
C PRO B 1557 -17.12 -13.09 58.77
N ARG B 1558 -18.16 -12.54 59.40
CA ARG B 1558 -19.50 -12.57 58.85
C ARG B 1558 -19.68 -11.33 57.99
N VAL B 1559 -19.83 -11.54 56.69
CA VAL B 1559 -19.86 -10.45 55.71
C VAL B 1559 -21.10 -10.64 54.84
N CYS B 1560 -22.01 -9.68 54.88
CA CYS B 1560 -23.24 -9.75 54.11
C CYS B 1560 -23.85 -8.37 54.02
N TYR B 1561 -24.78 -8.22 53.10
CA TYR B 1561 -25.54 -6.97 53.03
C TYR B 1561 -26.72 -7.03 53.98
N PRO B 1562 -27.07 -5.93 54.63
CA PRO B 1562 -28.30 -5.90 55.43
C PRO B 1562 -29.54 -5.96 54.55
N MET B 1563 -30.65 -6.33 55.17
CA MET B 1563 -31.93 -6.33 54.48
C MET B 1563 -32.49 -4.91 54.41
N LEU B 1564 -33.60 -4.75 53.70
CA LEU B 1564 -34.24 -3.44 53.63
C LEU B 1564 -34.71 -2.98 55.01
N ARG B 1565 -35.26 -3.90 55.80
CA ARG B 1565 -35.84 -3.58 57.09
C ARG B 1565 -35.32 -4.55 58.13
N LYS B 1566 -35.28 -4.09 59.39
CA LYS B 1566 -34.85 -4.95 60.48
C LYS B 1566 -35.81 -6.13 60.68
N LYS B 1567 -37.09 -5.93 60.37
CA LYS B 1567 -38.06 -7.01 60.51
C LYS B 1567 -37.80 -8.14 59.53
N ASP B 1568 -37.22 -7.82 58.36
CA ASP B 1568 -36.95 -8.83 57.35
C ASP B 1568 -35.78 -9.74 57.71
N ASP B 1569 -34.97 -9.39 58.71
CA ASP B 1569 -33.80 -10.18 59.05
C ASP B 1569 -34.12 -11.08 60.22
N PRO B 1570 -34.16 -12.40 60.04
CA PRO B 1570 -34.41 -13.29 61.19
C PRO B 1570 -33.33 -13.24 62.24
N ASN B 1571 -32.13 -12.77 61.90
CA ASN B 1571 -31.02 -12.71 62.85
C ASN B 1571 -31.19 -11.60 63.89
N GLY B 1572 -32.08 -10.65 63.65
CA GLY B 1572 -32.25 -9.52 64.55
C GLY B 1572 -31.29 -8.37 64.32
N ASN B 1573 -30.50 -8.40 63.24
CA ASN B 1573 -29.62 -7.30 62.92
C ASN B 1573 -30.39 -6.19 62.21
N SER B 1574 -29.76 -5.01 62.15
CA SER B 1574 -30.39 -3.85 61.56
C SER B 1574 -30.51 -4.01 60.04
N GLY B 1575 -31.40 -3.20 59.47
CA GLY B 1575 -31.59 -3.13 58.04
C GLY B 1575 -31.15 -1.79 57.47
N TYR B 1576 -31.34 -1.65 56.16
CA TYR B 1576 -30.95 -0.42 55.49
C TYR B 1576 -31.79 0.76 55.96
N GLU B 1577 -33.07 0.52 56.27
CA GLU B 1577 -33.91 1.57 56.84
C GLU B 1577 -33.37 2.05 58.18
N GLU B 1578 -32.95 1.11 59.04
CA GLU B 1578 -32.48 1.47 60.36
C GLU B 1578 -31.06 2.03 60.35
N LEU B 1579 -30.25 1.65 59.35
CA LEU B 1579 -28.87 2.12 59.31
C LEU B 1579 -28.79 3.58 58.87
N LYS B 1580 -29.70 4.02 58.00
CA LYS B 1580 -29.63 5.37 57.47
C LYS B 1580 -29.88 6.42 58.55
N ASP B 1581 -30.81 6.15 59.45
CA ASP B 1581 -31.01 7.04 60.61
C ASP B 1581 -30.18 6.55 61.80
N GLY B 1582 -28.90 6.36 61.55
CA GLY B 1582 -28.00 5.78 62.54
C GLY B 1582 -26.55 6.04 62.22
N GLU B 1583 -25.71 5.00 62.36
CA GLU B 1583 -24.30 5.14 62.04
C GLU B 1583 -24.10 5.55 60.59
N PHE B 1584 -24.89 4.98 59.68
CA PHE B 1584 -24.71 5.24 58.25
C PHE B 1584 -25.65 6.35 57.78
N LYS B 1585 -25.60 7.47 58.49
CA LYS B 1585 -26.35 8.65 58.08
C LYS B 1585 -25.62 9.35 56.94
N LYS B 1586 -26.36 10.22 56.24
CA LYS B 1586 -25.79 10.89 55.07
C LYS B 1586 -24.55 11.70 55.42
N GLU B 1587 -24.49 12.25 56.63
CA GLU B 1587 -23.36 13.09 56.99
C GLU B 1587 -22.11 12.27 57.25
N ASP B 1588 -22.24 11.00 57.65
CA ASP B 1588 -21.10 10.19 58.02
C ASP B 1588 -21.04 8.86 57.29
N ARG B 1589 -21.77 8.72 56.17
CA ARG B 1589 -21.79 7.43 55.49
C ARG B 1589 -20.48 7.18 54.72
N GLN B 1590 -19.98 8.19 54.02
CA GLN B 1590 -18.82 7.99 53.15
C GLN B 1590 -17.57 7.67 53.95
N LYS B 1591 -17.44 8.22 55.16
CA LYS B 1591 -16.30 7.89 55.99
C LYS B 1591 -16.36 6.43 56.45
N LYS B 1592 -17.57 5.93 56.69
CA LYS B 1592 -17.73 4.51 56.99
C LYS B 1592 -17.33 3.64 55.80
N LEU B 1593 -17.70 4.06 54.59
CA LEU B 1593 -17.49 3.22 53.42
C LEU B 1593 -16.03 3.19 52.98
N THR B 1594 -15.28 4.24 53.24
CA THR B 1594 -13.88 4.31 52.84
C THR B 1594 -12.93 3.84 53.92
N THR B 1595 -13.44 3.36 55.05
CA THR B 1595 -12.60 2.76 56.08
C THR B 1595 -12.71 1.25 55.95
N PRO B 1596 -11.64 0.55 55.60
CA PRO B 1596 -11.73 -0.90 55.39
C PRO B 1596 -12.15 -1.63 56.66
N TRP B 1597 -13.00 -2.64 56.48
CA TRP B 1597 -13.48 -3.49 57.57
C TRP B 1597 -14.15 -2.66 58.67
N THR B 1598 -15.22 -1.96 58.26
CA THR B 1598 -16.04 -1.19 59.18
C THR B 1598 -17.33 -1.95 59.43
N PRO B 1599 -17.62 -2.37 60.65
CA PRO B 1599 -18.86 -3.12 60.90
C PRO B 1599 -20.08 -2.24 60.72
N TRP B 1600 -21.18 -2.87 60.30
CA TRP B 1600 -22.47 -2.22 60.27
C TRP B 1600 -23.45 -2.81 61.29
N ALA B 1601 -23.03 -3.83 62.03
CA ALA B 1601 -23.88 -4.42 63.06
C ALA B 1601 -23.00 -5.14 64.07
N SER B 1602 -23.45 -5.12 65.32
CA SER B 1602 -22.83 -5.88 66.39
C SER B 1602 -23.87 -6.83 66.97
N SER B 1603 -23.54 -8.11 67.02
CA SER B 1603 -24.50 -9.11 67.45
C SER B 1603 -24.03 -9.85 68.69
ZN ZN D . 15.39 -7.04 -26.84
ZN ZN E . 14.13 1.91 3.61
ZN ZN F . -5.18 6.80 32.93
ZN ZN G . 8.10 -8.33 -58.87
#